data_2CNZ
# 
_entry.id   2CNZ 
# 
_audit_conform.dict_name       mmcif_pdbx.dic 
_audit_conform.dict_version    5.391 
_audit_conform.dict_location   http://mmcif.pdb.org/dictionaries/ascii/mmcif_pdbx.dic 
# 
loop_
_database_2.database_id 
_database_2.database_code 
_database_2.pdbx_database_accession 
_database_2.pdbx_DOI 
PDB   2CNZ         pdb_00002cnz 10.2210/pdb2cnz/pdb 
PDBE  EBI-28881    ?            ?                   
WWPDB D_1290028881 ?            ?                   
# 
loop_
_pdbx_audit_revision_history.ordinal 
_pdbx_audit_revision_history.data_content_type 
_pdbx_audit_revision_history.major_revision 
_pdbx_audit_revision_history.minor_revision 
_pdbx_audit_revision_history.revision_date 
1 'Structure model' 1 0 2006-06-27 
2 'Structure model' 1 1 2011-07-13 
3 'Structure model' 1 2 2024-05-01 
# 
_pdbx_audit_revision_details.ordinal             1 
_pdbx_audit_revision_details.revision_ordinal    1 
_pdbx_audit_revision_details.data_content_type   'Structure model' 
_pdbx_audit_revision_details.provider            repository 
_pdbx_audit_revision_details.type                'Initial release' 
_pdbx_audit_revision_details.description         ? 
_pdbx_audit_revision_details.details             ? 
# 
loop_
_pdbx_audit_revision_group.ordinal 
_pdbx_audit_revision_group.revision_ordinal 
_pdbx_audit_revision_group.data_content_type 
_pdbx_audit_revision_group.group 
1 2 'Structure model' Advisory                    
2 2 'Structure model' 'Version format compliance' 
3 3 'Structure model' 'Data collection'           
4 3 'Structure model' 'Database references'       
5 3 'Structure model' Other                       
6 3 'Structure model' 'Refinement description'    
# 
loop_
_pdbx_audit_revision_category.ordinal 
_pdbx_audit_revision_category.revision_ordinal 
_pdbx_audit_revision_category.data_content_type 
_pdbx_audit_revision_category.category 
1 3 'Structure model' chem_comp_atom                
2 3 'Structure model' chem_comp_bond                
3 3 'Structure model' database_2                    
4 3 'Structure model' pdbx_database_status          
5 3 'Structure model' pdbx_initial_refinement_model 
# 
loop_
_pdbx_audit_revision_item.ordinal 
_pdbx_audit_revision_item.revision_ordinal 
_pdbx_audit_revision_item.data_content_type 
_pdbx_audit_revision_item.item 
1 3 'Structure model' '_database_2.pdbx_DOI'                 
2 3 'Structure model' '_database_2.pdbx_database_accession'  
3 3 'Structure model' '_pdbx_database_status.status_code_sf' 
# 
_pdbx_database_status.status_code                     REL 
_pdbx_database_status.entry_id                        2CNZ 
_pdbx_database_status.deposit_site                    PDBE 
_pdbx_database_status.process_site                    PDBE 
_pdbx_database_status.SG_entry                        . 
_pdbx_database_status.recvd_initial_deposition_date   2006-05-25 
_pdbx_database_status.pdb_format_compatible           Y 
_pdbx_database_status.status_code_sf                  REL 
_pdbx_database_status.status_code_mr                  ? 
_pdbx_database_status.status_code_cs                  ? 
_pdbx_database_status.methods_development_category    ? 
_pdbx_database_status.status_code_nmr_data            ? 
# 
loop_
_pdbx_database_related.db_name 
_pdbx_database_related.db_id 
_pdbx_database_related.content_type 
_pdbx_database_related.details 
PDB 2CNY unspecified 'SALMONELLA ENTERICA SAFA PILIN IN COMPLEX WITH A 19-RESIDUE SAFA NTE PEPTIDE (I15A MUTANT)' 
PDB 2CO1 unspecified 'SALMONELLA ENTERICA SAFA PILIN IN COMPLEX WITH A 19-RESIDUE SAFA NTE PEPTIDE (F17A MUTANT)' 
PDB 2CO2 unspecified 'SALMONELLA ENTERICA SAFA PILIN IN COMPLEX WITH A 19-RESIDUE SAFA NTE PEPTIDE (F3A MUTANT)'  
PDB 2CO3 unspecified 'SALMONELLA ENTERICA SAFA PILIN, HEAD-TO-TAIL SWAPPED DIMER OF NTD1 MUTANT'                  
PDB 2CO4 unspecified 'SALMONELLA ENTERICA SAFA PILIN IN COMPLEX WITH A 19-RESIDUE SAFA NTE PEPTIDE'               
PDB 2CO6 unspecified 'SALMONELLA ENTERICA SAFA PILIN IN COMPLEX WITH THE SAFB CHAPERONE (TYPE I)'                 
PDB 2CO7 unspecified 'SALMONELLA ENTERICA SAFA PILIN IN COMPLEX WITH THE SAFB CHAPERONE (TYPE II)'                
# 
loop_
_audit_author.name 
_audit_author.pdbx_ordinal 
'Remaut, H.'     1 
'Rose, R.J.'     2 
'Hannan, T.J.'   3 
'Hultgren, S.J.' 4 
'Radford, S.E.'  5 
'Ashcroft, A.E.' 6 
'Waksman, G.'    7 
# 
_citation.id                        primary 
_citation.title                     
'Donor-Strand Exchange in Chaperone-Assisted Pilus Assembly Proceeds Through a Concerted Beta-Strand Displacement Mechanism' 
_citation.journal_abbrev            Mol.Cell 
_citation.journal_volume            22 
_citation.page_first                831 
_citation.page_last                 ? 
_citation.year                      2006 
_citation.journal_id_ASTM           MOCEFL 
_citation.country                   US 
_citation.journal_id_ISSN           1097-2765 
_citation.journal_id_CSD            2168 
_citation.book_publisher            ? 
_citation.pdbx_database_id_PubMed   16793551 
_citation.pdbx_database_id_DOI      10.1016/J.MOLCEL.2006.05.033 
# 
loop_
_citation_author.citation_id 
_citation_author.name 
_citation_author.ordinal 
_citation_author.identifier_ORCID 
primary 'Remaut, H.'     1 ? 
primary 'Rose, R.J.'     2 ? 
primary 'Hannan, T.J.'   3 ? 
primary 'Hultgren, S.J.' 4 ? 
primary 'Radford, S.E.'  5 ? 
primary 'Ashcroft, A.E.' 6 ? 
primary 'Waksman, G.'    7 ? 
# 
loop_
_entity.id 
_entity.type 
_entity.src_method 
_entity.pdbx_description 
_entity.formula_weight 
_entity.pdbx_number_of_molecules 
_entity.pdbx_ec 
_entity.pdbx_mutation 
_entity.pdbx_fragment 
_entity.details 
1 polymer man 'PUTATIVE OUTER MEMBRANE PROTEIN' 13136.663 1   ? ?   'CORE PILIN DOMAIN, NTE DELETED, RESIDUES 48-170' ? 
2 polymer syn 'PUTATIVE OUTER MEMBRANE PROTEIN' 2139.299  1   ? YES 'N-TERMINAL EXTENSION, RESIDUES 27-46'            ? 
3 water   nat water                             18.015    119 ? ?   ?                                                 ? 
# 
loop_
_entity_name_com.entity_id 
_entity_name_com.name 
1 'SAFA PILUS SUBUNIT'        
2 'SAFA N-TERMINAL EXTENSION' 
# 
loop_
_entity_poly.entity_id 
_entity_poly.type 
_entity_poly.nstd_linkage 
_entity_poly.nstd_monomer 
_entity_poly.pdbx_seq_one_letter_code 
_entity_poly.pdbx_seq_one_letter_code_can 
_entity_poly.pdbx_strand_id 
_entity_poly.pdbx_target_identifier 
1 'polypeptide(L)' no no 
;GSDLTVSLIPVSGLKAGKNAPSAKIAKLVVNSTTLKEFGVRGISNNVVDSTGTAWRVAGKNTGKEIGVGLSSDSLRRSDS
TEKWNGVNWMTFNSNDTLDIVLTGPAQNVTADTYPITLDVVGYQP
;
;GSDLTVSLIPVSGLKAGKNAPSAKIAKLVVNSTTLKEFGVRGISNNVVDSTGTAWRVAGKNTGKEIGVGLSSDSLRRSDS
TEKWNGVNWMTFNSNDTLDIVLTGPAQNVTADTYPITLDVVGYQP
;
A ? 
2 'polypeptide(L)' no no GSFLPNSEQQKSADIVFSSP GSFLPNSEQQKSADIVFSSP B ? 
# 
_pdbx_entity_nonpoly.entity_id   3 
_pdbx_entity_nonpoly.name        water 
_pdbx_entity_nonpoly.comp_id     HOH 
# 
loop_
_entity_poly_seq.entity_id 
_entity_poly_seq.num 
_entity_poly_seq.mon_id 
_entity_poly_seq.hetero 
1 1   GLY n 
1 2   SER n 
1 3   ASP n 
1 4   LEU n 
1 5   THR n 
1 6   VAL n 
1 7   SER n 
1 8   LEU n 
1 9   ILE n 
1 10  PRO n 
1 11  VAL n 
1 12  SER n 
1 13  GLY n 
1 14  LEU n 
1 15  LYS n 
1 16  ALA n 
1 17  GLY n 
1 18  LYS n 
1 19  ASN n 
1 20  ALA n 
1 21  PRO n 
1 22  SER n 
1 23  ALA n 
1 24  LYS n 
1 25  ILE n 
1 26  ALA n 
1 27  LYS n 
1 28  LEU n 
1 29  VAL n 
1 30  VAL n 
1 31  ASN n 
1 32  SER n 
1 33  THR n 
1 34  THR n 
1 35  LEU n 
1 36  LYS n 
1 37  GLU n 
1 38  PHE n 
1 39  GLY n 
1 40  VAL n 
1 41  ARG n 
1 42  GLY n 
1 43  ILE n 
1 44  SER n 
1 45  ASN n 
1 46  ASN n 
1 47  VAL n 
1 48  VAL n 
1 49  ASP n 
1 50  SER n 
1 51  THR n 
1 52  GLY n 
1 53  THR n 
1 54  ALA n 
1 55  TRP n 
1 56  ARG n 
1 57  VAL n 
1 58  ALA n 
1 59  GLY n 
1 60  LYS n 
1 61  ASN n 
1 62  THR n 
1 63  GLY n 
1 64  LYS n 
1 65  GLU n 
1 66  ILE n 
1 67  GLY n 
1 68  VAL n 
1 69  GLY n 
1 70  LEU n 
1 71  SER n 
1 72  SER n 
1 73  ASP n 
1 74  SER n 
1 75  LEU n 
1 76  ARG n 
1 77  ARG n 
1 78  SER n 
1 79  ASP n 
1 80  SER n 
1 81  THR n 
1 82  GLU n 
1 83  LYS n 
1 84  TRP n 
1 85  ASN n 
1 86  GLY n 
1 87  VAL n 
1 88  ASN n 
1 89  TRP n 
1 90  MET n 
1 91  THR n 
1 92  PHE n 
1 93  ASN n 
1 94  SER n 
1 95  ASN n 
1 96  ASP n 
1 97  THR n 
1 98  LEU n 
1 99  ASP n 
1 100 ILE n 
1 101 VAL n 
1 102 LEU n 
1 103 THR n 
1 104 GLY n 
1 105 PRO n 
1 106 ALA n 
1 107 GLN n 
1 108 ASN n 
1 109 VAL n 
1 110 THR n 
1 111 ALA n 
1 112 ASP n 
1 113 THR n 
1 114 TYR n 
1 115 PRO n 
1 116 ILE n 
1 117 THR n 
1 118 LEU n 
1 119 ASP n 
1 120 VAL n 
1 121 VAL n 
1 122 GLY n 
1 123 TYR n 
1 124 GLN n 
1 125 PRO n 
2 1   GLY n 
2 2   SER n 
2 3   PHE n 
2 4   LEU n 
2 5   PRO n 
2 6   ASN n 
2 7   SER n 
2 8   GLU n 
2 9   GLN n 
2 10  GLN n 
2 11  LYS n 
2 12  SER n 
2 13  ALA n 
2 14  ASP n 
2 15  ILE n 
2 16  VAL n 
2 17  PHE n 
2 18  SER n 
2 19  SER n 
2 20  PRO n 
# 
_entity_src_gen.entity_id                          1 
_entity_src_gen.pdbx_src_id                        1 
_entity_src_gen.pdbx_alt_source_flag               sample 
_entity_src_gen.pdbx_seq_type                      ? 
_entity_src_gen.pdbx_beg_seq_num                   ? 
_entity_src_gen.pdbx_end_seq_num                   ? 
_entity_src_gen.gene_src_common_name               ? 
_entity_src_gen.gene_src_genus                     ? 
_entity_src_gen.pdbx_gene_src_gene                 ? 
_entity_src_gen.gene_src_species                   ? 
_entity_src_gen.gene_src_strain                    LT2 
_entity_src_gen.gene_src_tissue                    ? 
_entity_src_gen.gene_src_tissue_fraction           ? 
_entity_src_gen.gene_src_details                   ? 
_entity_src_gen.pdbx_gene_src_fragment             ? 
_entity_src_gen.pdbx_gene_src_scientific_name      'SALMONELLA TYPHIMURIUM' 
_entity_src_gen.pdbx_gene_src_ncbi_taxonomy_id     602 
_entity_src_gen.pdbx_gene_src_variant              ? 
_entity_src_gen.pdbx_gene_src_cell_line            ? 
_entity_src_gen.pdbx_gene_src_atcc                 ? 
_entity_src_gen.pdbx_gene_src_organ                ? 
_entity_src_gen.pdbx_gene_src_organelle            ? 
_entity_src_gen.pdbx_gene_src_cell                 ? 
_entity_src_gen.pdbx_gene_src_cellular_location    ? 
_entity_src_gen.host_org_common_name               ? 
_entity_src_gen.pdbx_host_org_scientific_name      'ESCHERICHIA COLI' 
_entity_src_gen.pdbx_host_org_ncbi_taxonomy_id     562 
_entity_src_gen.host_org_genus                     ? 
_entity_src_gen.pdbx_host_org_gene                 ? 
_entity_src_gen.pdbx_host_org_organ                ? 
_entity_src_gen.host_org_species                   ? 
_entity_src_gen.pdbx_host_org_tissue               ? 
_entity_src_gen.pdbx_host_org_tissue_fraction      ? 
_entity_src_gen.pdbx_host_org_strain               C600 
_entity_src_gen.pdbx_host_org_variant              ? 
_entity_src_gen.pdbx_host_org_cell_line            ? 
_entity_src_gen.pdbx_host_org_atcc                 ? 
_entity_src_gen.pdbx_host_org_culture_collection   ? 
_entity_src_gen.pdbx_host_org_cell                 ? 
_entity_src_gen.pdbx_host_org_organelle            ? 
_entity_src_gen.pdbx_host_org_cellular_location    ? 
_entity_src_gen.pdbx_host_org_vector_type          ? 
_entity_src_gen.pdbx_host_org_vector               ? 
_entity_src_gen.host_org_details                   ? 
_entity_src_gen.expression_system_id               ? 
_entity_src_gen.plasmid_name                       PTRC99A 
_entity_src_gen.plasmid_details                    ? 
_entity_src_gen.pdbx_description                   ? 
# 
_pdbx_entity_src_syn.entity_id              2 
_pdbx_entity_src_syn.pdbx_src_id            1 
_pdbx_entity_src_syn.pdbx_alt_source_flag   sample 
_pdbx_entity_src_syn.pdbx_beg_seq_num       ? 
_pdbx_entity_src_syn.pdbx_end_seq_num       ? 
_pdbx_entity_src_syn.organism_scientific    'SALMONELLA TYPHIMURIUM' 
_pdbx_entity_src_syn.organism_common_name   ? 
_pdbx_entity_src_syn.ncbi_taxonomy_id       602 
_pdbx_entity_src_syn.details                ? 
# 
loop_
_chem_comp.id 
_chem_comp.type 
_chem_comp.mon_nstd_flag 
_chem_comp.name 
_chem_comp.pdbx_synonyms 
_chem_comp.formula 
_chem_comp.formula_weight 
ALA 'L-peptide linking' y ALANINE         ? 'C3 H7 N O2'     89.093  
ARG 'L-peptide linking' y ARGININE        ? 'C6 H15 N4 O2 1' 175.209 
ASN 'L-peptide linking' y ASPARAGINE      ? 'C4 H8 N2 O3'    132.118 
ASP 'L-peptide linking' y 'ASPARTIC ACID' ? 'C4 H7 N O4'     133.103 
GLN 'L-peptide linking' y GLUTAMINE       ? 'C5 H10 N2 O3'   146.144 
GLU 'L-peptide linking' y 'GLUTAMIC ACID' ? 'C5 H9 N O4'     147.129 
GLY 'peptide linking'   y GLYCINE         ? 'C2 H5 N O2'     75.067  
HOH non-polymer         . WATER           ? 'H2 O'           18.015  
ILE 'L-peptide linking' y ISOLEUCINE      ? 'C6 H13 N O2'    131.173 
LEU 'L-peptide linking' y LEUCINE         ? 'C6 H13 N O2'    131.173 
LYS 'L-peptide linking' y LYSINE          ? 'C6 H15 N2 O2 1' 147.195 
MET 'L-peptide linking' y METHIONINE      ? 'C5 H11 N O2 S'  149.211 
PHE 'L-peptide linking' y PHENYLALANINE   ? 'C9 H11 N O2'    165.189 
PRO 'L-peptide linking' y PROLINE         ? 'C5 H9 N O2'     115.130 
SER 'L-peptide linking' y SERINE          ? 'C3 H7 N O3'     105.093 
THR 'L-peptide linking' y THREONINE       ? 'C4 H9 N O3'     119.119 
TRP 'L-peptide linking' y TRYPTOPHAN      ? 'C11 H12 N2 O2'  204.225 
TYR 'L-peptide linking' y TYROSINE        ? 'C9 H11 N O3'    181.189 
VAL 'L-peptide linking' y VALINE          ? 'C5 H11 N O2'    117.146 
# 
loop_
_pdbx_poly_seq_scheme.asym_id 
_pdbx_poly_seq_scheme.entity_id 
_pdbx_poly_seq_scheme.seq_id 
_pdbx_poly_seq_scheme.mon_id 
_pdbx_poly_seq_scheme.ndb_seq_num 
_pdbx_poly_seq_scheme.pdb_seq_num 
_pdbx_poly_seq_scheme.auth_seq_num 
_pdbx_poly_seq_scheme.pdb_mon_id 
_pdbx_poly_seq_scheme.auth_mon_id 
_pdbx_poly_seq_scheme.pdb_strand_id 
_pdbx_poly_seq_scheme.pdb_ins_code 
_pdbx_poly_seq_scheme.hetero 
A 1 1   GLY 1   20  ?   ?   ?   A . n 
A 1 2   SER 2   21  ?   ?   ?   A . n 
A 1 3   ASP 3   22  22  ASP ASP A . n 
A 1 4   LEU 4   23  23  LEU LEU A . n 
A 1 5   THR 5   24  24  THR THR A . n 
A 1 6   VAL 6   25  25  VAL VAL A . n 
A 1 7   SER 7   26  26  SER SER A . n 
A 1 8   LEU 8   27  27  LEU LEU A . n 
A 1 9   ILE 9   28  28  ILE ILE A . n 
A 1 10  PRO 10  29  29  PRO PRO A . n 
A 1 11  VAL 11  30  30  VAL VAL A . n 
A 1 12  SER 12  31  31  SER SER A . n 
A 1 13  GLY 13  32  32  GLY GLY A . n 
A 1 14  LEU 14  33  33  LEU LEU A . n 
A 1 15  LYS 15  34  34  LYS LYS A . n 
A 1 16  ALA 16  35  35  ALA ALA A . n 
A 1 17  GLY 17  36  36  GLY GLY A . n 
A 1 18  LYS 18  37  37  LYS LYS A . n 
A 1 19  ASN 19  38  38  ASN ASN A . n 
A 1 20  ALA 20  39  39  ALA ALA A . n 
A 1 21  PRO 21  40  40  PRO PRO A . n 
A 1 22  SER 22  41  41  SER SER A . n 
A 1 23  ALA 23  42  42  ALA ALA A . n 
A 1 24  LYS 24  43  43  LYS LYS A . n 
A 1 25  ILE 25  44  44  ILE ILE A . n 
A 1 26  ALA 26  45  45  ALA ALA A . n 
A 1 27  LYS 27  46  46  LYS LYS A . n 
A 1 28  LEU 28  47  47  LEU LEU A . n 
A 1 29  VAL 29  48  48  VAL VAL A . n 
A 1 30  VAL 30  49  49  VAL VAL A . n 
A 1 31  ASN 31  50  50  ASN ASN A . n 
A 1 32  SER 32  51  51  SER SER A . n 
A 1 33  THR 33  52  52  THR THR A . n 
A 1 34  THR 34  53  53  THR THR A . n 
A 1 35  LEU 35  54  54  LEU LEU A . n 
A 1 36  LYS 36  55  55  LYS LYS A . n 
A 1 37  GLU 37  56  56  GLU GLU A . n 
A 1 38  PHE 38  57  57  PHE PHE A . n 
A 1 39  GLY 39  58  58  GLY GLY A . n 
A 1 40  VAL 40  59  59  VAL VAL A . n 
A 1 41  ARG 41  60  60  ARG ARG A . n 
A 1 42  GLY 42  61  61  GLY GLY A . n 
A 1 43  ILE 43  62  62  ILE ILE A . n 
A 1 44  SER 44  63  63  SER SER A . n 
A 1 45  ASN 45  64  64  ASN ASN A . n 
A 1 46  ASN 46  65  65  ASN ASN A . n 
A 1 47  VAL 47  66  66  VAL VAL A . n 
A 1 48  VAL 48  67  67  VAL VAL A . n 
A 1 49  ASP 49  68  68  ASP ASP A . n 
A 1 50  SER 50  69  69  SER SER A . n 
A 1 51  THR 51  70  70  THR THR A . n 
A 1 52  GLY 52  71  71  GLY GLY A . n 
A 1 53  THR 53  72  72  THR THR A . n 
A 1 54  ALA 54  73  73  ALA ALA A . n 
A 1 55  TRP 55  74  74  TRP TRP A . n 
A 1 56  ARG 56  75  75  ARG ARG A . n 
A 1 57  VAL 57  76  76  VAL VAL A . n 
A 1 58  ALA 58  77  77  ALA ALA A . n 
A 1 59  GLY 59  78  78  GLY GLY A . n 
A 1 60  LYS 60  79  79  LYS LYS A . n 
A 1 61  ASN 61  80  80  ASN ASN A . n 
A 1 62  THR 62  81  81  THR THR A . n 
A 1 63  GLY 63  82  82  GLY GLY A . n 
A 1 64  LYS 64  83  83  LYS LYS A . n 
A 1 65  GLU 65  84  84  GLU GLU A . n 
A 1 66  ILE 66  85  85  ILE ILE A . n 
A 1 67  GLY 67  86  86  GLY GLY A . n 
A 1 68  VAL 68  87  87  VAL VAL A . n 
A 1 69  GLY 69  88  88  GLY GLY A . n 
A 1 70  LEU 70  89  89  LEU LEU A . n 
A 1 71  SER 71  90  90  SER SER A . n 
A 1 72  SER 72  91  91  SER SER A . n 
A 1 73  ASP 73  92  92  ASP ASP A . n 
A 1 74  SER 74  93  93  SER SER A . n 
A 1 75  LEU 75  94  94  LEU LEU A . n 
A 1 76  ARG 76  95  95  ARG ARG A . n 
A 1 77  ARG 77  96  96  ARG ARG A . n 
A 1 78  SER 78  97  97  SER SER A . n 
A 1 79  ASP 79  98  98  ASP ASP A . n 
A 1 80  SER 80  99  99  SER SER A . n 
A 1 81  THR 81  100 100 THR THR A . n 
A 1 82  GLU 82  101 101 GLU GLU A . n 
A 1 83  LYS 83  102 102 LYS LYS A . n 
A 1 84  TRP 84  103 103 TRP TRP A . n 
A 1 85  ASN 85  104 104 ASN ASN A . n 
A 1 86  GLY 86  105 105 GLY GLY A . n 
A 1 87  VAL 87  106 106 VAL VAL A . n 
A 1 88  ASN 88  107 107 ASN ASN A . n 
A 1 89  TRP 89  108 108 TRP TRP A . n 
A 1 90  MET 90  109 109 MET MET A . n 
A 1 91  THR 91  110 110 THR THR A . n 
A 1 92  PHE 92  111 111 PHE PHE A . n 
A 1 93  ASN 93  112 112 ASN ASN A . n 
A 1 94  SER 94  113 113 SER SER A . n 
A 1 95  ASN 95  114 114 ASN ASN A . n 
A 1 96  ASP 96  115 115 ASP ASP A . n 
A 1 97  THR 97  116 116 THR THR A . n 
A 1 98  LEU 98  117 117 LEU LEU A . n 
A 1 99  ASP 99  118 118 ASP ASP A . n 
A 1 100 ILE 100 119 119 ILE ILE A . n 
A 1 101 VAL 101 120 120 VAL VAL A . n 
A 1 102 LEU 102 121 121 LEU LEU A . n 
A 1 103 THR 103 122 122 THR THR A . n 
A 1 104 GLY 104 123 123 GLY GLY A . n 
A 1 105 PRO 105 124 124 PRO PRO A . n 
A 1 106 ALA 106 125 125 ALA ALA A . n 
A 1 107 GLN 107 126 126 GLN GLN A . n 
A 1 108 ASN 108 127 127 ASN ASN A . n 
A 1 109 VAL 109 128 128 VAL VAL A . n 
A 1 110 THR 110 129 129 THR THR A . n 
A 1 111 ALA 111 130 130 ALA ALA A . n 
A 1 112 ASP 112 131 131 ASP ASP A . n 
A 1 113 THR 113 132 132 THR THR A . n 
A 1 114 TYR 114 133 133 TYR TYR A . n 
A 1 115 PRO 115 134 134 PRO PRO A . n 
A 1 116 ILE 116 135 135 ILE ILE A . n 
A 1 117 THR 117 136 136 THR THR A . n 
A 1 118 LEU 118 137 137 LEU LEU A . n 
A 1 119 ASP 119 138 138 ASP ASP A . n 
A 1 120 VAL 120 139 139 VAL VAL A . n 
A 1 121 VAL 121 140 140 VAL VAL A . n 
A 1 122 GLY 122 141 141 GLY GLY A . n 
A 1 123 TYR 123 142 142 TYR TYR A . n 
A 1 124 GLN 124 143 143 GLN GLN A . n 
A 1 125 PRO 125 144 144 PRO PRO A . n 
B 2 1   GLY 1   1   1   GLY GLY B . n 
B 2 2   SER 2   2   2   SER SER B . n 
B 2 3   PHE 3   3   3   PHE PHE B . n 
B 2 4   LEU 4   4   4   LEU LEU B . n 
B 2 5   PRO 5   5   5   PRO PRO B . n 
B 2 6   ASN 6   6   6   ASN ASN B . n 
B 2 7   SER 7   7   7   SER SER B . n 
B 2 8   GLU 8   8   8   GLU GLU B . n 
B 2 9   GLN 9   9   9   GLN GLN B . n 
B 2 10  GLN 10  10  10  GLN GLN B . n 
B 2 11  LYS 11  11  11  LYS LYS B . n 
B 2 12  SER 12  12  12  SER SER B . n 
B 2 13  ALA 13  13  13  ALA ALA B . n 
B 2 14  ASP 14  14  14  ASP ASP B . n 
B 2 15  ILE 15  15  15  ILE ILE B . n 
B 2 16  VAL 16  16  16  VAL VAL B . n 
B 2 17  PHE 17  17  17  PHE PHE B . n 
B 2 18  SER 18  18  18  SER SER B . n 
B 2 19  SER 19  19  19  SER SER B . n 
B 2 20  PRO 20  20  20  PRO PRO B . n 
# 
loop_
_pdbx_nonpoly_scheme.asym_id 
_pdbx_nonpoly_scheme.entity_id 
_pdbx_nonpoly_scheme.mon_id 
_pdbx_nonpoly_scheme.ndb_seq_num 
_pdbx_nonpoly_scheme.pdb_seq_num 
_pdbx_nonpoly_scheme.auth_seq_num 
_pdbx_nonpoly_scheme.pdb_mon_id 
_pdbx_nonpoly_scheme.auth_mon_id 
_pdbx_nonpoly_scheme.pdb_strand_id 
_pdbx_nonpoly_scheme.pdb_ins_code 
C 3 HOH 1  2001 2001 HOH HOH A . 
C 3 HOH 2  2002 2002 HOH HOH A . 
C 3 HOH 3  2003 2003 HOH HOH A . 
C 3 HOH 4  2004 2004 HOH HOH A . 
C 3 HOH 5  2005 2005 HOH HOH A . 
C 3 HOH 6  2006 2006 HOH HOH A . 
C 3 HOH 7  2007 2007 HOH HOH A . 
C 3 HOH 8  2008 2008 HOH HOH A . 
C 3 HOH 9  2009 2009 HOH HOH A . 
C 3 HOH 10 2010 2010 HOH HOH A . 
C 3 HOH 11 2011 2011 HOH HOH A . 
C 3 HOH 12 2012 2012 HOH HOH A . 
C 3 HOH 13 2013 2013 HOH HOH A . 
C 3 HOH 14 2014 2014 HOH HOH A . 
C 3 HOH 15 2015 2015 HOH HOH A . 
C 3 HOH 16 2016 2016 HOH HOH A . 
C 3 HOH 17 2017 2017 HOH HOH A . 
C 3 HOH 18 2018 2018 HOH HOH A . 
C 3 HOH 19 2019 2019 HOH HOH A . 
C 3 HOH 20 2020 2020 HOH HOH A . 
C 3 HOH 21 2021 2021 HOH HOH A . 
C 3 HOH 22 2022 2022 HOH HOH A . 
C 3 HOH 23 2023 2023 HOH HOH A . 
C 3 HOH 24 2024 2024 HOH HOH A . 
C 3 HOH 25 2025 2025 HOH HOH A . 
C 3 HOH 26 2026 2026 HOH HOH A . 
C 3 HOH 27 2027 2027 HOH HOH A . 
C 3 HOH 28 2028 2028 HOH HOH A . 
C 3 HOH 29 2029 2029 HOH HOH A . 
C 3 HOH 30 2030 2030 HOH HOH A . 
C 3 HOH 31 2031 2031 HOH HOH A . 
C 3 HOH 32 2032 2032 HOH HOH A . 
C 3 HOH 33 2033 2033 HOH HOH A . 
C 3 HOH 34 2034 2034 HOH HOH A . 
C 3 HOH 35 2035 2035 HOH HOH A . 
C 3 HOH 36 2036 2036 HOH HOH A . 
C 3 HOH 37 2037 2037 HOH HOH A . 
C 3 HOH 38 2038 2038 HOH HOH A . 
C 3 HOH 39 2039 2039 HOH HOH A . 
C 3 HOH 40 2040 2040 HOH HOH A . 
C 3 HOH 41 2041 2041 HOH HOH A . 
C 3 HOH 42 2042 2042 HOH HOH A . 
C 3 HOH 43 2043 2043 HOH HOH A . 
C 3 HOH 44 2044 2044 HOH HOH A . 
C 3 HOH 45 2045 2045 HOH HOH A . 
C 3 HOH 46 2046 2046 HOH HOH A . 
C 3 HOH 47 2047 2047 HOH HOH A . 
C 3 HOH 48 2048 2048 HOH HOH A . 
C 3 HOH 49 2049 2049 HOH HOH A . 
C 3 HOH 50 2050 2050 HOH HOH A . 
C 3 HOH 51 2051 2051 HOH HOH A . 
C 3 HOH 52 2052 2052 HOH HOH A . 
C 3 HOH 53 2053 2053 HOH HOH A . 
C 3 HOH 54 2054 2054 HOH HOH A . 
C 3 HOH 55 2055 2055 HOH HOH A . 
C 3 HOH 56 2056 2056 HOH HOH A . 
C 3 HOH 57 2057 2057 HOH HOH A . 
C 3 HOH 58 2058 2058 HOH HOH A . 
C 3 HOH 59 2059 2059 HOH HOH A . 
C 3 HOH 60 2060 2060 HOH HOH A . 
C 3 HOH 61 2061 2061 HOH HOH A . 
C 3 HOH 62 2062 2062 HOH HOH A . 
C 3 HOH 63 2063 2063 HOH HOH A . 
C 3 HOH 64 2064 2064 HOH HOH A . 
C 3 HOH 65 2065 2065 HOH HOH A . 
C 3 HOH 66 2066 2066 HOH HOH A . 
C 3 HOH 67 2067 2067 HOH HOH A . 
C 3 HOH 68 2068 2068 HOH HOH A . 
C 3 HOH 69 2069 2069 HOH HOH A . 
C 3 HOH 70 2070 2070 HOH HOH A . 
C 3 HOH 71 2071 2071 HOH HOH A . 
C 3 HOH 72 2072 2072 HOH HOH A . 
C 3 HOH 73 2073 2073 HOH HOH A . 
C 3 HOH 74 2074 2074 HOH HOH A . 
C 3 HOH 75 2075 2075 HOH HOH A . 
C 3 HOH 76 2076 2076 HOH HOH A . 
C 3 HOH 77 2077 2077 HOH HOH A . 
C 3 HOH 78 2078 2078 HOH HOH A . 
C 3 HOH 79 2079 2079 HOH HOH A . 
C 3 HOH 80 2080 2080 HOH HOH A . 
C 3 HOH 81 2081 2081 HOH HOH A . 
C 3 HOH 82 2082 2082 HOH HOH A . 
C 3 HOH 83 2083 2083 HOH HOH A . 
C 3 HOH 84 2084 2084 HOH HOH A . 
C 3 HOH 85 2085 2085 HOH HOH A . 
C 3 HOH 86 2086 2086 HOH HOH A . 
C 3 HOH 87 2087 2087 HOH HOH A . 
C 3 HOH 88 2088 2088 HOH HOH A . 
C 3 HOH 89 2089 2089 HOH HOH A . 
C 3 HOH 90 2090 2090 HOH HOH A . 
C 3 HOH 91 2091 2091 HOH HOH A . 
C 3 HOH 92 2092 2092 HOH HOH A . 
C 3 HOH 93 2093 2093 HOH HOH A . 
C 3 HOH 94 2094 2094 HOH HOH A . 
C 3 HOH 95 2095 2095 HOH HOH A . 
C 3 HOH 96 2096 2096 HOH HOH A . 
C 3 HOH 97 2097 2097 HOH HOH A . 
C 3 HOH 98 2098 2098 HOH HOH A . 
D 3 HOH 1  2001 2001 HOH HOH B . 
D 3 HOH 2  2002 2002 HOH HOH B . 
D 3 HOH 3  2003 2003 HOH HOH B . 
D 3 HOH 4  2004 2004 HOH HOH B . 
D 3 HOH 5  2005 2005 HOH HOH B . 
D 3 HOH 6  2006 2006 HOH HOH B . 
D 3 HOH 7  2007 2007 HOH HOH B . 
D 3 HOH 8  2008 2008 HOH HOH B . 
D 3 HOH 9  2009 2009 HOH HOH B . 
D 3 HOH 10 2010 2010 HOH HOH B . 
D 3 HOH 11 2011 2011 HOH HOH B . 
D 3 HOH 12 2012 2012 HOH HOH B . 
D 3 HOH 13 2013 2013 HOH HOH B . 
D 3 HOH 14 2014 2014 HOH HOH B . 
D 3 HOH 15 2015 2015 HOH HOH B . 
D 3 HOH 16 2016 2016 HOH HOH B . 
D 3 HOH 17 2017 2017 HOH HOH B . 
D 3 HOH 18 2018 2018 HOH HOH B . 
D 3 HOH 19 2019 2019 HOH HOH B . 
D 3 HOH 20 2020 2020 HOH HOH B . 
D 3 HOH 21 2021 2021 HOH HOH B . 
# 
loop_
_pdbx_unobs_or_zero_occ_atoms.id 
_pdbx_unobs_or_zero_occ_atoms.PDB_model_num 
_pdbx_unobs_or_zero_occ_atoms.polymer_flag 
_pdbx_unobs_or_zero_occ_atoms.occupancy_flag 
_pdbx_unobs_or_zero_occ_atoms.auth_asym_id 
_pdbx_unobs_or_zero_occ_atoms.auth_comp_id 
_pdbx_unobs_or_zero_occ_atoms.auth_seq_id 
_pdbx_unobs_or_zero_occ_atoms.PDB_ins_code 
_pdbx_unobs_or_zero_occ_atoms.auth_atom_id 
_pdbx_unobs_or_zero_occ_atoms.label_alt_id 
_pdbx_unobs_or_zero_occ_atoms.label_asym_id 
_pdbx_unobs_or_zero_occ_atoms.label_comp_id 
_pdbx_unobs_or_zero_occ_atoms.label_seq_id 
_pdbx_unobs_or_zero_occ_atoms.label_atom_id 
1 1 Y 1 B PRO 20 ? CA ? B PRO 20 CA 
2 1 Y 1 B PRO 20 ? C  ? B PRO 20 C  
3 1 Y 1 B PRO 20 ? O  ? B PRO 20 O  
4 1 Y 1 B PRO 20 ? CB ? B PRO 20 CB 
5 1 Y 1 B PRO 20 ? CG ? B PRO 20 CG 
6 1 Y 1 B PRO 20 ? CD ? B PRO 20 CD 
# 
loop_
_software.name 
_software.classification 
_software.version 
_software.citation_id 
_software.pdbx_ordinal 
REFMAC refinement       5.2.0005 ? 1 
MOSFLM 'data reduction' .        ? 2 
SCALA  'data scaling'   .        ? 3 
# 
_cell.entry_id           2CNZ 
_cell.length_a           69.654 
_cell.length_b           69.654 
_cell.length_c           126.503 
_cell.angle_alpha        90.00 
_cell.angle_beta         90.00 
_cell.angle_gamma        120.00 
_cell.Z_PDB              12 
_cell.pdbx_unique_axis   ? 
# 
_symmetry.entry_id                         2CNZ 
_symmetry.space_group_name_H-M             'P 61 2 2' 
_symmetry.pdbx_full_space_group_name_H-M   ? 
_symmetry.cell_setting                     ? 
_symmetry.Int_Tables_number                178 
# 
_exptl.entry_id          2CNZ 
_exptl.method            'X-RAY DIFFRACTION' 
_exptl.crystals_number   1 
# 
_exptl_crystal.id                    1 
_exptl_crystal.density_meas          ? 
_exptl_crystal.density_Matthews      2.56 
_exptl_crystal.density_percent_sol   51.65 
_exptl_crystal.description           ? 
# 
_exptl_crystal_grow.crystal_id      1 
_exptl_crystal_grow.method          ? 
_exptl_crystal_grow.temp            ? 
_exptl_crystal_grow.temp_details    ? 
_exptl_crystal_grow.pH              4.60 
_exptl_crystal_grow.pdbx_pH_range   ? 
_exptl_crystal_grow.pdbx_details    'pH 4.60' 
# 
_diffrn.id                     1 
_diffrn.ambient_temp           100.0 
_diffrn.ambient_temp_details   ? 
_diffrn.crystal_id             1 
# 
_diffrn_detector.diffrn_id              1 
_diffrn_detector.detector               CCD 
_diffrn_detector.type                   'ADSC CCD' 
_diffrn_detector.pdbx_collection_date   ? 
_diffrn_detector.details                ? 
# 
_diffrn_radiation.diffrn_id                        1 
_diffrn_radiation.wavelength_id                    1 
_diffrn_radiation.pdbx_monochromatic_or_laue_m_l   M 
_diffrn_radiation.monochromator                    ? 
_diffrn_radiation.pdbx_diffrn_protocol             'SINGLE WAVELENGTH' 
_diffrn_radiation.pdbx_scattering_type             x-ray 
# 
_diffrn_radiation_wavelength.id           1 
_diffrn_radiation_wavelength.wavelength   0.976 
_diffrn_radiation_wavelength.wt           1.0 
# 
_diffrn_source.diffrn_id                   1 
_diffrn_source.source                      SYNCHROTRON 
_diffrn_source.type                        'ESRF BEAMLINE ID29' 
_diffrn_source.pdbx_synchrotron_site       ESRF 
_diffrn_source.pdbx_synchrotron_beamline   ID29 
_diffrn_source.pdbx_wavelength             0.976 
_diffrn_source.pdbx_wavelength_list        ? 
# 
_reflns.pdbx_diffrn_id               1 
_reflns.pdbx_ordinal                 1 
_reflns.entry_id                     2CNZ 
_reflns.observed_criterion_sigma_I   0.000 
_reflns.observed_criterion_sigma_F   ? 
_reflns.d_resolution_low             20.000 
_reflns.d_resolution_high            1.600 
_reflns.number_obs                   45514 
_reflns.number_all                   ? 
_reflns.percent_possible_obs         99.4 
_reflns.pdbx_Rmerge_I_obs            0.16000 
_reflns.pdbx_Rsym_value              ? 
_reflns.pdbx_netI_over_sigmaI        7.4000 
_reflns.B_iso_Wilson_estimate        16.10 
_reflns.pdbx_redundancy              3.600 
# 
_reflns_shell.pdbx_diffrn_id         1 
_reflns_shell.pdbx_ordinal           1 
_reflns_shell.d_res_high             1.60 
_reflns_shell.d_res_low              1.69 
_reflns_shell.percent_possible_all   100.0 
_reflns_shell.Rmerge_I_obs           0.26000 
_reflns_shell.pdbx_Rsym_value        ? 
_reflns_shell.meanI_over_sigI_obs    3.200 
_reflns_shell.pdbx_redundancy        3.60 
# 
_refine.pdbx_refine_id                           'X-RAY DIFFRACTION' 
_refine.entry_id                                 2CNZ 
_refine.pdbx_diffrn_id                           1 
_refine.pdbx_TLS_residual_ADP_flag               'LIKELY RESIDUAL' 
_refine.ls_number_reflns_obs                     16493 
_refine.ls_number_reflns_all                     ? 
_refine.pdbx_ls_sigma_I                          ? 
_refine.pdbx_ls_sigma_F                          ? 
_refine.pdbx_data_cutoff_high_absF               ? 
_refine.pdbx_data_cutoff_low_absF                ? 
_refine.pdbx_data_cutoff_high_rms_absF           ? 
_refine.ls_d_res_low                             19.90 
_refine.ls_d_res_high                            1.80 
_refine.ls_percent_reflns_obs                    99.2 
_refine.ls_R_factor_obs                          0.184 
_refine.ls_R_factor_all                          ? 
_refine.ls_R_factor_R_work                       0.183 
_refine.ls_R_factor_R_free                       0.209 
_refine.ls_R_factor_R_free_error                 ? 
_refine.ls_R_factor_R_free_error_details         ? 
_refine.ls_percent_reflns_R_free                 5.000 
_refine.ls_number_reflns_R_free                  867 
_refine.ls_number_parameters                     ? 
_refine.ls_number_restraints                     ? 
_refine.occupancy_min                            ? 
_refine.occupancy_max                            ? 
_refine.correlation_coeff_Fo_to_Fc               0.941 
_refine.correlation_coeff_Fo_to_Fc_free          0.926 
_refine.B_iso_mean                               13.97 
_refine.aniso_B[1][1]                            0.26000 
_refine.aniso_B[2][2]                            0.26000 
_refine.aniso_B[3][3]                            -0.40000 
_refine.aniso_B[1][2]                            0.13000 
_refine.aniso_B[1][3]                            0.00000 
_refine.aniso_B[2][3]                            0.00000 
_refine.solvent_model_details                    'BABINET MODEL WITH MASK' 
_refine.solvent_model_param_ksol                 ? 
_refine.solvent_model_param_bsol                 ? 
_refine.pdbx_solvent_vdw_probe_radii             1.40 
_refine.pdbx_solvent_ion_probe_radii             0.80 
_refine.pdbx_solvent_shrinkage_radii             0.80 
_refine.pdbx_ls_cross_valid_method               THROUGHOUT 
_refine.details                                  
;HYDROGENS HAVE BEEN ADDED IN THE RIDING POSITIONS. SIDE CHAIN ATOMS FOR WHICH ELECTRON DENSITY IS MISSING ABOVE 1SIGMA WERE GIVEN A 0.01 OCCUPANCY
;
_refine.pdbx_starting_model                      'SAFA ANTE WT' 
_refine.pdbx_method_to_determine_struct          'MOLECULAR REPLACEMENT' 
_refine.pdbx_isotropic_thermal_model             ? 
_refine.pdbx_stereochemistry_target_values       'MAXIMUM LIKELIHOOD' 
_refine.pdbx_stereochem_target_val_spec_case     ? 
_refine.pdbx_R_Free_selection_details            RANDOM 
_refine.pdbx_overall_ESU_R                       0.110 
_refine.pdbx_overall_ESU_R_Free                  0.105 
_refine.overall_SU_ML                            0.065 
_refine.pdbx_overall_phase_error                 ? 
_refine.overall_SU_B                             3.934 
_refine.overall_SU_R_Cruickshank_DPI             ? 
_refine.pdbx_overall_SU_R_free_Cruickshank_DPI   ? 
_refine.pdbx_overall_SU_R_Blow_DPI               ? 
_refine.pdbx_overall_SU_R_free_Blow_DPI          ? 
# 
_refine_hist.pdbx_refine_id                   'X-RAY DIFFRACTION' 
_refine_hist.cycle_id                         LAST 
_refine_hist.pdbx_number_atoms_protein        1058 
_refine_hist.pdbx_number_atoms_nucleic_acid   0 
_refine_hist.pdbx_number_atoms_ligand         0 
_refine_hist.number_atoms_solvent             119 
_refine_hist.number_atoms_total               1177 
_refine_hist.d_res_high                       1.80 
_refine_hist.d_res_low                        19.90 
# 
loop_
_refine_ls_restr.type 
_refine_ls_restr.dev_ideal 
_refine_ls_restr.dev_ideal_target 
_refine_ls_restr.weight 
_refine_ls_restr.number 
_refine_ls_restr.pdbx_refine_id 
_refine_ls_restr.pdbx_restraint_function 
r_bond_refined_d             0.009  0.022  ? 1140 'X-RAY DIFFRACTION' ? 
r_bond_other_d               ?      ?      ? ?    'X-RAY DIFFRACTION' ? 
r_angle_refined_deg          1.166  1.957  ? 1567 'X-RAY DIFFRACTION' ? 
r_angle_other_deg            ?      ?      ? ?    'X-RAY DIFFRACTION' ? 
r_dihedral_angle_1_deg       5.741  5.000  ? 160  'X-RAY DIFFRACTION' ? 
r_dihedral_angle_2_deg       36.925 25.952 ? 42   'X-RAY DIFFRACTION' ? 
r_dihedral_angle_3_deg       11.070 15.000 ? 191  'X-RAY DIFFRACTION' ? 
r_dihedral_angle_4_deg       9.882  15.000 ? 4    'X-RAY DIFFRACTION' ? 
r_chiral_restr               0.080  0.200  ? 187  'X-RAY DIFFRACTION' ? 
r_gen_planes_refined         0.004  0.020  ? 866  'X-RAY DIFFRACTION' ? 
r_gen_planes_other           ?      ?      ? ?    'X-RAY DIFFRACTION' ? 
r_nbd_refined                0.200  0.200  ? 426  'X-RAY DIFFRACTION' ? 
r_nbd_other                  ?      ?      ? ?    'X-RAY DIFFRACTION' ? 
r_nbtor_refined              0.296  0.200  ? 799  'X-RAY DIFFRACTION' ? 
r_nbtor_other                ?      ?      ? ?    'X-RAY DIFFRACTION' ? 
r_xyhbond_nbd_refined        0.118  0.200  ? 87   'X-RAY DIFFRACTION' ? 
r_xyhbond_nbd_other          ?      ?      ? ?    'X-RAY DIFFRACTION' ? 
r_metal_ion_refined          ?      ?      ? ?    'X-RAY DIFFRACTION' ? 
r_metal_ion_other            ?      ?      ? ?    'X-RAY DIFFRACTION' ? 
r_symmetry_vdw_refined       0.178  0.200  ? 20   'X-RAY DIFFRACTION' ? 
r_symmetry_vdw_other         ?      ?      ? ?    'X-RAY DIFFRACTION' ? 
r_symmetry_hbond_refined     0.442  0.200  ? 17   'X-RAY DIFFRACTION' ? 
r_symmetry_hbond_other       ?      ?      ? ?    'X-RAY DIFFRACTION' ? 
r_symmetry_metal_ion_refined ?      ?      ? ?    'X-RAY DIFFRACTION' ? 
r_symmetry_metal_ion_other   ?      ?      ? ?    'X-RAY DIFFRACTION' ? 
r_mcbond_it                  0.598  1.500  ? 767  'X-RAY DIFFRACTION' ? 
r_mcbond_other               ?      ?      ? ?    'X-RAY DIFFRACTION' ? 
r_mcangle_it                 1.081  2.000  ? 1230 'X-RAY DIFFRACTION' ? 
r_mcangle_other              ?      ?      ? ?    'X-RAY DIFFRACTION' ? 
r_scbond_it                  1.767  3.000  ? 421  'X-RAY DIFFRACTION' ? 
r_scbond_other               ?      ?      ? ?    'X-RAY DIFFRACTION' ? 
r_scangle_it                 2.870  4.500  ? 333  'X-RAY DIFFRACTION' ? 
r_scangle_other              ?      ?      ? ?    'X-RAY DIFFRACTION' ? 
r_long_range_B_refined       ?      ?      ? ?    'X-RAY DIFFRACTION' ? 
r_long_range_B_other         ?      ?      ? ?    'X-RAY DIFFRACTION' ? 
r_rigid_bond_restr           ?      ?      ? ?    'X-RAY DIFFRACTION' ? 
r_sphericity_free            ?      ?      ? ?    'X-RAY DIFFRACTION' ? 
r_sphericity_bonded          ?      ?      ? ?    'X-RAY DIFFRACTION' ? 
# 
_refine_ls_shell.pdbx_refine_id                   'X-RAY DIFFRACTION' 
_refine_ls_shell.pdbx_total_number_of_bins_used   20 
_refine_ls_shell.d_res_high                       1.80 
_refine_ls_shell.d_res_low                        1.85 
_refine_ls_shell.number_reflns_R_work             1195 
_refine_ls_shell.R_factor_R_work                  0.1890 
_refine_ls_shell.percent_reflns_obs               ? 
_refine_ls_shell.R_factor_R_free                  0.1990 
_refine_ls_shell.R_factor_R_free_error            ? 
_refine_ls_shell.percent_reflns_R_free            ? 
_refine_ls_shell.number_reflns_R_free             57 
_refine_ls_shell.number_reflns_all                ? 
_refine_ls_shell.R_factor_all                     ? 
# 
_struct.entry_id                  2CNZ 
_struct.title                     'Salmonella enterica SafA pilin in complex with a 19-residue SafA Nte peptide (V13A mutant)' 
_struct.pdbx_model_details        ? 
_struct.pdbx_CASP_flag            ? 
_struct.pdbx_model_type_details   ? 
# 
_struct_keywords.entry_id        2CNZ 
_struct_keywords.pdbx_keywords   'FIBRIL PROTEIN' 
_struct_keywords.text            'PILUS SUBUNIT, FIBRIL PROTEIN, FOLD COMPLEMENTATION' 
# 
loop_
_struct_asym.id 
_struct_asym.pdbx_blank_PDB_chainid_flag 
_struct_asym.pdbx_modified 
_struct_asym.entity_id 
_struct_asym.details 
A N N 1 ? 
B N N 2 ? 
C N N 3 ? 
D N N 3 ? 
# 
loop_
_struct_ref.id 
_struct_ref.db_name 
_struct_ref.db_code 
_struct_ref.entity_id 
_struct_ref.pdbx_seq_one_letter_code 
_struct_ref.pdbx_align_begin 
_struct_ref.pdbx_db_accession 
_struct_ref.pdbx_db_isoform 
1 PDB 2CNZ         1 ? ? 2CNZ   ? 
2 UNP Q8ZRK4_SALTY 1 ? ? Q8ZRK4 ? 
3 UNP Q8ZRK4_SALTY 2 ? ? Q8ZRK4 ? 
# 
loop_
_struct_ref_seq.align_id 
_struct_ref_seq.ref_id 
_struct_ref_seq.pdbx_PDB_id_code 
_struct_ref_seq.pdbx_strand_id 
_struct_ref_seq.seq_align_beg 
_struct_ref_seq.pdbx_seq_align_beg_ins_code 
_struct_ref_seq.seq_align_end 
_struct_ref_seq.pdbx_seq_align_end_ins_code 
_struct_ref_seq.pdbx_db_accession 
_struct_ref_seq.db_align_beg 
_struct_ref_seq.pdbx_db_align_beg_ins_code 
_struct_ref_seq.db_align_end 
_struct_ref_seq.pdbx_db_align_end_ins_code 
_struct_ref_seq.pdbx_auth_seq_align_beg 
_struct_ref_seq.pdbx_auth_seq_align_end 
1 1 2CNZ A 1 ? 2   ? 2CNZ   20 ? 21  ? 20 21  
2 2 2CNZ A 3 ? 125 ? Q8ZRK4 48 ? 170 ? 22 144 
3 3 2CNZ B 1 ? 20  ? Q8ZRK4 27 ? 46  ? 1  20  
# 
_struct_ref_seq_dif.align_id                     3 
_struct_ref_seq_dif.pdbx_pdb_id_code             2CNZ 
_struct_ref_seq_dif.mon_id                       ALA 
_struct_ref_seq_dif.pdbx_pdb_strand_id           B 
_struct_ref_seq_dif.seq_num                      13 
_struct_ref_seq_dif.pdbx_pdb_ins_code            ? 
_struct_ref_seq_dif.pdbx_seq_db_name             UNP 
_struct_ref_seq_dif.pdbx_seq_db_accession_code   Q8ZRK4 
_struct_ref_seq_dif.db_mon_id                    VAL 
_struct_ref_seq_dif.pdbx_seq_db_seq_num          39 
_struct_ref_seq_dif.details                      'engineered mutation' 
_struct_ref_seq_dif.pdbx_auth_seq_num            13 
_struct_ref_seq_dif.pdbx_ordinal                 1 
# 
_pdbx_struct_assembly.id                   1 
_pdbx_struct_assembly.details              author_and_software_defined_assembly 
_pdbx_struct_assembly.method_details       PQS 
_pdbx_struct_assembly.oligomeric_details   dimeric 
_pdbx_struct_assembly.oligomeric_count     2 
# 
_pdbx_struct_assembly_gen.assembly_id       1 
_pdbx_struct_assembly_gen.oper_expression   1 
_pdbx_struct_assembly_gen.asym_id_list      A,B,C,D 
# 
_pdbx_struct_oper_list.id                   1 
_pdbx_struct_oper_list.type                 'identity operation' 
_pdbx_struct_oper_list.name                 1_555 
_pdbx_struct_oper_list.symmetry_operation   x,y,z 
_pdbx_struct_oper_list.matrix[1][1]         1.0000000000 
_pdbx_struct_oper_list.matrix[1][2]         0.0000000000 
_pdbx_struct_oper_list.matrix[1][3]         0.0000000000 
_pdbx_struct_oper_list.vector[1]            0.0000000000 
_pdbx_struct_oper_list.matrix[2][1]         0.0000000000 
_pdbx_struct_oper_list.matrix[2][2]         1.0000000000 
_pdbx_struct_oper_list.matrix[2][3]         0.0000000000 
_pdbx_struct_oper_list.vector[2]            0.0000000000 
_pdbx_struct_oper_list.matrix[3][1]         0.0000000000 
_pdbx_struct_oper_list.matrix[3][2]         0.0000000000 
_pdbx_struct_oper_list.matrix[3][3]         1.0000000000 
_pdbx_struct_oper_list.vector[3]            0.0000000000 
# 
_struct_biol.id        1 
_struct_biol.details   
;FOR THE HETERO-ASSEMBLY DESCRIBED BY REMARK                  
  350THE N-TERMINAL EXTENSION PEPTIDE OF ONE                          
 SUBUNIT, CHAIN B,INSERTS INTO THE FOLD OF                            
 ANOTHER, CHAIN A. THIS INTERACTIONIS REPETED IN                      
 THE POLYMER, AN N-TERMINAL EXTENSION OFMOLECULE C                    
  WOULD INSERT IN TO THE SUBUNIT OF MOLECULE B                        
 , DINTO C ETC
;
# 
_struct_conf.conf_type_id            HELX_P 
_struct_conf.id                      HELX_P1 
_struct_conf.pdbx_PDB_helix_id       1 
_struct_conf.beg_label_comp_id       SER 
_struct_conf.beg_label_asym_id       A 
_struct_conf.beg_label_seq_id        71 
_struct_conf.pdbx_beg_PDB_ins_code   ? 
_struct_conf.end_label_comp_id       ARG 
_struct_conf.end_label_asym_id       A 
_struct_conf.end_label_seq_id        77 
_struct_conf.pdbx_end_PDB_ins_code   ? 
_struct_conf.beg_auth_comp_id        SER 
_struct_conf.beg_auth_asym_id        A 
_struct_conf.beg_auth_seq_id         90 
_struct_conf.end_auth_comp_id        ARG 
_struct_conf.end_auth_asym_id        A 
_struct_conf.end_auth_seq_id         96 
_struct_conf.pdbx_PDB_helix_class    1 
_struct_conf.details                 ? 
_struct_conf.pdbx_PDB_helix_length   7 
# 
_struct_conf_type.id          HELX_P 
_struct_conf_type.criteria    ? 
_struct_conf_type.reference   ? 
# 
loop_
_struct_sheet.id 
_struct_sheet.type 
_struct_sheet.number_strands 
_struct_sheet.details 
AA ? 6 ? 
AB ? 2 ? 
AC ? 5 ? 
# 
loop_
_struct_sheet_order.sheet_id 
_struct_sheet_order.range_id_1 
_struct_sheet_order.range_id_2 
_struct_sheet_order.offset 
_struct_sheet_order.sense 
AA 1 2 ? anti-parallel 
AA 2 3 ? anti-parallel 
AA 3 4 ? anti-parallel 
AA 4 5 ? anti-parallel 
AA 5 6 ? anti-parallel 
AB 1 2 ? anti-parallel 
AC 1 2 ? anti-parallel 
AC 2 3 ? anti-parallel 
AC 3 4 ? anti-parallel 
AC 4 5 ? anti-parallel 
# 
loop_
_struct_sheet_range.sheet_id 
_struct_sheet_range.id 
_struct_sheet_range.beg_label_comp_id 
_struct_sheet_range.beg_label_asym_id 
_struct_sheet_range.beg_label_seq_id 
_struct_sheet_range.pdbx_beg_PDB_ins_code 
_struct_sheet_range.end_label_comp_id 
_struct_sheet_range.end_label_asym_id 
_struct_sheet_range.end_label_seq_id 
_struct_sheet_range.pdbx_end_PDB_ins_code 
_struct_sheet_range.beg_auth_comp_id 
_struct_sheet_range.beg_auth_asym_id 
_struct_sheet_range.beg_auth_seq_id 
_struct_sheet_range.end_auth_comp_id 
_struct_sheet_range.end_auth_asym_id 
_struct_sheet_range.end_auth_seq_id 
AA 1 THR A 5   ? PRO A 10  ? THR A 24  PRO A 29  
AA 2 LYS A 24  ? ASN A 31  ? LYS A 43  ASN A 50  
AA 3 ASP A 96  ? LEU A 102 ? ASP A 115 LEU A 121 
AA 4 GLU A 65  ? LEU A 70  ? GLU A 84  LEU A 89  
AA 5 ALA A 54  ? ALA A 58  ? ALA A 73  ALA A 77  
AA 6 ASN A 46  ? VAL A 47  ? ASN A 65  VAL A 66  
AB 1 GLY A 17  ? LYS A 18  ? GLY A 36  LYS A 37  
AB 2 ASN A 108 ? VAL A 109 ? ASN A 127 VAL A 128 
AC 1 SER A 80  ? TRP A 84  ? SER A 99  TRP A 103 
AC 2 VAL A 87  ? ASN A 93  ? VAL A 106 ASN A 112 
AC 3 GLU A 37  ? ILE A 43  ? GLU A 56  ILE A 62  
AC 4 ASP A 112 ? GLN A 124 ? ASP A 131 GLN A 143 
AC 5 SER B 2   ? PHE B 17  ? SER B 2   PHE B 17  
# 
loop_
_pdbx_struct_sheet_hbond.sheet_id 
_pdbx_struct_sheet_hbond.range_id_1 
_pdbx_struct_sheet_hbond.range_id_2 
_pdbx_struct_sheet_hbond.range_1_label_atom_id 
_pdbx_struct_sheet_hbond.range_1_label_comp_id 
_pdbx_struct_sheet_hbond.range_1_label_asym_id 
_pdbx_struct_sheet_hbond.range_1_label_seq_id 
_pdbx_struct_sheet_hbond.range_1_PDB_ins_code 
_pdbx_struct_sheet_hbond.range_1_auth_atom_id 
_pdbx_struct_sheet_hbond.range_1_auth_comp_id 
_pdbx_struct_sheet_hbond.range_1_auth_asym_id 
_pdbx_struct_sheet_hbond.range_1_auth_seq_id 
_pdbx_struct_sheet_hbond.range_2_label_atom_id 
_pdbx_struct_sheet_hbond.range_2_label_comp_id 
_pdbx_struct_sheet_hbond.range_2_label_asym_id 
_pdbx_struct_sheet_hbond.range_2_label_seq_id 
_pdbx_struct_sheet_hbond.range_2_PDB_ins_code 
_pdbx_struct_sheet_hbond.range_2_auth_atom_id 
_pdbx_struct_sheet_hbond.range_2_auth_comp_id 
_pdbx_struct_sheet_hbond.range_2_auth_asym_id 
_pdbx_struct_sheet_hbond.range_2_auth_seq_id 
AA 1 2 N ILE A 9   ? N ILE A 28  O LYS A 27  ? O LYS A 46  
AA 2 3 N VAL A 30  ? N VAL A 49  O ASP A 96  ? O ASP A 115 
AA 3 4 N VAL A 101 ? N VAL A 120 O GLY A 69  ? O GLY A 88  
AA 4 5 N VAL A 68  ? N VAL A 87  O TRP A 55  ? O TRP A 74  
AA 5 6 N ARG A 56  ? N ARG A 75  O ASN A 46  ? O ASN A 65  
AB 1 2 N GLY A 17  ? N GLY A 36  O VAL A 109 ? O VAL A 128 
AC 1 2 N TRP A 84  ? N TRP A 103 O VAL A 87  ? O VAL A 106 
AC 2 3 N PHE A 92  ? N PHE A 111 O PHE A 38  ? O PHE A 57  
AC 3 4 N ILE A 43  ? N ILE A 62  O THR A 117 ? O THR A 136 
AC 4 5 N GLN A 124 ? N GLN A 143 O SER B 2   ? O SER B 2   
# 
_pdbx_validate_torsion.id              1 
_pdbx_validate_torsion.PDB_model_num   1 
_pdbx_validate_torsion.auth_comp_id    ASN 
_pdbx_validate_torsion.auth_asym_id    A 
_pdbx_validate_torsion.auth_seq_id     65 
_pdbx_validate_torsion.PDB_ins_code    ? 
_pdbx_validate_torsion.label_alt_id    ? 
_pdbx_validate_torsion.phi             -159.34 
_pdbx_validate_torsion.psi             85.26 
# 
_pdbx_struct_special_symmetry.id              1 
_pdbx_struct_special_symmetry.PDB_model_num   1 
_pdbx_struct_special_symmetry.auth_asym_id    A 
_pdbx_struct_special_symmetry.auth_comp_id    HOH 
_pdbx_struct_special_symmetry.auth_seq_id     2008 
_pdbx_struct_special_symmetry.PDB_ins_code    ? 
_pdbx_struct_special_symmetry.label_asym_id   C 
_pdbx_struct_special_symmetry.label_comp_id   HOH 
_pdbx_struct_special_symmetry.label_seq_id    . 
# 
_pdbx_refine_tls.pdbx_refine_id   'X-RAY DIFFRACTION' 
_pdbx_refine_tls.id               1 
_pdbx_refine_tls.details          ? 
_pdbx_refine_tls.method           refined 
_pdbx_refine_tls.origin_x         0.4604 
_pdbx_refine_tls.origin_y         -0.1043 
_pdbx_refine_tls.origin_z         -0.4493 
_pdbx_refine_tls.T[1][1]          -0.0126 
_pdbx_refine_tls.T[2][2]          -0.0224 
_pdbx_refine_tls.T[3][3]          -0.0188 
_pdbx_refine_tls.T[1][2]          -0.0069 
_pdbx_refine_tls.T[1][3]          -0.0145 
_pdbx_refine_tls.T[2][3]          -0.0018 
_pdbx_refine_tls.L[1][1]          0.4955 
_pdbx_refine_tls.L[2][2]          0.4901 
_pdbx_refine_tls.L[3][3]          0.6316 
_pdbx_refine_tls.L[1][2]          0.1938 
_pdbx_refine_tls.L[1][3]          -0.2419 
_pdbx_refine_tls.L[2][3]          -0.0216 
_pdbx_refine_tls.S[1][1]          0.0080 
_pdbx_refine_tls.S[1][2]          -0.0284 
_pdbx_refine_tls.S[1][3]          0.0190 
_pdbx_refine_tls.S[2][1]          0.0580 
_pdbx_refine_tls.S[2][2]          -0.0372 
_pdbx_refine_tls.S[2][3]          -0.0363 
_pdbx_refine_tls.S[3][1]          -0.0184 
_pdbx_refine_tls.S[3][2]          0.0043 
_pdbx_refine_tls.S[3][3]          0.0292 
# 
loop_
_pdbx_refine_tls_group.pdbx_refine_id 
_pdbx_refine_tls_group.id 
_pdbx_refine_tls_group.refine_tls_id 
_pdbx_refine_tls_group.beg_auth_asym_id 
_pdbx_refine_tls_group.beg_auth_seq_id 
_pdbx_refine_tls_group.beg_label_asym_id 
_pdbx_refine_tls_group.beg_label_seq_id 
_pdbx_refine_tls_group.end_auth_asym_id 
_pdbx_refine_tls_group.end_auth_seq_id 
_pdbx_refine_tls_group.end_label_asym_id 
_pdbx_refine_tls_group.end_label_seq_id 
_pdbx_refine_tls_group.selection 
_pdbx_refine_tls_group.selection_details 
'X-RAY DIFFRACTION' 1 1 B 1  ? ? B 19  ? ? ? ? 
'X-RAY DIFFRACTION' 2 1 A 22 ? ? A 144 ? ? ? ? 
# 
_pdbx_entry_details.entry_id                 2CNZ 
_pdbx_entry_details.compound_details         'ENGINEERED RESIDUE IN CHAIN A, VAL 39 TO ALA' 
_pdbx_entry_details.source_details           ? 
_pdbx_entry_details.nonpolymer_details       ? 
_pdbx_entry_details.sequence_details         ? 
_pdbx_entry_details.has_ligand_of_interest   ? 
# 
loop_
_pdbx_unobs_or_zero_occ_residues.id 
_pdbx_unobs_or_zero_occ_residues.PDB_model_num 
_pdbx_unobs_or_zero_occ_residues.polymer_flag 
_pdbx_unobs_or_zero_occ_residues.occupancy_flag 
_pdbx_unobs_or_zero_occ_residues.auth_asym_id 
_pdbx_unobs_or_zero_occ_residues.auth_comp_id 
_pdbx_unobs_or_zero_occ_residues.auth_seq_id 
_pdbx_unobs_or_zero_occ_residues.PDB_ins_code 
_pdbx_unobs_or_zero_occ_residues.label_asym_id 
_pdbx_unobs_or_zero_occ_residues.label_comp_id 
_pdbx_unobs_or_zero_occ_residues.label_seq_id 
1 1 Y 1 A GLY 20 ? A GLY 1 
2 1 Y 1 A SER 21 ? A SER 2 
# 
loop_
_chem_comp_atom.comp_id 
_chem_comp_atom.atom_id 
_chem_comp_atom.type_symbol 
_chem_comp_atom.pdbx_aromatic_flag 
_chem_comp_atom.pdbx_stereo_config 
_chem_comp_atom.pdbx_ordinal 
ALA N    N N N 1   
ALA CA   C N S 2   
ALA C    C N N 3   
ALA O    O N N 4   
ALA CB   C N N 5   
ALA OXT  O N N 6   
ALA H    H N N 7   
ALA H2   H N N 8   
ALA HA   H N N 9   
ALA HB1  H N N 10  
ALA HB2  H N N 11  
ALA HB3  H N N 12  
ALA HXT  H N N 13  
ARG N    N N N 14  
ARG CA   C N S 15  
ARG C    C N N 16  
ARG O    O N N 17  
ARG CB   C N N 18  
ARG CG   C N N 19  
ARG CD   C N N 20  
ARG NE   N N N 21  
ARG CZ   C N N 22  
ARG NH1  N N N 23  
ARG NH2  N N N 24  
ARG OXT  O N N 25  
ARG H    H N N 26  
ARG H2   H N N 27  
ARG HA   H N N 28  
ARG HB2  H N N 29  
ARG HB3  H N N 30  
ARG HG2  H N N 31  
ARG HG3  H N N 32  
ARG HD2  H N N 33  
ARG HD3  H N N 34  
ARG HE   H N N 35  
ARG HH11 H N N 36  
ARG HH12 H N N 37  
ARG HH21 H N N 38  
ARG HH22 H N N 39  
ARG HXT  H N N 40  
ASN N    N N N 41  
ASN CA   C N S 42  
ASN C    C N N 43  
ASN O    O N N 44  
ASN CB   C N N 45  
ASN CG   C N N 46  
ASN OD1  O N N 47  
ASN ND2  N N N 48  
ASN OXT  O N N 49  
ASN H    H N N 50  
ASN H2   H N N 51  
ASN HA   H N N 52  
ASN HB2  H N N 53  
ASN HB3  H N N 54  
ASN HD21 H N N 55  
ASN HD22 H N N 56  
ASN HXT  H N N 57  
ASP N    N N N 58  
ASP CA   C N S 59  
ASP C    C N N 60  
ASP O    O N N 61  
ASP CB   C N N 62  
ASP CG   C N N 63  
ASP OD1  O N N 64  
ASP OD2  O N N 65  
ASP OXT  O N N 66  
ASP H    H N N 67  
ASP H2   H N N 68  
ASP HA   H N N 69  
ASP HB2  H N N 70  
ASP HB3  H N N 71  
ASP HD2  H N N 72  
ASP HXT  H N N 73  
GLN N    N N N 74  
GLN CA   C N S 75  
GLN C    C N N 76  
GLN O    O N N 77  
GLN CB   C N N 78  
GLN CG   C N N 79  
GLN CD   C N N 80  
GLN OE1  O N N 81  
GLN NE2  N N N 82  
GLN OXT  O N N 83  
GLN H    H N N 84  
GLN H2   H N N 85  
GLN HA   H N N 86  
GLN HB2  H N N 87  
GLN HB3  H N N 88  
GLN HG2  H N N 89  
GLN HG3  H N N 90  
GLN HE21 H N N 91  
GLN HE22 H N N 92  
GLN HXT  H N N 93  
GLU N    N N N 94  
GLU CA   C N S 95  
GLU C    C N N 96  
GLU O    O N N 97  
GLU CB   C N N 98  
GLU CG   C N N 99  
GLU CD   C N N 100 
GLU OE1  O N N 101 
GLU OE2  O N N 102 
GLU OXT  O N N 103 
GLU H    H N N 104 
GLU H2   H N N 105 
GLU HA   H N N 106 
GLU HB2  H N N 107 
GLU HB3  H N N 108 
GLU HG2  H N N 109 
GLU HG3  H N N 110 
GLU HE2  H N N 111 
GLU HXT  H N N 112 
GLY N    N N N 113 
GLY CA   C N N 114 
GLY C    C N N 115 
GLY O    O N N 116 
GLY OXT  O N N 117 
GLY H    H N N 118 
GLY H2   H N N 119 
GLY HA2  H N N 120 
GLY HA3  H N N 121 
GLY HXT  H N N 122 
HOH O    O N N 123 
HOH H1   H N N 124 
HOH H2   H N N 125 
ILE N    N N N 126 
ILE CA   C N S 127 
ILE C    C N N 128 
ILE O    O N N 129 
ILE CB   C N S 130 
ILE CG1  C N N 131 
ILE CG2  C N N 132 
ILE CD1  C N N 133 
ILE OXT  O N N 134 
ILE H    H N N 135 
ILE H2   H N N 136 
ILE HA   H N N 137 
ILE HB   H N N 138 
ILE HG12 H N N 139 
ILE HG13 H N N 140 
ILE HG21 H N N 141 
ILE HG22 H N N 142 
ILE HG23 H N N 143 
ILE HD11 H N N 144 
ILE HD12 H N N 145 
ILE HD13 H N N 146 
ILE HXT  H N N 147 
LEU N    N N N 148 
LEU CA   C N S 149 
LEU C    C N N 150 
LEU O    O N N 151 
LEU CB   C N N 152 
LEU CG   C N N 153 
LEU CD1  C N N 154 
LEU CD2  C N N 155 
LEU OXT  O N N 156 
LEU H    H N N 157 
LEU H2   H N N 158 
LEU HA   H N N 159 
LEU HB2  H N N 160 
LEU HB3  H N N 161 
LEU HG   H N N 162 
LEU HD11 H N N 163 
LEU HD12 H N N 164 
LEU HD13 H N N 165 
LEU HD21 H N N 166 
LEU HD22 H N N 167 
LEU HD23 H N N 168 
LEU HXT  H N N 169 
LYS N    N N N 170 
LYS CA   C N S 171 
LYS C    C N N 172 
LYS O    O N N 173 
LYS CB   C N N 174 
LYS CG   C N N 175 
LYS CD   C N N 176 
LYS CE   C N N 177 
LYS NZ   N N N 178 
LYS OXT  O N N 179 
LYS H    H N N 180 
LYS H2   H N N 181 
LYS HA   H N N 182 
LYS HB2  H N N 183 
LYS HB3  H N N 184 
LYS HG2  H N N 185 
LYS HG3  H N N 186 
LYS HD2  H N N 187 
LYS HD3  H N N 188 
LYS HE2  H N N 189 
LYS HE3  H N N 190 
LYS HZ1  H N N 191 
LYS HZ2  H N N 192 
LYS HZ3  H N N 193 
LYS HXT  H N N 194 
MET N    N N N 195 
MET CA   C N S 196 
MET C    C N N 197 
MET O    O N N 198 
MET CB   C N N 199 
MET CG   C N N 200 
MET SD   S N N 201 
MET CE   C N N 202 
MET OXT  O N N 203 
MET H    H N N 204 
MET H2   H N N 205 
MET HA   H N N 206 
MET HB2  H N N 207 
MET HB3  H N N 208 
MET HG2  H N N 209 
MET HG3  H N N 210 
MET HE1  H N N 211 
MET HE2  H N N 212 
MET HE3  H N N 213 
MET HXT  H N N 214 
PHE N    N N N 215 
PHE CA   C N S 216 
PHE C    C N N 217 
PHE O    O N N 218 
PHE CB   C N N 219 
PHE CG   C Y N 220 
PHE CD1  C Y N 221 
PHE CD2  C Y N 222 
PHE CE1  C Y N 223 
PHE CE2  C Y N 224 
PHE CZ   C Y N 225 
PHE OXT  O N N 226 
PHE H    H N N 227 
PHE H2   H N N 228 
PHE HA   H N N 229 
PHE HB2  H N N 230 
PHE HB3  H N N 231 
PHE HD1  H N N 232 
PHE HD2  H N N 233 
PHE HE1  H N N 234 
PHE HE2  H N N 235 
PHE HZ   H N N 236 
PHE HXT  H N N 237 
PRO N    N N N 238 
PRO CA   C N S 239 
PRO C    C N N 240 
PRO O    O N N 241 
PRO CB   C N N 242 
PRO CG   C N N 243 
PRO CD   C N N 244 
PRO OXT  O N N 245 
PRO H    H N N 246 
PRO HA   H N N 247 
PRO HB2  H N N 248 
PRO HB3  H N N 249 
PRO HG2  H N N 250 
PRO HG3  H N N 251 
PRO HD2  H N N 252 
PRO HD3  H N N 253 
PRO HXT  H N N 254 
SER N    N N N 255 
SER CA   C N S 256 
SER C    C N N 257 
SER O    O N N 258 
SER CB   C N N 259 
SER OG   O N N 260 
SER OXT  O N N 261 
SER H    H N N 262 
SER H2   H N N 263 
SER HA   H N N 264 
SER HB2  H N N 265 
SER HB3  H N N 266 
SER HG   H N N 267 
SER HXT  H N N 268 
THR N    N N N 269 
THR CA   C N S 270 
THR C    C N N 271 
THR O    O N N 272 
THR CB   C N R 273 
THR OG1  O N N 274 
THR CG2  C N N 275 
THR OXT  O N N 276 
THR H    H N N 277 
THR H2   H N N 278 
THR HA   H N N 279 
THR HB   H N N 280 
THR HG1  H N N 281 
THR HG21 H N N 282 
THR HG22 H N N 283 
THR HG23 H N N 284 
THR HXT  H N N 285 
TRP N    N N N 286 
TRP CA   C N S 287 
TRP C    C N N 288 
TRP O    O N N 289 
TRP CB   C N N 290 
TRP CG   C Y N 291 
TRP CD1  C Y N 292 
TRP CD2  C Y N 293 
TRP NE1  N Y N 294 
TRP CE2  C Y N 295 
TRP CE3  C Y N 296 
TRP CZ2  C Y N 297 
TRP CZ3  C Y N 298 
TRP CH2  C Y N 299 
TRP OXT  O N N 300 
TRP H    H N N 301 
TRP H2   H N N 302 
TRP HA   H N N 303 
TRP HB2  H N N 304 
TRP HB3  H N N 305 
TRP HD1  H N N 306 
TRP HE1  H N N 307 
TRP HE3  H N N 308 
TRP HZ2  H N N 309 
TRP HZ3  H N N 310 
TRP HH2  H N N 311 
TRP HXT  H N N 312 
TYR N    N N N 313 
TYR CA   C N S 314 
TYR C    C N N 315 
TYR O    O N N 316 
TYR CB   C N N 317 
TYR CG   C Y N 318 
TYR CD1  C Y N 319 
TYR CD2  C Y N 320 
TYR CE1  C Y N 321 
TYR CE2  C Y N 322 
TYR CZ   C Y N 323 
TYR OH   O N N 324 
TYR OXT  O N N 325 
TYR H    H N N 326 
TYR H2   H N N 327 
TYR HA   H N N 328 
TYR HB2  H N N 329 
TYR HB3  H N N 330 
TYR HD1  H N N 331 
TYR HD2  H N N 332 
TYR HE1  H N N 333 
TYR HE2  H N N 334 
TYR HH   H N N 335 
TYR HXT  H N N 336 
VAL N    N N N 337 
VAL CA   C N S 338 
VAL C    C N N 339 
VAL O    O N N 340 
VAL CB   C N N 341 
VAL CG1  C N N 342 
VAL CG2  C N N 343 
VAL OXT  O N N 344 
VAL H    H N N 345 
VAL H2   H N N 346 
VAL HA   H N N 347 
VAL HB   H N N 348 
VAL HG11 H N N 349 
VAL HG12 H N N 350 
VAL HG13 H N N 351 
VAL HG21 H N N 352 
VAL HG22 H N N 353 
VAL HG23 H N N 354 
VAL HXT  H N N 355 
# 
loop_
_chem_comp_bond.comp_id 
_chem_comp_bond.atom_id_1 
_chem_comp_bond.atom_id_2 
_chem_comp_bond.value_order 
_chem_comp_bond.pdbx_aromatic_flag 
_chem_comp_bond.pdbx_stereo_config 
_chem_comp_bond.pdbx_ordinal 
ALA N   CA   sing N N 1   
ALA N   H    sing N N 2   
ALA N   H2   sing N N 3   
ALA CA  C    sing N N 4   
ALA CA  CB   sing N N 5   
ALA CA  HA   sing N N 6   
ALA C   O    doub N N 7   
ALA C   OXT  sing N N 8   
ALA CB  HB1  sing N N 9   
ALA CB  HB2  sing N N 10  
ALA CB  HB3  sing N N 11  
ALA OXT HXT  sing N N 12  
ARG N   CA   sing N N 13  
ARG N   H    sing N N 14  
ARG N   H2   sing N N 15  
ARG CA  C    sing N N 16  
ARG CA  CB   sing N N 17  
ARG CA  HA   sing N N 18  
ARG C   O    doub N N 19  
ARG C   OXT  sing N N 20  
ARG CB  CG   sing N N 21  
ARG CB  HB2  sing N N 22  
ARG CB  HB3  sing N N 23  
ARG CG  CD   sing N N 24  
ARG CG  HG2  sing N N 25  
ARG CG  HG3  sing N N 26  
ARG CD  NE   sing N N 27  
ARG CD  HD2  sing N N 28  
ARG CD  HD3  sing N N 29  
ARG NE  CZ   sing N N 30  
ARG NE  HE   sing N N 31  
ARG CZ  NH1  sing N N 32  
ARG CZ  NH2  doub N N 33  
ARG NH1 HH11 sing N N 34  
ARG NH1 HH12 sing N N 35  
ARG NH2 HH21 sing N N 36  
ARG NH2 HH22 sing N N 37  
ARG OXT HXT  sing N N 38  
ASN N   CA   sing N N 39  
ASN N   H    sing N N 40  
ASN N   H2   sing N N 41  
ASN CA  C    sing N N 42  
ASN CA  CB   sing N N 43  
ASN CA  HA   sing N N 44  
ASN C   O    doub N N 45  
ASN C   OXT  sing N N 46  
ASN CB  CG   sing N N 47  
ASN CB  HB2  sing N N 48  
ASN CB  HB3  sing N N 49  
ASN CG  OD1  doub N N 50  
ASN CG  ND2  sing N N 51  
ASN ND2 HD21 sing N N 52  
ASN ND2 HD22 sing N N 53  
ASN OXT HXT  sing N N 54  
ASP N   CA   sing N N 55  
ASP N   H    sing N N 56  
ASP N   H2   sing N N 57  
ASP CA  C    sing N N 58  
ASP CA  CB   sing N N 59  
ASP CA  HA   sing N N 60  
ASP C   O    doub N N 61  
ASP C   OXT  sing N N 62  
ASP CB  CG   sing N N 63  
ASP CB  HB2  sing N N 64  
ASP CB  HB3  sing N N 65  
ASP CG  OD1  doub N N 66  
ASP CG  OD2  sing N N 67  
ASP OD2 HD2  sing N N 68  
ASP OXT HXT  sing N N 69  
GLN N   CA   sing N N 70  
GLN N   H    sing N N 71  
GLN N   H2   sing N N 72  
GLN CA  C    sing N N 73  
GLN CA  CB   sing N N 74  
GLN CA  HA   sing N N 75  
GLN C   O    doub N N 76  
GLN C   OXT  sing N N 77  
GLN CB  CG   sing N N 78  
GLN CB  HB2  sing N N 79  
GLN CB  HB3  sing N N 80  
GLN CG  CD   sing N N 81  
GLN CG  HG2  sing N N 82  
GLN CG  HG3  sing N N 83  
GLN CD  OE1  doub N N 84  
GLN CD  NE2  sing N N 85  
GLN NE2 HE21 sing N N 86  
GLN NE2 HE22 sing N N 87  
GLN OXT HXT  sing N N 88  
GLU N   CA   sing N N 89  
GLU N   H    sing N N 90  
GLU N   H2   sing N N 91  
GLU CA  C    sing N N 92  
GLU CA  CB   sing N N 93  
GLU CA  HA   sing N N 94  
GLU C   O    doub N N 95  
GLU C   OXT  sing N N 96  
GLU CB  CG   sing N N 97  
GLU CB  HB2  sing N N 98  
GLU CB  HB3  sing N N 99  
GLU CG  CD   sing N N 100 
GLU CG  HG2  sing N N 101 
GLU CG  HG3  sing N N 102 
GLU CD  OE1  doub N N 103 
GLU CD  OE2  sing N N 104 
GLU OE2 HE2  sing N N 105 
GLU OXT HXT  sing N N 106 
GLY N   CA   sing N N 107 
GLY N   H    sing N N 108 
GLY N   H2   sing N N 109 
GLY CA  C    sing N N 110 
GLY CA  HA2  sing N N 111 
GLY CA  HA3  sing N N 112 
GLY C   O    doub N N 113 
GLY C   OXT  sing N N 114 
GLY OXT HXT  sing N N 115 
HOH O   H1   sing N N 116 
HOH O   H2   sing N N 117 
ILE N   CA   sing N N 118 
ILE N   H    sing N N 119 
ILE N   H2   sing N N 120 
ILE CA  C    sing N N 121 
ILE CA  CB   sing N N 122 
ILE CA  HA   sing N N 123 
ILE C   O    doub N N 124 
ILE C   OXT  sing N N 125 
ILE CB  CG1  sing N N 126 
ILE CB  CG2  sing N N 127 
ILE CB  HB   sing N N 128 
ILE CG1 CD1  sing N N 129 
ILE CG1 HG12 sing N N 130 
ILE CG1 HG13 sing N N 131 
ILE CG2 HG21 sing N N 132 
ILE CG2 HG22 sing N N 133 
ILE CG2 HG23 sing N N 134 
ILE CD1 HD11 sing N N 135 
ILE CD1 HD12 sing N N 136 
ILE CD1 HD13 sing N N 137 
ILE OXT HXT  sing N N 138 
LEU N   CA   sing N N 139 
LEU N   H    sing N N 140 
LEU N   H2   sing N N 141 
LEU CA  C    sing N N 142 
LEU CA  CB   sing N N 143 
LEU CA  HA   sing N N 144 
LEU C   O    doub N N 145 
LEU C   OXT  sing N N 146 
LEU CB  CG   sing N N 147 
LEU CB  HB2  sing N N 148 
LEU CB  HB3  sing N N 149 
LEU CG  CD1  sing N N 150 
LEU CG  CD2  sing N N 151 
LEU CG  HG   sing N N 152 
LEU CD1 HD11 sing N N 153 
LEU CD1 HD12 sing N N 154 
LEU CD1 HD13 sing N N 155 
LEU CD2 HD21 sing N N 156 
LEU CD2 HD22 sing N N 157 
LEU CD2 HD23 sing N N 158 
LEU OXT HXT  sing N N 159 
LYS N   CA   sing N N 160 
LYS N   H    sing N N 161 
LYS N   H2   sing N N 162 
LYS CA  C    sing N N 163 
LYS CA  CB   sing N N 164 
LYS CA  HA   sing N N 165 
LYS C   O    doub N N 166 
LYS C   OXT  sing N N 167 
LYS CB  CG   sing N N 168 
LYS CB  HB2  sing N N 169 
LYS CB  HB3  sing N N 170 
LYS CG  CD   sing N N 171 
LYS CG  HG2  sing N N 172 
LYS CG  HG3  sing N N 173 
LYS CD  CE   sing N N 174 
LYS CD  HD2  sing N N 175 
LYS CD  HD3  sing N N 176 
LYS CE  NZ   sing N N 177 
LYS CE  HE2  sing N N 178 
LYS CE  HE3  sing N N 179 
LYS NZ  HZ1  sing N N 180 
LYS NZ  HZ2  sing N N 181 
LYS NZ  HZ3  sing N N 182 
LYS OXT HXT  sing N N 183 
MET N   CA   sing N N 184 
MET N   H    sing N N 185 
MET N   H2   sing N N 186 
MET CA  C    sing N N 187 
MET CA  CB   sing N N 188 
MET CA  HA   sing N N 189 
MET C   O    doub N N 190 
MET C   OXT  sing N N 191 
MET CB  CG   sing N N 192 
MET CB  HB2  sing N N 193 
MET CB  HB3  sing N N 194 
MET CG  SD   sing N N 195 
MET CG  HG2  sing N N 196 
MET CG  HG3  sing N N 197 
MET SD  CE   sing N N 198 
MET CE  HE1  sing N N 199 
MET CE  HE2  sing N N 200 
MET CE  HE3  sing N N 201 
MET OXT HXT  sing N N 202 
PHE N   CA   sing N N 203 
PHE N   H    sing N N 204 
PHE N   H2   sing N N 205 
PHE CA  C    sing N N 206 
PHE CA  CB   sing N N 207 
PHE CA  HA   sing N N 208 
PHE C   O    doub N N 209 
PHE C   OXT  sing N N 210 
PHE CB  CG   sing N N 211 
PHE CB  HB2  sing N N 212 
PHE CB  HB3  sing N N 213 
PHE CG  CD1  doub Y N 214 
PHE CG  CD2  sing Y N 215 
PHE CD1 CE1  sing Y N 216 
PHE CD1 HD1  sing N N 217 
PHE CD2 CE2  doub Y N 218 
PHE CD2 HD2  sing N N 219 
PHE CE1 CZ   doub Y N 220 
PHE CE1 HE1  sing N N 221 
PHE CE2 CZ   sing Y N 222 
PHE CE2 HE2  sing N N 223 
PHE CZ  HZ   sing N N 224 
PHE OXT HXT  sing N N 225 
PRO N   CA   sing N N 226 
PRO N   CD   sing N N 227 
PRO N   H    sing N N 228 
PRO CA  C    sing N N 229 
PRO CA  CB   sing N N 230 
PRO CA  HA   sing N N 231 
PRO C   O    doub N N 232 
PRO C   OXT  sing N N 233 
PRO CB  CG   sing N N 234 
PRO CB  HB2  sing N N 235 
PRO CB  HB3  sing N N 236 
PRO CG  CD   sing N N 237 
PRO CG  HG2  sing N N 238 
PRO CG  HG3  sing N N 239 
PRO CD  HD2  sing N N 240 
PRO CD  HD3  sing N N 241 
PRO OXT HXT  sing N N 242 
SER N   CA   sing N N 243 
SER N   H    sing N N 244 
SER N   H2   sing N N 245 
SER CA  C    sing N N 246 
SER CA  CB   sing N N 247 
SER CA  HA   sing N N 248 
SER C   O    doub N N 249 
SER C   OXT  sing N N 250 
SER CB  OG   sing N N 251 
SER CB  HB2  sing N N 252 
SER CB  HB3  sing N N 253 
SER OG  HG   sing N N 254 
SER OXT HXT  sing N N 255 
THR N   CA   sing N N 256 
THR N   H    sing N N 257 
THR N   H2   sing N N 258 
THR CA  C    sing N N 259 
THR CA  CB   sing N N 260 
THR CA  HA   sing N N 261 
THR C   O    doub N N 262 
THR C   OXT  sing N N 263 
THR CB  OG1  sing N N 264 
THR CB  CG2  sing N N 265 
THR CB  HB   sing N N 266 
THR OG1 HG1  sing N N 267 
THR CG2 HG21 sing N N 268 
THR CG2 HG22 sing N N 269 
THR CG2 HG23 sing N N 270 
THR OXT HXT  sing N N 271 
TRP N   CA   sing N N 272 
TRP N   H    sing N N 273 
TRP N   H2   sing N N 274 
TRP CA  C    sing N N 275 
TRP CA  CB   sing N N 276 
TRP CA  HA   sing N N 277 
TRP C   O    doub N N 278 
TRP C   OXT  sing N N 279 
TRP CB  CG   sing N N 280 
TRP CB  HB2  sing N N 281 
TRP CB  HB3  sing N N 282 
TRP CG  CD1  doub Y N 283 
TRP CG  CD2  sing Y N 284 
TRP CD1 NE1  sing Y N 285 
TRP CD1 HD1  sing N N 286 
TRP CD2 CE2  doub Y N 287 
TRP CD2 CE3  sing Y N 288 
TRP NE1 CE2  sing Y N 289 
TRP NE1 HE1  sing N N 290 
TRP CE2 CZ2  sing Y N 291 
TRP CE3 CZ3  doub Y N 292 
TRP CE3 HE3  sing N N 293 
TRP CZ2 CH2  doub Y N 294 
TRP CZ2 HZ2  sing N N 295 
TRP CZ3 CH2  sing Y N 296 
TRP CZ3 HZ3  sing N N 297 
TRP CH2 HH2  sing N N 298 
TRP OXT HXT  sing N N 299 
TYR N   CA   sing N N 300 
TYR N   H    sing N N 301 
TYR N   H2   sing N N 302 
TYR CA  C    sing N N 303 
TYR CA  CB   sing N N 304 
TYR CA  HA   sing N N 305 
TYR C   O    doub N N 306 
TYR C   OXT  sing N N 307 
TYR CB  CG   sing N N 308 
TYR CB  HB2  sing N N 309 
TYR CB  HB3  sing N N 310 
TYR CG  CD1  doub Y N 311 
TYR CG  CD2  sing Y N 312 
TYR CD1 CE1  sing Y N 313 
TYR CD1 HD1  sing N N 314 
TYR CD2 CE2  doub Y N 315 
TYR CD2 HD2  sing N N 316 
TYR CE1 CZ   doub Y N 317 
TYR CE1 HE1  sing N N 318 
TYR CE2 CZ   sing Y N 319 
TYR CE2 HE2  sing N N 320 
TYR CZ  OH   sing N N 321 
TYR OH  HH   sing N N 322 
TYR OXT HXT  sing N N 323 
VAL N   CA   sing N N 324 
VAL N   H    sing N N 325 
VAL N   H2   sing N N 326 
VAL CA  C    sing N N 327 
VAL CA  CB   sing N N 328 
VAL CA  HA   sing N N 329 
VAL C   O    doub N N 330 
VAL C   OXT  sing N N 331 
VAL CB  CG1  sing N N 332 
VAL CB  CG2  sing N N 333 
VAL CB  HB   sing N N 334 
VAL CG1 HG11 sing N N 335 
VAL CG1 HG12 sing N N 336 
VAL CG1 HG13 sing N N 337 
VAL CG2 HG21 sing N N 338 
VAL CG2 HG22 sing N N 339 
VAL CG2 HG23 sing N N 340 
VAL OXT HXT  sing N N 341 
# 
_pdbx_initial_refinement_model.accession_code   ? 
_pdbx_initial_refinement_model.id               1 
_pdbx_initial_refinement_model.entity_id_list   ? 
_pdbx_initial_refinement_model.type             other 
_pdbx_initial_refinement_model.source_name      ? 
_pdbx_initial_refinement_model.details          'SAFA ANTE WT' 
# 
_atom_sites.entry_id                    2CNZ 
_atom_sites.fract_transf_matrix[1][1]   -0.00205063 
_atom_sites.fract_transf_matrix[1][2]   -0.00980964 
_atom_sites.fract_transf_matrix[1][3]   0.01320594 
_atom_sites.fract_transf_matrix[2][1]   -0.01488997 
_atom_sites.fract_transf_matrix[2][2]   -0.00122306 
_atom_sites.fract_transf_matrix[2][3]   0.00718491 
_atom_sites.fract_transf_matrix[3][1]   -0.00180445 
_atom_sites.fract_transf_matrix[3][2]   -0.00604150 
_atom_sites.fract_transf_matrix[3][3]   -0.00476794 
_atom_sites.fract_transf_vector[1]      0.269813 
_atom_sites.fract_transf_vector[2]      -0.189826 
_atom_sites.fract_transf_vector[3]      0.321183 
# 
loop_
_atom_type.symbol 
C 
N 
O 
S 
# 
loop_
_atom_site.group_PDB 
_atom_site.id 
_atom_site.type_symbol 
_atom_site.label_atom_id 
_atom_site.label_alt_id 
_atom_site.label_comp_id 
_atom_site.label_asym_id 
_atom_site.label_entity_id 
_atom_site.label_seq_id 
_atom_site.pdbx_PDB_ins_code 
_atom_site.Cartn_x 
_atom_site.Cartn_y 
_atom_site.Cartn_z 
_atom_site.occupancy 
_atom_site.B_iso_or_equiv 
_atom_site.pdbx_formal_charge 
_atom_site.auth_seq_id 
_atom_site.auth_comp_id 
_atom_site.auth_asym_id 
_atom_site.auth_atom_id 
_atom_site.pdbx_PDB_model_num 
ATOM   1    N N   . ASP A 1 3   ? 18.667  -8.489  0.155   0.010 18.83 ? 22   ASP A N   1 
ATOM   2    C CA  . ASP A 1 3   ? 17.186  -8.672  0.123   1.00  18.92 ? 22   ASP A CA  1 
ATOM   3    C C   . ASP A 1 3   ? 16.441  -7.482  0.759   1.00  18.43 ? 22   ASP A C   1 
ATOM   4    O O   . ASP A 1 3   ? 17.054  -6.468  1.082   1.00  18.72 ? 22   ASP A O   1 
ATOM   5    C CB  . ASP A 1 3   ? 16.786  -9.989  0.809   1.00  19.07 ? 22   ASP A CB  1 
ATOM   6    C CG  . ASP A 1 3   ? 17.164  -10.027 2.284   0.010 18.96 ? 22   ASP A CG  1 
ATOM   7    O OD1 . ASP A 1 3   ? 16.300  -10.398 3.106   0.010 18.97 ? 22   ASP A OD1 1 
ATOM   8    O OD2 . ASP A 1 3   ? 18.318  -9.687  2.625   0.010 19.00 ? 22   ASP A OD2 1 
ATOM   9    N N   . LEU A 1 4   ? 15.126  -7.621  0.913   1.00  17.66 ? 23   LEU A N   1 
ATOM   10   C CA  . LEU A 1 4   ? 14.273  -6.589  1.516   1.00  16.73 ? 23   LEU A CA  1 
ATOM   11   C C   . LEU A 1 4   ? 13.628  -7.124  2.781   1.00  15.96 ? 23   LEU A C   1 
ATOM   12   O O   . LEU A 1 4   ? 13.231  -8.296  2.826   1.00  16.40 ? 23   LEU A O   1 
ATOM   13   C CB  . LEU A 1 4   ? 13.150  -6.176  0.553   1.00  17.15 ? 23   LEU A CB  1 
ATOM   14   C CG  . LEU A 1 4   ? 13.502  -5.513  -0.778  1.00  17.31 ? 23   LEU A CG  1 
ATOM   15   C CD1 . LEU A 1 4   ? 12.251  -5.401  -1.642  1.00  18.74 ? 23   LEU A CD1 1 
ATOM   16   C CD2 . LEU A 1 4   ? 14.110  -4.139  -0.552  1.00  19.40 ? 23   LEU A CD2 1 
ATOM   17   N N   . THR A 1 5   ? 13.522  -6.268  3.796   1.00  14.60 ? 24   THR A N   1 
ATOM   18   C CA  . THR A 1 5   ? 12.790  -6.578  5.019   1.00  14.08 ? 24   THR A CA  1 
ATOM   19   C C   . THR A 1 5   ? 11.565  -5.666  5.092   1.00  13.93 ? 24   THR A C   1 
ATOM   20   O O   . THR A 1 5   ? 11.685  -4.440  5.180   1.00  12.99 ? 24   THR A O   1 
ATOM   21   C CB  . THR A 1 5   ? 13.691  -6.449  6.275   1.00  14.16 ? 24   THR A CB  1 
ATOM   22   O OG1 . THR A 1 5   ? 14.799  -7.345  6.133   1.00  15.34 ? 24   THR A OG1 1 
ATOM   23   C CG2 . THR A 1 5   ? 12.929  -6.834  7.525   1.00  14.73 ? 24   THR A CG2 1 
ATOM   24   N N   . VAL A 1 6   ? 10.393  -6.284  5.033   1.00  13.71 ? 25   VAL A N   1 
ATOM   25   C CA  . VAL A 1 6   ? 9.150   -5.554  4.838   1.00  14.34 ? 25   VAL A CA  1 
ATOM   26   C C   . VAL A 1 6   ? 8.213   -5.723  6.026   1.00  14.91 ? 25   VAL A C   1 
ATOM   27   O O   . VAL A 1 6   ? 7.976   -6.843  6.486   1.00  15.23 ? 25   VAL A O   1 
ATOM   28   C CB  . VAL A 1 6   ? 8.434   -6.014  3.542   1.00  14.20 ? 25   VAL A CB  1 
ATOM   29   C CG1 . VAL A 1 6   ? 7.201   -5.143  3.268   1.00  14.60 ? 25   VAL A CG1 1 
ATOM   30   C CG2 . VAL A 1 6   ? 9.394   -5.971  2.347   1.00  15.10 ? 25   VAL A CG2 1 
ATOM   31   N N   . SER A 1 7   ? 7.691   -4.606  6.529   1.00  15.02 ? 26   SER A N   1 
ATOM   32   C CA  . SER A 1 7   ? 6.651   -4.632  7.553   1.00  15.71 ? 26   SER A CA  1 
ATOM   33   C C   . SER A 1 7   ? 5.450   -3.825  7.064   1.00  15.14 ? 26   SER A C   1 
ATOM   34   O O   . SER A 1 7   ? 5.613   -2.740  6.511   1.00  15.17 ? 26   SER A O   1 
ATOM   35   C CB  . SER A 1 7   ? 7.164   -4.048  8.872   1.00  15.85 ? 26   SER A CB  1 
ATOM   36   O OG  . SER A 1 7   ? 8.417   -4.623  9.241   1.00  20.63 ? 26   SER A OG  1 
ATOM   37   N N   . LEU A 1 8   ? 4.253   -4.360  7.256   1.00  14.61 ? 27   LEU A N   1 
ATOM   38   C CA  . LEU A 1 8   ? 3.025   -3.624  6.931   1.00  14.38 ? 27   LEU A CA  1 
ATOM   39   C C   . LEU A 1 8   ? 2.218   -3.500  8.211   1.00  13.89 ? 27   LEU A C   1 
ATOM   40   O O   . LEU A 1 8   ? 1.698   -4.500  8.720   1.00  13.70 ? 27   LEU A O   1 
ATOM   41   C CB  . LEU A 1 8   ? 2.243   -4.329  5.806   1.00  14.01 ? 27   LEU A CB  1 
ATOM   42   C CG  . LEU A 1 8   ? 0.967   -3.652  5.290   1.00  13.88 ? 27   LEU A CG  1 
ATOM   43   C CD1 . LEU A 1 8   ? 1.185   -2.200  4.831   1.00  14.08 ? 27   LEU A CD1 1 
ATOM   44   C CD2 . LEU A 1 8   ? 0.320   -4.506  4.184   1.00  15.18 ? 27   LEU A CD2 1 
ATOM   45   N N   . ILE A 1 9   ? 2.158   -2.280  8.752   1.00  13.73 ? 28   ILE A N   1 
ATOM   46   C CA  . ILE A 1 9   ? 1.694   -2.047  10.134  1.00  14.55 ? 28   ILE A CA  1 
ATOM   47   C C   . ILE A 1 9   ? 0.354   -1.300  10.195  1.00  14.19 ? 28   ILE A C   1 
ATOM   48   O O   . ILE A 1 9   ? 0.298   -0.106  9.878   1.00  14.97 ? 28   ILE A O   1 
ATOM   49   C CB  . ILE A 1 9   ? 2.747   -1.269  10.971  1.00  14.27 ? 28   ILE A CB  1 
ATOM   50   C CG1 . ILE A 1 9   ? 4.113   -1.970  10.900  1.00  15.77 ? 28   ILE A CG1 1 
ATOM   51   C CG2 . ILE A 1 9   ? 2.267   -1.144  12.424  1.00  15.28 ? 28   ILE A CG2 1 
ATOM   52   C CD1 . ILE A 1 9   ? 5.307   -1.132  11.324  1.00  15.80 ? 28   ILE A CD1 1 
ATOM   53   N N   . PRO A 1 10  ? -0.724  -1.989  10.604  1.00  14.20 ? 29   PRO A N   1 
ATOM   54   C CA  . PRO A 1 10  ? -2.040  -1.352  10.635  1.00  13.68 ? 29   PRO A CA  1 
ATOM   55   C C   . PRO A 1 10  ? -2.090  -0.223  11.651  1.00  14.32 ? 29   PRO A C   1 
ATOM   56   O O   . PRO A 1 10  ? -1.476  -0.328  12.726  1.00  14.44 ? 29   PRO A O   1 
ATOM   57   C CB  . PRO A 1 10  ? -2.967  -2.491  11.068  1.00  14.03 ? 29   PRO A CB  1 
ATOM   58   C CG  . PRO A 1 10  ? -2.204  -3.754  10.731  1.00  14.78 ? 29   PRO A CG  1 
ATOM   59   C CD  . PRO A 1 10  ? -0.798  -3.403  11.024  1.00  14.08 ? 29   PRO A CD  1 
ATOM   60   N N   . VAL A 1 11  ? -2.810  0.845   11.324  1.00  13.11 ? 30   VAL A N   1 
ATOM   61   C CA  . VAL A 1 11  ? -2.933  1.982   12.236  1.00  13.11 ? 30   VAL A CA  1 
ATOM   62   C C   . VAL A 1 11  ? -3.921  1.629   13.360  1.00  12.68 ? 30   VAL A C   1 
ATOM   63   O O   . VAL A 1 11  ? -4.955  1.013   13.113  1.00  12.82 ? 30   VAL A O   1 
ATOM   64   C CB  . VAL A 1 11  ? -3.360  3.266   11.475  1.00  12.83 ? 30   VAL A CB  1 
ATOM   65   C CG1 . VAL A 1 11  ? -3.762  4.380   12.434  1.00  13.73 ? 30   VAL A CG1 1 
ATOM   66   C CG2 . VAL A 1 11  ? -2.232  3.740   10.569  1.00  12.75 ? 30   VAL A CG2 1 
ATOM   67   N N   A SER A 1 12  ? -3.577  1.999   14.589  0.50  12.38 ? 31   SER A N   1 
ATOM   68   N N   B SER A 1 12  ? -3.573  2.031   14.583  0.50  12.52 ? 31   SER A N   1 
ATOM   69   C CA  A SER A 1 12  ? -4.459  1.754   15.720  0.50  12.35 ? 31   SER A CA  1 
ATOM   70   C CA  B SER A 1 12  ? -4.393  1.820   15.777  0.50  12.68 ? 31   SER A CA  1 
ATOM   71   C C   A SER A 1 12  ? -5.546  2.825   15.804  0.50  12.64 ? 31   SER A C   1 
ATOM   72   C C   B SER A 1 12  ? -5.513  2.865   15.880  0.50  12.82 ? 31   SER A C   1 
ATOM   73   O O   A SER A 1 12  ? -5.384  3.944   15.301  0.50  12.96 ? 31   SER A O   1 
ATOM   74   O O   B SER A 1 12  ? -5.340  4.016   15.459  0.50  13.15 ? 31   SER A O   1 
ATOM   75   C CB  A SER A 1 12  ? -3.656  1.704   17.021  0.50  12.24 ? 31   SER A CB  1 
ATOM   76   C CB  B SER A 1 12  ? -3.488  1.883   17.019  0.50  12.54 ? 31   SER A CB  1 
ATOM   77   O OG  A SER A 1 12  ? -3.096  2.968   17.317  0.50  11.45 ? 31   SER A OG  1 
ATOM   78   O OG  B SER A 1 12  ? -4.216  1.822   18.236  0.50  13.12 ? 31   SER A OG  1 
ATOM   79   N N   . GLY A 1 13  ? -6.656  2.462   16.430  1.00  12.83 ? 32   GLY A N   1 
ATOM   80   C CA  . GLY A 1 13  ? -7.705  3.417   16.797  1.00  13.00 ? 32   GLY A CA  1 
ATOM   81   C C   . GLY A 1 13  ? -8.625  3.897   15.697  1.00  13.13 ? 32   GLY A C   1 
ATOM   82   O O   . GLY A 1 13  ? -9.300  4.914   15.867  1.00  13.00 ? 32   GLY A O   1 
ATOM   83   N N   . LEU A 1 14  ? -8.672  3.175   14.579  1.00  11.97 ? 33   LEU A N   1 
ATOM   84   C CA  . LEU A 1 14  ? -9.567  3.553   13.478  1.00  11.84 ? 33   LEU A CA  1 
ATOM   85   C C   . LEU A 1 14  ? -11.004 3.314   13.874  1.00  11.93 ? 33   LEU A C   1 
ATOM   86   O O   . LEU A 1 14  ? -11.324 2.270   14.434  1.00  11.61 ? 33   LEU A O   1 
ATOM   87   C CB  . LEU A 1 14  ? -9.263  2.746   12.214  1.00  11.91 ? 33   LEU A CB  1 
ATOM   88   C CG  . LEU A 1 14  ? -7.863  2.897   11.605  1.00  12.08 ? 33   LEU A CG  1 
ATOM   89   C CD1 . LEU A 1 14  ? -7.687  1.857   10.494  1.00  12.36 ? 33   LEU A CD1 1 
ATOM   90   C CD2 . LEU A 1 14  ? -7.600  4.297   11.079  1.00  13.89 ? 33   LEU A CD2 1 
ATOM   91   N N   . LYS A 1 15  ? -11.865 4.277   13.563  1.00  12.08 ? 34   LYS A N   1 
ATOM   92   C CA  . LYS A 1 15  ? -13.251 4.223   13.997  1.00  12.72 ? 34   LYS A CA  1 
ATOM   93   C C   . LYS A 1 15  ? -14.159 4.185   12.781  1.00  12.81 ? 34   LYS A C   1 
ATOM   94   O O   . LYS A 1 15  ? -13.916 4.881   11.801  1.00  12.60 ? 34   LYS A O   1 
ATOM   95   C CB  . LYS A 1 15  ? -13.591 5.432   14.873  1.00  13.20 ? 34   LYS A CB  1 
ATOM   96   C CG  . LYS A 1 15  ? -12.921 5.414   16.266  1.00  13.64 ? 34   LYS A CG  1 
ATOM   97   C CD  . LYS A 1 15  ? -13.628 4.480   17.250  0.010 13.47 ? 34   LYS A CD  1 
ATOM   98   C CE  . LYS A 1 15  ? -14.885 5.111   17.846  0.010 13.50 ? 34   LYS A CE  1 
ATOM   99   N NZ  . LYS A 1 15  ? -14.576 6.239   18.772  0.010 13.47 ? 34   LYS A NZ  1 
ATOM   100  N N   . ALA A 1 16  ? -15.196 3.366   12.867  1.00  13.63 ? 35   ALA A N   1 
ATOM   101  C CA  . ALA A 1 16  ? -16.237 3.302   11.842  1.00  14.05 ? 35   ALA A CA  1 
ATOM   102  C C   . ALA A 1 16  ? -16.940 4.642   11.696  1.00  14.68 ? 35   ALA A C   1 
ATOM   103  O O   . ALA A 1 16  ? -16.875 5.501   12.589  1.00  14.39 ? 35   ALA A O   1 
ATOM   104  C CB  . ALA A 1 16  ? -17.247 2.213   12.168  1.00  14.51 ? 35   ALA A CB  1 
ATOM   105  N N   . GLY A 1 17  ? -17.622 4.817   10.569  1.00  14.56 ? 36   GLY A N   1 
ATOM   106  C CA  . GLY A 1 17  ? -18.312 6.054   10.292  1.00  15.61 ? 36   GLY A CA  1 
ATOM   107  C C   . GLY A 1 17  ? -17.530 6.932   9.341   1.00  16.14 ? 36   GLY A C   1 
ATOM   108  O O   . GLY A 1 17  ? -16.607 6.473   8.676   1.00  16.35 ? 36   GLY A O   1 
ATOM   109  N N   . LYS A 1 18  ? -17.909 8.206   9.281   1.00  16.61 ? 37   LYS A N   1 
ATOM   110  C CA  . LYS A 1 18  ? -17.287 9.152   8.362   1.00  17.09 ? 37   LYS A CA  1 
ATOM   111  C C   . LYS A 1 18  ? -15.841 9.401   8.781   1.00  17.56 ? 37   LYS A C   1 
ATOM   112  O O   . LYS A 1 18  ? -15.571 9.827   9.912   1.00  17.98 ? 37   LYS A O   1 
ATOM   113  C CB  . LYS A 1 18  ? -18.090 10.460  8.327   1.00  17.64 ? 37   LYS A CB  1 
ATOM   114  C CG  . LYS A 1 18  ? -17.724 11.392  7.180   0.010 17.22 ? 37   LYS A CG  1 
ATOM   115  C CD  . LYS A 1 18  ? -18.581 12.650  7.194   0.010 17.15 ? 37   LYS A CD  1 
ATOM   116  C CE  . LYS A 1 18  ? -18.236 13.578  6.036   0.010 17.13 ? 37   LYS A CE  1 
ATOM   117  N NZ  . LYS A 1 18  ? -18.655 13.030  4.715   0.010 17.14 ? 37   LYS A NZ  1 
ATOM   118  N N   . ASN A 1 19  ? -14.907 9.102   7.887   1.00  16.98 ? 38   ASN A N   1 
ATOM   119  C CA  . ASN A 1 19  ? -13.499 9.337   8.177   1.00  17.34 ? 38   ASN A CA  1 
ATOM   120  C C   . ASN A 1 19  ? -12.989 10.579  7.470   1.00  17.80 ? 38   ASN A C   1 
ATOM   121  O O   . ASN A 1 19  ? -13.574 11.010  6.474   1.00  18.74 ? 38   ASN A O   1 
ATOM   122  C CB  . ASN A 1 19  ? -12.664 8.118   7.776   1.00  16.89 ? 38   ASN A CB  1 
ATOM   123  C CG  . ASN A 1 19  ? -12.604 7.071   8.869   1.00  16.09 ? 38   ASN A CG  1 
ATOM   124  O OD1 . ASN A 1 19  ? -11.569 6.887   9.493   1.00  16.73 ? 38   ASN A OD1 1 
ATOM   125  N ND2 . ASN A 1 19  ? -13.717 6.384   9.104   1.00  14.26 ? 38   ASN A ND2 1 
ATOM   126  N N   . ALA A 1 20  ? -11.898 11.144  7.983   1.00  18.09 ? 39   ALA A N   1 
ATOM   127  C CA  . ALA A 1 20  ? -11.210 12.264  7.337   1.00  18.00 ? 39   ALA A CA  1 
ATOM   128  C C   . ALA A 1 20  ? -10.739 11.870  5.932   1.00  18.01 ? 39   ALA A C   1 
ATOM   129  O O   . ALA A 1 20  ? -10.401 10.709  5.706   1.00  17.87 ? 39   ALA A O   1 
ATOM   130  C CB  . ALA A 1 20  ? -10.021 12.680  8.183   1.00  18.43 ? 39   ALA A CB  1 
ATOM   131  N N   . PRO A 1 21  ? -10.700 12.827  4.982   1.00  17.92 ? 40   PRO A N   1 
ATOM   132  C CA  . PRO A 1 21  ? -10.116 12.446  3.685   1.00  17.42 ? 40   PRO A CA  1 
ATOM   133  C C   . PRO A 1 21  ? -8.647  12.061  3.869   1.00  16.47 ? 40   PRO A C   1 
ATOM   134  O O   . PRO A 1 21  ? -7.943  12.671  4.684   1.00  15.84 ? 40   PRO A O   1 
ATOM   135  C CB  . PRO A 1 21  ? -10.214 13.726  2.847   1.00  17.80 ? 40   PRO A CB  1 
ATOM   136  C CG  . PRO A 1 21  ? -11.176 14.601  3.557   1.00  19.15 ? 40   PRO A CG  1 
ATOM   137  C CD  . PRO A 1 21  ? -11.132 14.235  5.009   1.00  18.38 ? 40   PRO A CD  1 
ATOM   138  N N   A SER A 1 22  ? -8.195  11.052  3.122   0.50  15.95 ? 41   SER A N   1 
ATOM   139  N N   B SER A 1 22  ? -8.207  11.039  3.135   0.50  16.12 ? 41   SER A N   1 
ATOM   140  C CA  A SER A 1 22  ? -6.814  10.557  3.203   0.50  15.26 ? 41   SER A CA  1 
ATOM   141  C CA  B SER A 1 22  ? -6.825  10.558  3.197   0.50  15.62 ? 41   SER A CA  1 
ATOM   142  C C   A SER A 1 22  ? -6.407  10.058  4.602   0.50  14.65 ? 41   SER A C   1 
ATOM   143  C C   B SER A 1 22  ? -6.409  10.061  4.596   0.50  14.84 ? 41   SER A C   1 
ATOM   144  O O   A SER A 1 22  ? -5.235  10.126  4.975   0.50  14.56 ? 41   SER A O   1 
ATOM   145  O O   B SER A 1 22  ? -5.236  10.131  4.964   0.50  14.75 ? 41   SER A O   1 
ATOM   146  C CB  A SER A 1 22  ? -5.820  11.607  2.682   0.50  15.57 ? 41   SER A CB  1 
ATOM   147  C CB  B SER A 1 22  ? -5.858  11.633  2.674   0.50  15.98 ? 41   SER A CB  1 
ATOM   148  O OG  A SER A 1 22  ? -5.916  11.749  1.277   0.50  14.86 ? 41   SER A OG  1 
ATOM   149  O OG  B SER A 1 22  ? -4.562  11.102  2.473   0.50  16.63 ? 41   SER A OG  1 
ATOM   150  N N   . ALA A 1 23  ? -7.370  9.540   5.361   1.00  14.17 ? 42   ALA A N   1 
ATOM   151  C CA  . ALA A 1 23  ? -7.088  8.989   6.695   1.00  13.69 ? 42   ALA A CA  1 
ATOM   152  C C   . ALA A 1 23  ? -6.067  7.861   6.590   1.00  13.36 ? 42   ALA A C   1 
ATOM   153  O O   . ALA A 1 23  ? -6.212  6.988   5.745   1.00  12.32 ? 42   ALA A O   1 
ATOM   154  C CB  . ALA A 1 23  ? -8.373  8.486   7.360   1.00  13.93 ? 42   ALA A CB  1 
ATOM   155  N N   . LYS A 1 24  ? -5.022  7.910   7.419   1.00  12.89 ? 43   LYS A N   1 
ATOM   156  C CA  . LYS A 1 24  ? -3.974  6.887   7.391   1.00  12.85 ? 43   LYS A CA  1 
ATOM   157  C C   . LYS A 1 24  ? -4.483  5.583   7.994   1.00  12.26 ? 43   LYS A C   1 
ATOM   158  O O   . LYS A 1 24  ? -5.061  5.588   9.079   1.00  12.80 ? 43   LYS A O   1 
ATOM   159  C CB  . LYS A 1 24  ? -2.749  7.368   8.169   1.00  13.40 ? 43   LYS A CB  1 
ATOM   160  C CG  . LYS A 1 24  ? -1.959  8.458   7.444   1.00  15.02 ? 43   LYS A CG  1 
ATOM   161  C CD  . LYS A 1 24  ? -0.889  9.052   8.352   1.00  17.79 ? 43   LYS A CD  1 
ATOM   162  C CE  . LYS A 1 24  ? -0.221  10.237  7.674   1.00  20.26 ? 43   LYS A CE  1 
ATOM   163  N NZ  . LYS A 1 24  ? 0.473   11.101  8.668   1.00  22.47 ? 43   LYS A NZ  1 
ATOM   164  N N   . ILE A 1 25  ? -4.245  4.469   7.308   1.00  11.67 ? 44   ILE A N   1 
ATOM   165  C CA  . ILE A 1 25  ? -4.722  3.162   7.791   1.00  11.21 ? 44   ILE A CA  1 
ATOM   166  C C   . ILE A 1 25  ? -3.628  2.106   7.971   1.00  10.47 ? 44   ILE A C   1 
ATOM   167  O O   . ILE A 1 25  ? -3.824  1.120   8.680   1.00  10.50 ? 44   ILE A O   1 
ATOM   168  C CB  . ILE A 1 25  ? -5.883  2.600   6.907   1.00  11.12 ? 44   ILE A CB  1 
ATOM   169  C CG1 . ILE A 1 25  ? -5.383  2.242   5.499   1.00  11.81 ? 44   ILE A CG1 1 
ATOM   170  C CG2 . ILE A 1 25  ? -7.039  3.588   6.885   1.00  10.92 ? 44   ILE A CG2 1 
ATOM   171  C CD1 . ILE A 1 25  ? -6.473  1.643   4.588   1.00  11.39 ? 44   ILE A CD1 1 
ATOM   172  N N   . ALA A 1 26  ? -2.479  2.318   7.333   1.00  10.65 ? 45   ALA A N   1 
ATOM   173  C CA  . ALA A 1 26  ? -1.336  1.436   7.515   1.00  10.79 ? 45   ALA A CA  1 
ATOM   174  C C   . ALA A 1 26  ? -0.028  2.113   7.147   1.00  11.13 ? 45   ALA A C   1 
ATOM   175  O O   . ALA A 1 26  ? 0.006   3.071   6.348   1.00  10.93 ? 45   ALA A O   1 
ATOM   176  C CB  . ALA A 1 26  ? -1.516  0.108   6.717   1.00  10.15 ? 45   ALA A CB  1 
ATOM   177  N N   . LYS A 1 27  ? 1.048   1.615   7.742   1.00  11.27 ? 46   LYS A N   1 
ATOM   178  C CA  . LYS A 1 27  ? 2.388   2.080   7.435   1.00  11.93 ? 46   LYS A CA  1 
ATOM   179  C C   . LYS A 1 27  ? 3.193   0.956   6.789   1.00  11.88 ? 46   LYS A C   1 
ATOM   180  O O   . LYS A 1 27  ? 3.268   -0.148  7.336   1.00  11.91 ? 46   LYS A O   1 
ATOM   181  C CB  . LYS A 1 27  ? 3.075   2.567   8.712   1.00  12.34 ? 46   LYS A CB  1 
ATOM   182  C CG  . LYS A 1 27  ? 4.468   3.160   8.500   1.00  16.01 ? 46   LYS A CG  1 
ATOM   183  C CD  . LYS A 1 27  ? 4.404   4.627   8.086   1.00  20.06 ? 46   LYS A CD  1 
ATOM   184  C CE  . LYS A 1 27  ? 4.248   5.550   9.284   1.00  22.40 ? 46   LYS A CE  1 
ATOM   185  N NZ  . LYS A 1 27  ? 4.094   6.971   8.851   1.00  23.14 ? 46   LYS A NZ  1 
ATOM   186  N N   . LEU A 1 28  ? 3.772   1.234   5.618   1.00  11.97 ? 47   LEU A N   1 
ATOM   187  C CA  . LEU A 1 28  ? 4.644   0.281   4.947   1.00  12.45 ? 47   LEU A CA  1 
ATOM   188  C C   . LEU A 1 28  ? 6.087   0.654   5.256   1.00  12.29 ? 47   LEU A C   1 
ATOM   189  O O   . LEU A 1 28  ? 6.501   1.781   4.998   1.00  12.44 ? 47   LEU A O   1 
ATOM   190  C CB  . LEU A 1 28  ? 4.419   0.293   3.424   1.00  12.64 ? 47   LEU A CB  1 
ATOM   191  C CG  . LEU A 1 28  ? 5.366   -0.593  2.598   1.00  13.15 ? 47   LEU A CG  1 
ATOM   192  C CD1 . LEU A 1 28  ? 5.091   -2.078  2.875   1.00  14.79 ? 47   LEU A CD1 1 
ATOM   193  C CD2 . LEU A 1 28  ? 5.274   -0.292  1.098   1.00  13.12 ? 47   LEU A CD2 1 
ATOM   194  N N   . VAL A 1 29  ? 6.839   -0.302  5.794   1.00  12.01 ? 48   VAL A N   1 
ATOM   195  C CA  . VAL A 1 29  ? 8.235   -0.109  6.135   1.00  12.58 ? 48   VAL A CA  1 
ATOM   196  C C   . VAL A 1 29  ? 9.057   -1.082  5.307   1.00  12.52 ? 48   VAL A C   1 
ATOM   197  O O   . VAL A 1 29  ? 8.812   -2.292  5.347   1.00  12.14 ? 48   VAL A O   1 
ATOM   198  C CB  . VAL A 1 29  ? 8.477   -0.399  7.639   1.00  12.89 ? 48   VAL A CB  1 
ATOM   199  C CG1 . VAL A 1 29  ? 9.930   -0.126  8.016   1.00  14.81 ? 48   VAL A CG1 1 
ATOM   200  C CG2 . VAL A 1 29  ? 7.522   0.422   8.517   1.00  13.25 ? 48   VAL A CG2 1 
ATOM   201  N N   . VAL A 1 30  ? 9.987   -0.559  4.515   1.00  12.20 ? 49   VAL A N   1 
ATOM   202  C CA  . VAL A 1 30  ? 10.856  -1.403  3.718   1.00  12.40 ? 49   VAL A CA  1 
ATOM   203  C C   . VAL A 1 30  ? 12.311  -1.051  4.014   1.00  13.05 ? 49   VAL A C   1 
ATOM   204  O O   . VAL A 1 30  ? 12.738  0.093   3.800   1.00  14.08 ? 49   VAL A O   1 
ATOM   205  C CB  . VAL A 1 30  ? 10.574  -1.260  2.206   1.00  12.73 ? 49   VAL A CB  1 
ATOM   206  C CG1 . VAL A 1 30  ? 11.485  -2.184  1.407   1.00  12.95 ? 49   VAL A CG1 1 
ATOM   207  C CG2 . VAL A 1 30  ? 9.085   -1.542  1.886   1.00  12.17 ? 49   VAL A CG2 1 
ATOM   208  N N   . ASN A 1 31  ? 13.070  -2.025  4.508   1.00  12.73 ? 50   ASN A N   1 
ATOM   209  C CA  . ASN A 1 31  ? 14.496  -1.827  4.755   1.00  12.92 ? 50   ASN A CA  1 
ATOM   210  C C   . ASN A 1 31  ? 15.351  -2.795  3.954   1.00  13.57 ? 50   ASN A C   1 
ATOM   211  O O   . ASN A 1 31  ? 14.906  -3.899  3.650   1.00  13.36 ? 50   ASN A O   1 
ATOM   212  C CB  . ASN A 1 31  ? 14.805  -1.999  6.248   1.00  12.63 ? 50   ASN A CB  1 
ATOM   213  C CG  . ASN A 1 31  ? 14.145  -0.929  7.100   1.00  13.88 ? 50   ASN A CG  1 
ATOM   214  O OD1 . ASN A 1 31  ? 13.296  -1.213  7.944   1.00  14.35 ? 50   ASN A OD1 1 
ATOM   215  N ND2 . ASN A 1 31  ? 14.514  0.312   6.853   1.00  15.10 ? 50   ASN A ND2 1 
ATOM   216  N N   . SER A 1 32  ? 16.579  -2.383  3.646   1.00  14.14 ? 51   SER A N   1 
ATOM   217  C CA  . SER A 1 32  ? 17.531  -3.224  2.923   1.00  15.36 ? 51   SER A CA  1 
ATOM   218  C C   . SER A 1 32  ? 18.966  -2.763  3.148   1.00  16.27 ? 51   SER A C   1 
ATOM   219  O O   . SER A 1 32  ? 19.234  -1.563  3.182   1.00  16.60 ? 51   SER A O   1 
ATOM   220  C CB  . SER A 1 32  ? 17.239  -3.188  1.425   1.00  15.05 ? 51   SER A CB  1 
ATOM   221  O OG  . SER A 1 32  ? 18.156  -4.013  0.729   1.00  16.55 ? 51   SER A OG  1 
ATOM   222  N N   . THR A 1 33  ? 19.884  -3.721  3.284   1.00  17.19 ? 52   THR A N   1 
ATOM   223  C CA  . THR A 1 33  ? 21.307  -3.403  3.355   1.00  18.44 ? 52   THR A CA  1 
ATOM   224  C C   . THR A 1 33  ? 21.944  -3.394  1.966   1.00  19.03 ? 52   THR A C   1 
ATOM   225  O O   . THR A 1 33  ? 23.063  -2.897  1.789   1.00  19.55 ? 52   THR A O   1 
ATOM   226  C CB  . THR A 1 33  ? 22.074  -4.404  4.242   1.00  18.78 ? 52   THR A CB  1 
ATOM   227  O OG1 . THR A 1 33  ? 21.861  -5.740  3.762   1.00  20.38 ? 52   THR A OG1 1 
ATOM   228  C CG2 . THR A 1 33  ? 21.614  -4.313  5.692   1.00  18.64 ? 52   THR A CG2 1 
ATOM   229  N N   . THR A 1 34  ? 21.235  -3.939  0.982   1.00  18.89 ? 53   THR A N   1 
ATOM   230  C CA  . THR A 1 34  ? 21.808  -4.160  -0.347  1.00  19.67 ? 53   THR A CA  1 
ATOM   231  C C   . THR A 1 34  ? 21.121  -3.412  -1.492  1.00  19.41 ? 53   THR A C   1 
ATOM   232  O O   . THR A 1 34  ? 21.776  -2.998  -2.449  1.00  20.30 ? 53   THR A O   1 
ATOM   233  C CB  . THR A 1 34  ? 21.802  -5.659  -0.693  1.00  19.75 ? 53   THR A CB  1 
ATOM   234  O OG1 . THR A 1 34  ? 20.499  -6.201  -0.434  1.00  22.00 ? 53   THR A OG1 1 
ATOM   235  C CG2 . THR A 1 34  ? 22.836  -6.406  0.140   1.00  20.36 ? 53   THR A CG2 1 
ATOM   236  N N   . LEU A 1 35  ? 19.807  -3.256  -1.400  1.00  18.59 ? 54   LEU A N   1 
ATOM   237  C CA  . LEU A 1 35  ? 19.028  -2.633  -2.472  1.00  17.91 ? 54   LEU A CA  1 
ATOM   238  C C   . LEU A 1 35  ? 18.694  -1.186  -2.137  1.00  17.13 ? 54   LEU A C   1 
ATOM   239  O O   . LEU A 1 35  ? 18.332  -0.874  -0.999  1.00  17.69 ? 54   LEU A O   1 
ATOM   240  C CB  . LEU A 1 35  ? 17.753  -3.436  -2.725  1.00  18.27 ? 54   LEU A CB  1 
ATOM   241  C CG  . LEU A 1 35  ? 17.988  -4.908  -3.077  1.00  19.82 ? 54   LEU A CG  1 
ATOM   242  C CD1 . LEU A 1 35  ? 16.691  -5.715  -3.033  1.00  19.72 ? 54   LEU A CD1 1 
ATOM   243  C CD2 . LEU A 1 35  ? 18.698  -5.038  -4.427  1.00  22.67 ? 54   LEU A CD2 1 
ATOM   244  N N   . LYS A 1 36  ? 18.830  -0.308  -3.128  1.00  15.11 ? 55   LYS A N   1 
ATOM   245  C CA  . LYS A 1 36  ? 18.628  1.123   -2.921  1.00  14.12 ? 55   LYS A CA  1 
ATOM   246  C C   . LYS A 1 36  ? 17.176  1.554   -3.092  1.00  12.97 ? 55   LYS A C   1 
ATOM   247  O O   . LYS A 1 36  ? 16.764  2.593   -2.575  1.00  12.22 ? 55   LYS A O   1 
ATOM   248  C CB  . LYS A 1 36  ? 19.498  1.927   -3.893  1.00  14.41 ? 55   LYS A CB  1 
ATOM   249  C CG  . LYS A 1 36  ? 20.991  1.850   -3.613  1.00  15.65 ? 55   LYS A CG  1 
ATOM   250  C CD  . LYS A 1 36  ? 21.405  2.765   -2.464  0.010 15.30 ? 55   LYS A CD  1 
ATOM   251  C CE  . LYS A 1 36  ? 22.903  2.687   -2.194  0.010 15.37 ? 55   LYS A CE  1 
ATOM   252  N NZ  . LYS A 1 36  ? 23.314  1.378   -1.608  0.010 15.35 ? 55   LYS A NZ  1 
ATOM   253  N N   . GLU A 1 37  ? 16.413  0.778   -3.855  1.00  12.06 ? 56   GLU A N   1 
ATOM   254  C CA  . GLU A 1 37  ? 15.025  1.157   -4.142  1.00  11.81 ? 56   GLU A CA  1 
ATOM   255  C C   . GLU A 1 37  ? 14.133  -0.069  -4.198  1.00  10.87 ? 56   GLU A C   1 
ATOM   256  O O   . GLU A 1 37  ? 14.618  -1.211  -4.260  1.00  10.07 ? 56   GLU A O   1 
ATOM   257  C CB  . GLU A 1 37  ? 14.911  1.941   -5.460  1.00  12.00 ? 56   GLU A CB  1 
ATOM   258  C CG  . GLU A 1 37  ? 15.595  3.322   -5.456  1.00  13.02 ? 56   GLU A CG  1 
ATOM   259  C CD  . GLU A 1 37  ? 15.499  4.062   -6.788  1.00  14.13 ? 56   GLU A CD  1 
ATOM   260  O OE1 . GLU A 1 37  ? 14.615  3.741   -7.618  1.00  15.48 ? 56   GLU A OE1 1 
ATOM   261  O OE2 . GLU A 1 37  ? 16.315  4.993   -6.997  1.00  15.09 ? 56   GLU A OE2 1 
ATOM   262  N N   . PHE A 1 38  ? 12.826  0.174   -4.180  1.00  9.91  ? 57   PHE A N   1 
ATOM   263  C CA  . PHE A 1 38  ? 11.864  -0.906  -4.341  1.00  9.72  ? 57   PHE A CA  1 
ATOM   264  C C   . PHE A 1 38  ? 10.656  -0.387  -5.102  1.00  9.00  ? 57   PHE A C   1 
ATOM   265  O O   . PHE A 1 38  ? 10.381  0.812   -5.100  1.00  8.96  ? 57   PHE A O   1 
ATOM   266  C CB  . PHE A 1 38  ? 11.433  -1.473  -2.972  1.00  9.50  ? 57   PHE A CB  1 
ATOM   267  C CG  . PHE A 1 38  ? 10.583  -0.522  -2.149  1.00  10.20 ? 57   PHE A CG  1 
ATOM   268  C CD1 . PHE A 1 38  ? 9.181   -0.539  -2.245  1.00  9.39  ? 57   PHE A CD1 1 
ATOM   269  C CD2 . PHE A 1 38  ? 11.178  0.369   -1.261  1.00  10.96 ? 57   PHE A CD2 1 
ATOM   270  C CE1 . PHE A 1 38  ? 8.399   0.340   -1.475  1.00  9.61  ? 57   PHE A CE1 1 
ATOM   271  C CE2 . PHE A 1 38  ? 10.407  1.256   -0.495  1.00  8.65  ? 57   PHE A CE2 1 
ATOM   272  C CZ  . PHE A 1 38  ? 9.016   1.239   -0.601  1.00  9.86  ? 57   PHE A CZ  1 
ATOM   273  N N   . GLY A 1 39  ? 9.964   -1.289  -5.778  1.00  8.97  ? 58   GLY A N   1 
ATOM   274  C CA  . GLY A 1 39  ? 8.668   -0.947  -6.385  1.00  8.32  ? 58   GLY A CA  1 
ATOM   275  C C   . GLY A 1 39  ? 7.588   -1.572  -5.529  1.00  8.42  ? 58   GLY A C   1 
ATOM   276  O O   . GLY A 1 39  ? 7.841   -2.563  -4.845  1.00  8.29  ? 58   GLY A O   1 
ATOM   277  N N   . VAL A 1 40  ? 6.388   -0.994  -5.547  1.00  7.82  ? 59   VAL A N   1 
ATOM   278  C CA  . VAL A 1 40  ? 5.275   -1.535  -4.757  1.00  8.09  ? 59   VAL A CA  1 
ATOM   279  C C   . VAL A 1 40  ? 3.964   -1.459  -5.545  1.00  8.13  ? 59   VAL A C   1 
ATOM   280  O O   . VAL A 1 40  ? 3.706   -0.465  -6.230  1.00  8.28  ? 59   VAL A O   1 
ATOM   281  C CB  . VAL A 1 40  ? 5.141   -0.815  -3.400  1.00  8.45  ? 59   VAL A CB  1 
ATOM   282  C CG1 . VAL A 1 40  ? 4.949   0.718   -3.584  1.00  8.84  ? 59   VAL A CG1 1 
ATOM   283  C CG2 . VAL A 1 40  ? 4.050   -1.435  -2.534  1.00  9.24  ? 59   VAL A CG2 1 
ATOM   284  N N   . ARG A 1 41  ? 3.141   -2.501  -5.413  1.00  7.84  ? 60   ARG A N   1 
ATOM   285  C CA  . ARG A 1 41  ? 1.805   -2.537  -6.012  1.00  8.44  ? 60   ARG A CA  1 
ATOM   286  C C   . ARG A 1 41  ? 0.798   -3.099  -5.034  1.00  8.62  ? 60   ARG A C   1 
ATOM   287  O O   . ARG A 1 41  ? 1.096   -4.031  -4.290  1.00  9.18  ? 60   ARG A O   1 
ATOM   288  C CB  . ARG A 1 41  ? 1.782   -3.437  -7.264  1.00  8.58  ? 60   ARG A CB  1 
ATOM   289  C CG  . ARG A 1 41  ? 2.195   -2.733  -8.564  1.00  8.58  ? 60   ARG A CG  1 
ATOM   290  C CD  . ARG A 1 41  ? 2.110   -3.725  -9.751  1.00  9.01  ? 60   ARG A CD  1 
ATOM   291  N NE  . ARG A 1 41  ? 2.072   -2.963  -10.990 1.00  9.13  ? 60   ARG A NE  1 
ATOM   292  C CZ  . ARG A 1 41  ? 0.957   -2.568  -11.601 1.00  9.47  ? 60   ARG A CZ  1 
ATOM   293  N NH1 . ARG A 1 41  ? -0.246  -2.913  -11.130 1.00  8.98  ? 60   ARG A NH1 1 
ATOM   294  N NH2 . ARG A 1 41  ? 1.054   -1.837  -12.706 1.00  7.54  ? 60   ARG A NH2 1 
ATOM   295  N N   . GLY A 1 42  ? -0.409  -2.550  -5.036  1.00  8.55  ? 61   GLY A N   1 
ATOM   296  C CA  . GLY A 1 42  ? -1.487  -3.177  -4.278  1.00  8.89  ? 61   GLY A CA  1 
ATOM   297  C C   . GLY A 1 42  ? -2.027  -4.394  -5.014  1.00  9.28  ? 61   GLY A C   1 
ATOM   298  O O   . GLY A 1 42  ? -2.027  -4.432  -6.258  1.00  9.79  ? 61   GLY A O   1 
ATOM   299  N N   . ILE A 1 43  ? -2.471  -5.390  -4.248  1.00  8.13  ? 62   ILE A N   1 
ATOM   300  C CA  . ILE A 1 43  ? -2.996  -6.646  -4.805  1.00  8.16  ? 62   ILE A CA  1 
ATOM   301  C C   . ILE A 1 43  ? -4.390  -6.856  -4.210  1.00  8.21  ? 62   ILE A C   1 
ATOM   302  O O   . ILE A 1 43  ? -4.527  -6.957  -2.988  1.00  7.95  ? 62   ILE A O   1 
ATOM   303  C CB  . ILE A 1 43  ? -2.100  -7.861  -4.402  1.00  7.99  ? 62   ILE A CB  1 
ATOM   304  C CG1 . ILE A 1 43  ? -0.630  -7.639  -4.802  1.00  9.31  ? 62   ILE A CG1 1 
ATOM   305  C CG2 . ILE A 1 43  ? -2.660  -9.199  -4.943  1.00  9.84  ? 62   ILE A CG2 1 
ATOM   306  C CD1 . ILE A 1 43  ? -0.384  -7.459  -6.289  1.00  9.83  ? 62   ILE A CD1 1 
ATOM   307  N N   . SER A 1 44  ? -5.411  -6.918  -5.069  1.00  7.98  ? 63   SER A N   1 
ATOM   308  C CA  . SER A 1 44  ? -6.776  -7.148  -4.596  1.00  8.16  ? 63   SER A CA  1 
ATOM   309  C C   . SER A 1 44  ? -7.638  -7.665  -5.733  1.00  8.24  ? 63   SER A C   1 
ATOM   310  O O   . SER A 1 44  ? -7.125  -8.025  -6.783  1.00  8.59  ? 63   SER A O   1 
ATOM   311  C CB  . SER A 1 44  ? -7.393  -5.878  -3.972  1.00  8.87  ? 63   SER A CB  1 
ATOM   312  O OG  . SER A 1 44  ? -7.890  -4.997  -4.965  1.00  9.08  ? 63   SER A OG  1 
ATOM   313  N N   . ASN A 1 45  ? -8.944  -7.720  -5.506  1.00  7.61  ? 64   ASN A N   1 
ATOM   314  C CA  . ASN A 1 45  ? -9.868  -8.150  -6.533  1.00  7.98  ? 64   ASN A CA  1 
ATOM   315  C C   . ASN A 1 45  ? -10.362 -6.988  -7.391  1.00  9.10  ? 64   ASN A C   1 
ATOM   316  O O   . ASN A 1 45  ? -11.183 -7.173  -8.300  1.00  8.96  ? 64   ASN A O   1 
ATOM   317  C CB  . ASN A 1 45  ? -11.036 -8.877  -5.883  1.00  8.36  ? 64   ASN A CB  1 
ATOM   318  C CG  . ASN A 1 45  ? -10.568 -10.029 -5.037  1.00  8.29  ? 64   ASN A CG  1 
ATOM   319  O OD1 . ASN A 1 45  ? -9.645  -10.743 -5.434  1.00  10.36 ? 64   ASN A OD1 1 
ATOM   320  N ND2 . ASN A 1 45  ? -11.162 -10.198 -3.866  1.00  8.40  ? 64   ASN A ND2 1 
ATOM   321  N N   . ASN A 1 46  ? -9.847  -5.796  -7.111  1.00  9.28  ? 65   ASN A N   1 
ATOM   322  C CA  . ASN A 1 46  ? -10.223 -4.626  -7.898  1.00  9.76  ? 65   ASN A CA  1 
ATOM   323  C C   . ASN A 1 46  ? -9.166  -3.537  -7.743  1.00  9.96  ? 65   ASN A C   1 
ATOM   324  O O   . ASN A 1 46  ? -9.271  -2.664  -6.876  1.00  9.71  ? 65   ASN A O   1 
ATOM   325  C CB  . ASN A 1 46  ? -11.602 -4.121  -7.475  1.00  11.20 ? 65   ASN A CB  1 
ATOM   326  C CG  . ASN A 1 46  ? -12.162 -3.069  -8.417  1.00  12.76 ? 65   ASN A CG  1 
ATOM   327  O OD1 . ASN A 1 46  ? -13.291 -2.623  -8.239  1.00  21.47 ? 65   ASN A OD1 1 
ATOM   328  N ND2 . ASN A 1 46  ? -11.396 -2.679  -9.409  1.00  13.90 ? 65   ASN A ND2 1 
ATOM   329  N N   . VAL A 1 47  ? -8.126  -3.632  -8.568  1.00  10.32 ? 66   VAL A N   1 
ATOM   330  C CA  . VAL A 1 47  ? -7.090  -2.597  -8.627  1.00  11.29 ? 66   VAL A CA  1 
ATOM   331  C C   . VAL A 1 47  ? -7.550  -1.523  -9.617  1.00  11.69 ? 66   VAL A C   1 
ATOM   332  O O   . VAL A 1 47  ? -8.005  -1.845  -10.719 1.00  11.52 ? 66   VAL A O   1 
ATOM   333  C CB  . VAL A 1 47  ? -5.739  -3.193  -9.039  1.00  11.11 ? 66   VAL A CB  1 
ATOM   334  C CG1 . VAL A 1 47  ? -4.708  -2.098  -9.222  1.00  11.24 ? 66   VAL A CG1 1 
ATOM   335  C CG2 . VAL A 1 47  ? -5.279  -4.227  -7.987  1.00  12.26 ? 66   VAL A CG2 1 
ATOM   336  N N   . VAL A 1 48  ? -7.455  -0.252  -9.229  1.00  12.31 ? 67   VAL A N   1 
ATOM   337  C CA  . VAL A 1 48  ? -8.163  0.782   -9.988  1.00  13.48 ? 67   VAL A CA  1 
ATOM   338  C C   . VAL A 1 48  ? -7.309  1.771   -10.780 1.00  14.17 ? 67   VAL A C   1 
ATOM   339  O O   . VAL A 1 48  ? -7.856  2.652   -11.449 1.00  15.14 ? 67   VAL A O   1 
ATOM   340  C CB  . VAL A 1 48  ? -9.209  1.540   -9.108  1.00  14.23 ? 67   VAL A CB  1 
ATOM   341  C CG1 . VAL A 1 48  ? -10.221 0.554   -8.498  1.00  14.51 ? 67   VAL A CG1 1 
ATOM   342  C CG2 . VAL A 1 48  ? -8.532  2.330   -8.010  1.00  14.66 ? 67   VAL A CG2 1 
ATOM   343  N N   . ASP A 1 49  ? -5.989  1.651   -10.717 1.00  13.75 ? 68   ASP A N   1 
ATOM   344  C CA  . ASP A 1 49  ? -5.166  2.486   -11.594 1.00  13.94 ? 68   ASP A CA  1 
ATOM   345  C C   . ASP A 1 49  ? -4.002  1.742   -12.252 1.00  13.37 ? 68   ASP A C   1 
ATOM   346  O O   . ASP A 1 49  ? -3.680  0.605   -11.879 1.00  13.24 ? 68   ASP A O   1 
ATOM   347  C CB  . ASP A 1 49  ? -4.739  3.787   -10.898 1.00  14.19 ? 68   ASP A CB  1 
ATOM   348  C CG  . ASP A 1 49  ? -3.798  3.558   -9.740  1.00  16.19 ? 68   ASP A CG  1 
ATOM   349  O OD1 . ASP A 1 49  ? -3.152  2.501   -9.685  1.00  16.53 ? 68   ASP A OD1 1 
ATOM   350  O OD2 . ASP A 1 49  ? -3.681  4.464   -8.880  1.00  18.74 ? 68   ASP A OD2 1 
ATOM   351  N N   . SER A 1 50  ? -3.374  2.405   -13.220 1.00  12.80 ? 69   SER A N   1 
ATOM   352  C CA  . SER A 1 50  ? -2.395  1.769   -14.111 1.00  12.92 ? 69   SER A CA  1 
ATOM   353  C C   . SER A 1 50  ? -1.054  1.447   -13.454 1.00  12.09 ? 69   SER A C   1 
ATOM   354  O O   . SER A 1 50  ? -0.200  0.806   -14.073 1.00  11.73 ? 69   SER A O   1 
ATOM   355  C CB  . SER A 1 50  ? -2.142  2.676   -15.312 1.00  13.58 ? 69   SER A CB  1 
ATOM   356  O OG  . SER A 1 50  ? -1.533  3.871   -14.861 1.00  14.68 ? 69   SER A OG  1 
ATOM   357  N N   . THR A 1 51  ? -0.855  1.914   -12.221 1.00  11.40 ? 70   THR A N   1 
ATOM   358  C CA  . THR A 1 51  ? 0.373   1.610   -11.470 1.00  10.77 ? 70   THR A CA  1 
ATOM   359  C C   . THR A 1 51  ? 0.100   0.736   -10.253 1.00  10.17 ? 70   THR A C   1 
ATOM   360  O O   . THR A 1 51  ? 1.025   0.397   -9.503  1.00  9.47  ? 70   THR A O   1 
ATOM   361  C CB  . THR A 1 51  ? 1.043   2.895   -10.962 1.00  11.18 ? 70   THR A CB  1 
ATOM   362  O OG1 . THR A 1 51  ? 0.054   3.719   -10.341 1.00  12.94 ? 70   THR A OG1 1 
ATOM   363  C CG2 . THR A 1 51  ? 1.710   3.668   -12.111 1.00  12.42 ? 70   THR A CG2 1 
ATOM   364  N N   . GLY A 1 52  ? -1.159  0.365   -10.050 1.00  9.21  ? 71   GLY A N   1 
ATOM   365  C CA  . GLY A 1 52  ? -1.535  -0.437  -8.886  1.00  9.29  ? 71   GLY A CA  1 
ATOM   366  C C   . GLY A 1 52  ? -1.294  0.274   -7.555  1.00  9.47  ? 71   GLY A C   1 
ATOM   367  O O   . GLY A 1 52  ? -1.059  -0.373  -6.525  1.00  9.90  ? 71   GLY A O   1 
ATOM   368  N N   . THR A 1 53  ? -1.350  1.601   -7.554  1.00  9.07  ? 72   THR A N   1 
ATOM   369  C CA  . THR A 1 53  ? -1.132  2.332   -6.286  1.00  10.02 ? 72   THR A CA  1 
ATOM   370  C C   . THR A 1 53  ? -2.430  2.808   -5.621  1.00  9.43  ? 72   THR A C   1 
ATOM   371  O O   . THR A 1 53  ? -2.403  3.483   -4.569  1.00  9.24  ? 72   THR A O   1 
ATOM   372  C CB  . THR A 1 53  ? -0.167  3.496   -6.487  1.00  10.29 ? 72   THR A CB  1 
ATOM   373  O OG1 . THR A 1 53  ? -0.553  4.222   -7.655  1.00  12.92 ? 72   THR A OG1 1 
ATOM   374  C CG2 . THR A 1 53  ? 1.229   2.971   -6.683  1.00  13.00 ? 72   THR A CG2 1 
ATOM   375  N N   . ALA A 1 54  ? -3.557  2.441   -6.230  1.00  8.87  ? 73   ALA A N   1 
ATOM   376  C CA  . ALA A 1 54  ? -4.891  2.611   -5.621  1.00  8.68  ? 73   ALA A CA  1 
ATOM   377  C C   . ALA A 1 54  ? -5.716  1.397   -5.976  1.00  8.63  ? 73   ALA A C   1 
ATOM   378  O O   . ALA A 1 54  ? -5.636  0.901   -7.104  1.00  8.83  ? 73   ALA A O   1 
ATOM   379  C CB  . ALA A 1 54  ? -5.588  3.891   -6.106  1.00  8.89  ? 73   ALA A CB  1 
ATOM   380  N N   . TRP A 1 55  ? -6.504  0.924   -5.012  1.00  7.87  ? 74   TRP A N   1 
ATOM   381  C CA  . TRP A 1 55  ? -7.295  -0.298  -5.205  1.00  8.23  ? 74   TRP A CA  1 
ATOM   382  C C   . TRP A 1 55  ? -8.443  -0.339  -4.211  1.00  8.74  ? 74   TRP A C   1 
ATOM   383  O O   . TRP A 1 55  ? -8.574  0.556   -3.379  1.00  8.40  ? 74   TRP A O   1 
ATOM   384  C CB  . TRP A 1 55  ? -6.414  -1.561  -5.108  1.00  8.08  ? 74   TRP A CB  1 
ATOM   385  C CG  . TRP A 1 55  ? -5.719  -1.824  -3.787  1.00  8.06  ? 74   TRP A CG  1 
ATOM   386  C CD1 . TRP A 1 55  ? -6.100  -2.726  -2.834  1.00  9.18  ? 74   TRP A CD1 1 
ATOM   387  C CD2 . TRP A 1 55  ? -4.497  -1.237  -3.311  1.00  9.17  ? 74   TRP A CD2 1 
ATOM   388  N NE1 . TRP A 1 55  ? -5.198  -2.733  -1.788  1.00  9.18  ? 74   TRP A NE1 1 
ATOM   389  C CE2 . TRP A 1 55  ? -4.213  -1.820  -2.053  1.00  8.77  ? 74   TRP A CE2 1 
ATOM   390  C CE3 . TRP A 1 55  ? -3.619  -0.267  -3.819  1.00  9.42  ? 74   TRP A CE3 1 
ATOM   391  C CZ2 . TRP A 1 55  ? -3.086  -1.462  -1.291  1.00  10.82 ? 74   TRP A CZ2 1 
ATOM   392  C CZ3 . TRP A 1 55  ? -2.487  0.089   -3.054  1.00  10.17 ? 74   TRP A CZ3 1 
ATOM   393  C CH2 . TRP A 1 55  ? -2.243  -0.503  -1.809  1.00  9.26  ? 74   TRP A CH2 1 
ATOM   394  N N   . ARG A 1 56  ? -9.306  -1.346  -4.330  1.00  8.85  ? 75   ARG A N   1 
ATOM   395  C CA  . ARG A 1 56  ? -10.437 -1.487  -3.419  1.00  9.83  ? 75   ARG A CA  1 
ATOM   396  C C   . ARG A 1 56  ? -10.306 -2.787  -2.657  1.00  9.49  ? 75   ARG A C   1 
ATOM   397  O O   . ARG A 1 56  ? -9.784  -3.774  -3.200  1.00  8.97  ? 75   ARG A O   1 
ATOM   398  C CB  . ARG A 1 56  ? -11.765 -1.423  -4.189  1.00  10.41 ? 75   ARG A CB  1 
ATOM   399  C CG  . ARG A 1 56  ? -11.935 -0.055  -4.895  1.00  11.48 ? 75   ARG A CG  1 
ATOM   400  C CD  . ARG A 1 56  ? -13.279 0.094   -5.586  1.00  13.41 ? 75   ARG A CD  1 
ATOM   401  N NE  . ARG A 1 56  ? -14.403 0.192   -4.651  1.00  18.86 ? 75   ARG A NE  1 
ATOM   402  C CZ  . ARG A 1 56  ? -14.698 1.251   -3.892  1.00  21.01 ? 75   ARG A CZ  1 
ATOM   403  N NH1 . ARG A 1 56  ? -13.926 2.332   -3.883  1.00  21.72 ? 75   ARG A NH1 1 
ATOM   404  N NH2 . ARG A 1 56  ? -15.764 1.211   -3.103  1.00  21.35 ? 75   ARG A NH2 1 
ATOM   405  N N   . VAL A 1 57  ? -10.728 -2.765  -1.390  1.00  8.61  ? 76   VAL A N   1 
ATOM   406  C CA  . VAL A 1 57  ? -10.680 -3.956  -0.516  1.00  9.04  ? 76   VAL A CA  1 
ATOM   407  C C   . VAL A 1 57  ? -12.029 -4.175  0.158   1.00  8.79  ? 76   VAL A C   1 
ATOM   408  O O   . VAL A 1 57  ? -12.747 -3.216  0.406   1.00  8.76  ? 76   VAL A O   1 
ATOM   409  C CB  . VAL A 1 57  ? -9.531  -3.901  0.539   1.00  8.63  ? 76   VAL A CB  1 
ATOM   410  C CG1 . VAL A 1 57  ? -8.173  -3.749  -0.151  1.00  9.61  ? 76   VAL A CG1 1 
ATOM   411  C CG2 . VAL A 1 57  ? -9.733  -2.776  1.530   1.00  9.28  ? 76   VAL A CG2 1 
ATOM   412  N N   . ALA A 1 58  ? -12.359 -5.439  0.438   1.00  9.13  ? 77   ALA A N   1 
ATOM   413  C CA  . ALA A 1 58  ? -13.663 -5.806  0.990   1.00  8.79  ? 77   ALA A CA  1 
ATOM   414  C C   . ALA A 1 58  ? -13.563 -6.237  2.444   1.00  9.07  ? 77   ALA A C   1 
ATOM   415  O O   . ALA A 1 58  ? -12.621 -6.941  2.835   1.00  8.85  ? 77   ALA A O   1 
ATOM   416  C CB  . ALA A 1 58  ? -14.295 -6.923  0.165   1.00  9.05  ? 77   ALA A CB  1 
ATOM   417  N N   . GLY A 1 59  ? -14.554 -5.828  3.232   1.00  9.34  ? 78   GLY A N   1 
ATOM   418  C CA  . GLY A 1 59  ? -14.623 -6.198  4.642   1.00  10.06 ? 78   GLY A CA  1 
ATOM   419  C C   . GLY A 1 59  ? -14.936 -7.666  4.828   1.00  10.45 ? 78   GLY A C   1 
ATOM   420  O O   . GLY A 1 59  ? -15.776 -8.221  4.114   1.00  10.64 ? 78   GLY A O   1 
ATOM   421  N N   . LYS A 1 60  ? -14.274 -8.293  5.794   1.00  10.98 ? 79   LYS A N   1 
ATOM   422  C CA  . LYS A 1 60  ? -14.460 -9.733  6.050   1.00  12.55 ? 79   LYS A CA  1 
ATOM   423  C C   . LYS A 1 60  ? -15.882 -10.105 6.447   1.00  13.18 ? 79   LYS A C   1 
ATOM   424  O O   . LYS A 1 60  ? -16.425 -11.109 5.973   1.00  13.70 ? 79   LYS A O   1 
ATOM   425  C CB  . LYS A 1 60  ? -13.499 -10.206 7.148   1.00  12.85 ? 79   LYS A CB  1 
ATOM   426  C CG  . LYS A 1 60  ? -12.045 -10.212 6.713   1.00  14.73 ? 79   LYS A CG  1 
ATOM   427  C CD  . LYS A 1 60  ? -11.133 -10.805 7.777   1.00  17.32 ? 79   LYS A CD  1 
ATOM   428  C CE  . LYS A 1 60  ? -9.677  -10.736 7.354   0.010 16.56 ? 79   LYS A CE  1 
ATOM   429  N NZ  . LYS A 1 60  ? -8.777  -11.352 8.367   0.010 16.73 ? 79   LYS A NZ  1 
ATOM   430  N N   . ASN A 1 61  ? -16.477 -9.304  7.327   1.00  13.66 ? 80   ASN A N   1 
ATOM   431  C CA  . ASN A 1 61  ? -17.771 -9.663  7.917   1.00  13.91 ? 80   ASN A CA  1 
ATOM   432  C C   . ASN A 1 61  ? -18.965 -9.081  7.183   1.00  13.58 ? 80   ASN A C   1 
ATOM   433  O O   . ASN A 1 61  ? -20.082 -9.598  7.327   1.00  14.36 ? 80   ASN A O   1 
ATOM   434  C CB  . ASN A 1 61  ? -17.832 -9.250  9.389   1.00  14.61 ? 80   ASN A CB  1 
ATOM   435  C CG  . ASN A 1 61  ? -16.722 -9.861  10.206  1.00  16.54 ? 80   ASN A CG  1 
ATOM   436  O OD1 . ASN A 1 61  ? -16.523 -11.071 10.190  1.00  20.00 ? 80   ASN A OD1 1 
ATOM   437  N ND2 . ASN A 1 61  ? -15.992 -9.022  10.936  1.00  19.34 ? 80   ASN A ND2 1 
ATOM   438  N N   . THR A 1 62  ? -18.743 -8.005  6.423   1.00  12.45 ? 81   THR A N   1 
ATOM   439  C CA  . THR A 1 62  ? -19.836 -7.304  5.746   1.00  12.02 ? 81   THR A CA  1 
ATOM   440  C C   . THR A 1 62  ? -19.765 -7.354  4.220   1.00  11.53 ? 81   THR A C   1 
ATOM   441  O O   . THR A 1 62  ? -20.779 -7.158  3.560   1.00  11.86 ? 81   THR A O   1 
ATOM   442  C CB  . THR A 1 62  ? -19.930 -5.804  6.155   1.00  12.54 ? 81   THR A CB  1 
ATOM   443  O OG1 . THR A 1 62  ? -18.797 -5.085  5.636   1.00  11.82 ? 81   THR A OG1 1 
ATOM   444  C CG2 . THR A 1 62  ? -19.990 -5.647  7.662   1.00  12.73 ? 81   THR A CG2 1 
ATOM   445  N N   . GLY A 1 63  ? -18.573 -7.569  3.667   1.00  10.57 ? 82   GLY A N   1 
ATOM   446  C CA  . GLY A 1 63  ? -18.370 -7.542  2.210   1.00  10.40 ? 82   GLY A CA  1 
ATOM   447  C C   . GLY A 1 63  ? -18.341 -6.148  1.603   1.00  10.65 ? 82   GLY A C   1 
ATOM   448  O O   . GLY A 1 63  ? -18.181 -6.000  0.383   1.00  10.39 ? 82   GLY A O   1 
ATOM   449  N N   . LYS A 1 64  ? -18.499 -5.118  2.438   1.00  10.17 ? 83   LYS A N   1 
ATOM   450  C CA  . LYS A 1 64  ? -18.493 -3.738  1.936   1.00  10.97 ? 83   LYS A CA  1 
ATOM   451  C C   . LYS A 1 64  ? -17.092 -3.358  1.466   1.00  10.46 ? 83   LYS A C   1 
ATOM   452  O O   . LYS A 1 64  ? -16.114 -3.750  2.095   1.00  10.34 ? 83   LYS A O   1 
ATOM   453  C CB  . LYS A 1 64  ? -18.971 -2.753  2.999   1.00  11.28 ? 83   LYS A CB  1 
ATOM   454  C CG  . LYS A 1 64  ? -20.457 -2.911  3.339   1.00  14.70 ? 83   LYS A CG  1 
ATOM   455  C CD  . LYS A 1 64  ? -21.073 -1.608  3.797   1.00  19.91 ? 83   LYS A CD  1 
ATOM   456  C CE  . LYS A 1 64  ? -22.556 -1.774  4.117   1.00  22.18 ? 83   LYS A CE  1 
ATOM   457  N NZ  . LYS A 1 64  ? -23.382 -1.961  2.870   1.00  26.30 ? 83   LYS A NZ  1 
ATOM   458  N N   . GLU A 1 65  ? -17.018 -2.598  0.370   1.00  10.56 ? 84   GLU A N   1 
ATOM   459  C CA  . GLU A 1 65  ? -15.739 -2.157  -0.187  1.00  11.08 ? 84   GLU A CA  1 
ATOM   460  C C   . GLU A 1 65  ? -15.361 -0.765  0.276   1.00  11.12 ? 84   GLU A C   1 
ATOM   461  O O   . GLU A 1 65  ? -16.229 0.108   0.392   1.00  10.90 ? 84   GLU A O   1 
ATOM   462  C CB  . GLU A 1 65  ? -15.773 -2.130  -1.708  1.00  11.69 ? 84   GLU A CB  1 
ATOM   463  C CG  . GLU A 1 65  ? -15.517 -3.454  -2.354  1.00  14.47 ? 84   GLU A CG  1 
ATOM   464  C CD  . GLU A 1 65  ? -15.376 -3.354  -3.863  1.00  19.11 ? 84   GLU A CD  1 
ATOM   465  O OE1 . GLU A 1 65  ? -15.917 -2.396  -4.481  1.00  21.42 ? 84   GLU A OE1 1 
ATOM   466  O OE2 . GLU A 1 65  ? -14.726 -4.247  -4.433  1.00  20.11 ? 84   GLU A OE2 1 
ATOM   467  N N   . ILE A 1 66  ? -14.059 -0.571  0.500   1.00  10.17 ? 85   ILE A N   1 
ATOM   468  C CA  . ILE A 1 66  ? -13.465 0.756   0.730   1.00  10.43 ? 85   ILE A CA  1 
ATOM   469  C C   . ILE A 1 66  ? -12.342 0.981   -0.281  1.00  10.24 ? 85   ILE A C   1 
ATOM   470  O O   . ILE A 1 66  ? -11.786 0.014   -0.812  1.00  10.50 ? 85   ILE A O   1 
ATOM   471  C CB  . ILE A 1 66  ? -12.952 0.926   2.185   1.00  10.30 ? 85   ILE A CB  1 
ATOM   472  C CG1 . ILE A 1 66  ? -11.898 -0.131  2.536   1.00  11.06 ? 85   ILE A CG1 1 
ATOM   473  C CG2 . ILE A 1 66  ? -14.127 0.850   3.185   1.00  11.15 ? 85   ILE A CG2 1 
ATOM   474  C CD1 . ILE A 1 66  ? -11.156 0.133   3.863   1.00  11.56 ? 85   ILE A CD1 1 
ATOM   475  N N   . GLY A 1 67  ? -12.039 2.246   -0.564  1.00  9.83  ? 86   GLY A N   1 
ATOM   476  C CA  . GLY A 1 67  ? -10.961 2.597   -1.490  1.00  9.11  ? 86   GLY A CA  1 
ATOM   477  C C   . GLY A 1 67  ? -9.701  2.894   -0.695  1.00  8.68  ? 86   GLY A C   1 
ATOM   478  O O   . GLY A 1 67  ? -9.736  3.690   0.244   1.00  8.88  ? 86   GLY A O   1 
ATOM   479  N N   . VAL A 1 68  ? -8.600  2.240   -1.062  1.00  8.17  ? 87   VAL A N   1 
ATOM   480  C CA  . VAL A 1 68  ? -7.318  2.405   -0.357  1.00  8.43  ? 87   VAL A CA  1 
ATOM   481  C C   . VAL A 1 68  ? -6.185  2.621   -1.355  1.00  8.20  ? 87   VAL A C   1 
ATOM   482  O O   . VAL A 1 68  ? -6.337  2.357   -2.541  1.00  8.06  ? 87   VAL A O   1 
ATOM   483  C CB  . VAL A 1 68  ? -6.986  1.210   0.589   1.00  8.47  ? 87   VAL A CB  1 
ATOM   484  C CG1 . VAL A 1 68  ? -8.150  0.937   1.568   1.00  8.81  ? 87   VAL A CG1 1 
ATOM   485  C CG2 . VAL A 1 68  ? -6.613  -0.061  -0.218  1.00  9.57  ? 87   VAL A CG2 1 
ATOM   486  N N   . GLY A 1 69  ? -5.050  3.122   -0.880  1.00  8.41  ? 88   GLY A N   1 
ATOM   487  C CA  . GLY A 1 69  ? -3.917  3.340   -1.782  1.00  8.08  ? 88   GLY A CA  1 
ATOM   488  C C   . GLY A 1 69  ? -2.806  4.093   -1.097  1.00  8.70  ? 88   GLY A C   1 
ATOM   489  O O   . GLY A 1 69  ? -2.928  4.464   0.079   1.00  8.51  ? 88   GLY A O   1 
ATOM   490  N N   A LEU A 1 70  ? -1.723  4.335   -1.830  0.80  8.50  ? 89   LEU A N   1 
ATOM   491  N N   B LEU A 1 70  ? -1.716  4.343   -1.815  0.20  8.47  ? 89   LEU A N   1 
ATOM   492  C CA  A LEU A 1 70  ? -0.661  5.189   -1.298  0.80  9.35  ? 89   LEU A CA  1 
ATOM   493  C CA  B LEU A 1 70  ? -0.651  5.186   -1.277  0.20  8.65  ? 89   LEU A CA  1 
ATOM   494  C C   A LEU A 1 70  ? -1.195  6.613   -1.143  0.80  9.00  ? 89   LEU A C   1 
ATOM   495  C C   B LEU A 1 70  ? -1.134  6.629   -1.180  0.20  8.80  ? 89   LEU A C   1 
ATOM   496  O O   A LEU A 1 70  ? -1.990  7.069   -1.953  0.80  8.30  ? 89   LEU A O   1 
ATOM   497  O O   B LEU A 1 70  ? -1.845  7.106   -2.065  0.20  8.63  ? 89   LEU A O   1 
ATOM   498  C CB  A LEU A 1 70  ? 0.562   5.179   -2.221  0.80  9.54  ? 89   LEU A CB  1 
ATOM   499  C CB  B LEU A 1 70  ? 0.605   5.103   -2.145  0.20  8.48  ? 89   LEU A CB  1 
ATOM   500  C CG  A LEU A 1 70  ? 1.300   3.849   -2.440  0.80  11.80 ? 89   LEU A CG  1 
ATOM   501  C CG  B LEU A 1 70  ? 1.603   3.981   -1.839  0.20  8.29  ? 89   LEU A CG  1 
ATOM   502  C CD1 A LEU A 1 70  ? 2.516   4.073   -3.318  0.80  12.07 ? 89   LEU A CD1 1 
ATOM   503  C CD1 B LEU A 1 70  ? 1.040   2.602   -2.173  0.20  7.24  ? 89   LEU A CD1 1 
ATOM   504  C CD2 A LEU A 1 70  ? 1.723   3.216   -1.123  0.80  13.98 ? 89   LEU A CD2 1 
ATOM   505  C CD2 B LEU A 1 70  ? 2.888   4.224   -2.598  0.20  7.37  ? 89   LEU A CD2 1 
ATOM   506  N N   . SER A 1 71  ? -0.753  7.316   -0.103  1.00  9.04  ? 90   SER A N   1 
ATOM   507  C CA  . SER A 1 71  ? -1.170  8.718   0.102   1.00  9.46  ? 90   SER A CA  1 
ATOM   508  C C   . SER A 1 71  ? -0.567  9.611   -0.974  1.00  9.92  ? 90   SER A C   1 
ATOM   509  O O   . SER A 1 71  ? 0.433   9.241   -1.592  1.00  9.17  ? 90   SER A O   1 
ATOM   510  C CB  . SER A 1 71  ? -0.728  9.220   1.474   1.00  9.92  ? 90   SER A CB  1 
ATOM   511  O OG  . SER A 1 71  ? 0.673   9.405   1.508   1.00  9.95  ? 90   SER A OG  1 
ATOM   512  N N   . SER A 1 72  ? -1.187  10.773  -1.201  1.00  10.56 ? 91   SER A N   1 
ATOM   513  C CA  . SER A 1 72  ? -0.671  11.755  -2.159  1.00  11.49 ? 91   SER A CA  1 
ATOM   514  C C   . SER A 1 72  ? 0.770   12.156  -1.858  1.00  10.75 ? 91   SER A C   1 
ATOM   515  O O   . SER A 1 72  ? 1.586   12.280  -2.777  1.00  10.89 ? 91   SER A O   1 
ATOM   516  C CB  . SER A 1 72  ? -1.551  13.002  -2.156  1.00  11.91 ? 91   SER A CB  1 
ATOM   517  O OG  . SER A 1 72  ? -2.808  12.700  -2.724  1.00  16.29 ? 91   SER A OG  1 
ATOM   518  N N   . ASP A 1 73  ? 1.070   12.376  -0.576  1.00  10.73 ? 92   ASP A N   1 
ATOM   519  C CA  . ASP A 1 73  ? 2.437   12.707  -0.144  1.00  10.69 ? 92   ASP A CA  1 
ATOM   520  C C   . ASP A 1 73  ? 3.388   11.555  -0.488  1.00  10.35 ? 92   ASP A C   1 
ATOM   521  O O   . ASP A 1 73  ? 4.468   11.779  -1.030  1.00  10.05 ? 92   ASP A O   1 
ATOM   522  C CB  . ASP A 1 73  ? 2.499   12.986  1.369   1.00  11.29 ? 92   ASP A CB  1 
ATOM   523  C CG  . ASP A 1 73  ? 1.787   14.273  1.780   1.00  13.59 ? 92   ASP A CG  1 
ATOM   524  O OD1 . ASP A 1 73  ? 1.494   15.140  0.928   1.00  16.44 ? 92   ASP A OD1 1 
ATOM   525  O OD2 . ASP A 1 73  ? 1.524   14.415  2.997   1.00  17.88 ? 92   ASP A OD2 1 
ATOM   526  N N   . SER A 1 74  ? 2.977   10.316  -0.218  1.00  9.81  ? 93   SER A N   1 
ATOM   527  C CA  . SER A 1 74  ? 3.838   9.160   -0.534  1.00  9.81  ? 93   SER A CA  1 
ATOM   528  C C   . SER A 1 74  ? 4.084   9.064   -2.029  1.00  10.07 ? 93   SER A C   1 
ATOM   529  O O   . SER A 1 74  ? 5.211   8.834   -2.466  1.00  10.47 ? 93   SER A O   1 
ATOM   530  C CB  . SER A 1 74  ? 3.220   7.862   -0.009  1.00  9.62  ? 93   SER A CB  1 
ATOM   531  O OG  . SER A 1 74  ? 3.188   7.885   1.417   1.00  11.81 ? 93   SER A OG  1 
ATOM   532  N N   . LEU A 1 75  ? 3.039   9.264   -2.823  1.00  9.93  ? 94   LEU A N   1 
ATOM   533  C CA  . LEU A 1 75  ? 3.200   9.210   -4.278  1.00  10.18 ? 94   LEU A CA  1 
ATOM   534  C C   . LEU A 1 75  ? 4.183   10.269  -4.766  1.00  10.70 ? 94   LEU A C   1 
ATOM   535  O O   . LEU A 1 75  ? 4.956   10.029  -5.703  1.00  10.58 ? 94   LEU A O   1 
ATOM   536  C CB  . LEU A 1 75  ? 1.858   9.369   -4.982  1.00  10.36 ? 94   LEU A CB  1 
ATOM   537  C CG  . LEU A 1 75  ? 0.868   8.214   -4.779  1.00  10.95 ? 94   LEU A CG  1 
ATOM   538  C CD1 . LEU A 1 75  ? -0.542  8.641   -5.192  1.00  12.17 ? 94   LEU A CD1 1 
ATOM   539  C CD2 . LEU A 1 75  ? 1.310   6.952   -5.541  1.00  12.75 ? 94   LEU A CD2 1 
ATOM   540  N N   . ARG A 1 76  ? 4.175   11.438  -4.125  1.00  10.50 ? 95   ARG A N   1 
ATOM   541  C CA  . ARG A 1 76  ? 5.085   12.511  -4.545  1.00  11.04 ? 95   ARG A CA  1 
ATOM   542  C C   . ARG A 1 76  ? 6.537   12.264  -4.141  1.00  11.08 ? 95   ARG A C   1 
ATOM   543  O O   . ARG A 1 76  ? 7.442   12.991  -4.586  1.00  11.75 ? 95   ARG A O   1 
ATOM   544  C CB  . ARG A 1 76  ? 4.615   13.866  -4.016  1.00  10.81 ? 95   ARG A CB  1 
ATOM   545  C CG  . ARG A 1 76  ? 3.404   14.414  -4.761  1.00  11.64 ? 95   ARG A CG  1 
ATOM   546  C CD  . ARG A 1 76  ? 3.104   15.849  -4.333  1.00  12.78 ? 95   ARG A CD  1 
ATOM   547  N NE  . ARG A 1 76  ? 2.462   15.860  -3.029  1.00  13.15 ? 95   ARG A NE  1 
ATOM   548  C CZ  . ARG A 1 76  ? 1.148   15.905  -2.837  1.00  13.09 ? 95   ARG A CZ  1 
ATOM   549  N NH1 . ARG A 1 76  ? 0.676   15.886  -1.605  1.00  14.72 ? 95   ARG A NH1 1 
ATOM   550  N NH2 . ARG A 1 76  ? 0.311   15.962  -3.875  1.00  12.64 ? 95   ARG A NH2 1 
ATOM   551  N N   . ARG A 1 77  ? 6.758   11.252  -3.306  1.00  10.44 ? 96   ARG A N   1 
ATOM   552  C CA  . ARG A 1 77  ? 8.111   10.830  -2.920  1.00  10.91 ? 96   ARG A CA  1 
ATOM   553  C C   . ARG A 1 77  ? 8.700   9.747   -3.841  1.00  10.17 ? 96   ARG A C   1 
ATOM   554  O O   . ARG A 1 77  ? 9.838   9.326   -3.652  1.00  10.42 ? 96   ARG A O   1 
ATOM   555  C CB  . ARG A 1 77  ? 8.131   10.292  -1.481  1.00  11.25 ? 96   ARG A CB  1 
ATOM   556  C CG  . ARG A 1 77  ? 7.969   11.341  -0.393  1.00  14.83 ? 96   ARG A CG  1 
ATOM   557  C CD  . ARG A 1 77  ? 7.642   10.676  0.937   1.00  20.06 ? 96   ARG A CD  1 
ATOM   558  N NE  . ARG A 1 77  ? 8.656   9.709   1.360   1.00  24.22 ? 96   ARG A NE  1 
ATOM   559  C CZ  . ARG A 1 77  ? 8.513   8.887   2.398   1.00  24.65 ? 96   ARG A CZ  1 
ATOM   560  N NH1 . ARG A 1 77  ? 9.477   8.043   2.700   0.010 24.51 ? 96   ARG A NH1 1 
ATOM   561  N NH2 . ARG A 1 77  ? 7.404   8.903   3.127   0.010 24.48 ? 96   ARG A NH2 1 
ATOM   562  N N   A SER A 1 78  ? 7.929   9.295   -4.824  0.70  10.02 ? 97   SER A N   1 
ATOM   563  N N   B SER A 1 78  ? 7.930   9.305   -4.833  0.30  9.93  ? 97   SER A N   1 
ATOM   564  C CA  A SER A 1 78  ? 8.418   8.270   -5.744  0.70  9.90  ? 97   SER A CA  1 
ATOM   565  C CA  B SER A 1 78  ? 8.404   8.284   -5.774  0.30  9.51  ? 97   SER A CA  1 
ATOM   566  C C   A SER A 1 78  ? 9.694   8.753   -6.431  0.70  9.92  ? 97   SER A C   1 
ATOM   567  C C   B SER A 1 78  ? 9.674   8.747   -6.481  0.30  9.73  ? 97   SER A C   1 
ATOM   568  O O   A SER A 1 78  ? 9.844   9.949   -6.710  0.70  9.78  ? 97   SER A O   1 
ATOM   569  O O   B SER A 1 78  ? 9.794   9.921   -6.843  0.30  9.71  ? 97   SER A O   1 
ATOM   570  C CB  A SER A 1 78  ? 7.339   7.913   -6.768  0.70  10.30 ? 97   SER A CB  1 
ATOM   571  C CB  B SER A 1 78  ? 7.320   7.950   -6.804  0.30  9.62  ? 97   SER A CB  1 
ATOM   572  O OG  A SER A 1 78  ? 7.808   6.946   -7.683  0.70  11.63 ? 97   SER A OG  1 
ATOM   573  O OG  B SER A 1 78  ? 7.065   9.061   -7.648  0.30  8.26  ? 97   SER A OG  1 
ATOM   574  N N   . ASP A 1 79  ? 10.628  7.833   -6.652  1.00  9.75  ? 98   ASP A N   1 
ATOM   575  C CA  . ASP A 1 79  ? 11.851  8.137   -7.398  1.00  10.05 ? 98   ASP A CA  1 
ATOM   576  C C   . ASP A 1 79  ? 11.580  8.176   -8.901  1.00  10.24 ? 98   ASP A C   1 
ATOM   577  O O   . ASP A 1 79  ? 12.155  8.993   -9.617  1.00  9.82  ? 98   ASP A O   1 
ATOM   578  C CB  . ASP A 1 79  ? 12.936  7.103   -7.093  1.00  10.39 ? 98   ASP A CB  1 
ATOM   579  C CG  . ASP A 1 79  ? 13.500  7.252   -5.684  1.00  13.34 ? 98   ASP A CG  1 
ATOM   580  O OD1 . ASP A 1 79  ? 13.872  6.233   -5.082  1.00  16.12 ? 98   ASP A OD1 1 
ATOM   581  O OD2 . ASP A 1 79  ? 13.578  8.392   -5.189  1.00  16.72 ? 98   ASP A OD2 1 
ATOM   582  N N   . SER A 1 80  ? 10.698  7.290   -9.364  1.00  9.36  ? 99   SER A N   1 
ATOM   583  C CA  . SER A 1 80  ? 10.387  7.159   -10.785 1.00  9.53  ? 99   SER A CA  1 
ATOM   584  C C   . SER A 1 80  ? 9.270   6.141   -10.940 1.00  9.28  ? 99   SER A C   1 
ATOM   585  O O   . SER A 1 80  ? 8.882   5.504   -9.982  1.00  9.14  ? 99   SER A O   1 
ATOM   586  C CB  . SER A 1 80  ? 11.596  6.646   -11.574 1.00  9.66  ? 99   SER A CB  1 
ATOM   587  O OG  . SER A 1 80  ? 11.999  5.363   -11.102 1.00  12.22 ? 99   SER A OG  1 
ATOM   588  N N   . THR A 1 81  ? 8.759   6.007   -12.161 1.00  8.84  ? 100  THR A N   1 
ATOM   589  C CA  . THR A 1 81  ? 7.901   4.877   -12.497 1.00  9.04  ? 100  THR A CA  1 
ATOM   590  C C   . THR A 1 81  ? 8.649   4.118   -13.573 1.00  9.14  ? 100  THR A C   1 
ATOM   591  O O   . THR A 1 81  ? 8.979   4.680   -14.612 1.00  8.63  ? 100  THR A O   1 
ATOM   592  C CB  . THR A 1 81  ? 6.529   5.336   -13.005 1.00  9.68  ? 100  THR A CB  1 
ATOM   593  O OG1 . THR A 1 81  ? 5.909   6.130   -11.992 1.00  10.71 ? 100  THR A OG1 1 
ATOM   594  C CG2 . THR A 1 81  ? 5.637   4.135   -13.313 1.00  10.89 ? 100  THR A CG2 1 
ATOM   595  N N   . GLU A 1 82  ? 8.948   2.852   -13.299 1.00  8.35  ? 101  GLU A N   1 
ATOM   596  C CA  . GLU A 1 82  ? 9.723   2.030   -14.219 1.00  9.03  ? 101  GLU A CA  1 
ATOM   597  C C   . GLU A 1 82  ? 8.853   0.909   -14.741 1.00  9.17  ? 101  GLU A C   1 
ATOM   598  O O   . GLU A 1 82  ? 7.758   0.668   -14.223 1.00  10.09 ? 101  GLU A O   1 
ATOM   599  C CB  . GLU A 1 82  ? 10.966  1.456   -13.510 1.00  9.11  ? 101  GLU A CB  1 
ATOM   600  C CG  . GLU A 1 82  ? 11.848  2.538   -12.840 1.00  9.12  ? 101  GLU A CG  1 
ATOM   601  C CD  . GLU A 1 82  ? 12.591  3.414   -13.832 1.00  11.01 ? 101  GLU A CD  1 
ATOM   602  O OE1 . GLU A 1 82  ? 12.743  3.025   -15.016 1.00  10.28 ? 101  GLU A OE1 1 
ATOM   603  O OE2 . GLU A 1 82  ? 13.071  4.494   -13.413 1.00  11.35 ? 101  GLU A OE2 1 
ATOM   604  N N   . LYS A 1 83  ? 9.335   0.239   -15.782 1.00  9.28  ? 102  LYS A N   1 
ATOM   605  C CA  . LYS A 1 83  ? 8.593   -0.861  -16.372 1.00  9.58  ? 102  LYS A CA  1 
ATOM   606  C C   . LYS A 1 83  ? 9.374   -2.158  -16.244 1.00  10.05 ? 102  LYS A C   1 
ATOM   607  O O   . LYS A 1 83  ? 10.554  -2.197  -16.556 1.00  10.34 ? 102  LYS A O   1 
ATOM   608  C CB  . LYS A 1 83  ? 8.255   -0.550  -17.832 1.00  9.68  ? 102  LYS A CB  1 
ATOM   609  C CG  . LYS A 1 83  ? 7.122   0.461   -17.916 1.00  11.65 ? 102  LYS A CG  1 
ATOM   610  C CD  . LYS A 1 83  ? 6.624   0.645   -19.333 1.00  14.64 ? 102  LYS A CD  1 
ATOM   611  C CE  . LYS A 1 83  ? 5.556   1.716   -19.375 1.00  16.18 ? 102  LYS A CE  1 
ATOM   612  N NZ  . LYS A 1 83  ? 5.095   1.876   -20.779 1.00  18.83 ? 102  LYS A NZ  1 
ATOM   613  N N   . TRP A 1 84  ? 8.698   -3.194  -15.757 1.00  10.20 ? 103  TRP A N   1 
ATOM   614  C CA  . TRP A 1 84  ? 9.257   -4.539  -15.653 1.00  10.36 ? 103  TRP A CA  1 
ATOM   615  C C   . TRP A 1 84  ? 8.535   -5.380  -16.708 1.00  10.76 ? 103  TRP A C   1 
ATOM   616  O O   . TRP A 1 84  ? 7.360   -5.731  -16.547 1.00  10.44 ? 103  TRP A O   1 
ATOM   617  C CB  . TRP A 1 84  ? 9.021   -5.060  -14.237 1.00  11.14 ? 103  TRP A CB  1 
ATOM   618  C CG  . TRP A 1 84  ? 9.721   -6.346  -13.894 1.00  11.50 ? 103  TRP A CG  1 
ATOM   619  C CD1 . TRP A 1 84  ? 10.656  -7.005  -14.635 1.00  12.90 ? 103  TRP A CD1 1 
ATOM   620  C CD2 . TRP A 1 84  ? 9.557   -7.094  -12.689 1.00  11.82 ? 103  TRP A CD2 1 
ATOM   621  N NE1 . TRP A 1 84  ? 11.061  -8.154  -13.974 1.00  12.76 ? 103  TRP A NE1 1 
ATOM   622  C CE2 . TRP A 1 84  ? 10.401  -8.224  -12.776 1.00  12.54 ? 103  TRP A CE2 1 
ATOM   623  C CE3 . TRP A 1 84  ? 8.766   -6.923  -11.544 1.00  11.74 ? 103  TRP A CE3 1 
ATOM   624  C CZ2 . TRP A 1 84  ? 10.487  -9.176  -11.752 1.00  13.46 ? 103  TRP A CZ2 1 
ATOM   625  C CZ3 . TRP A 1 84  ? 8.843   -7.872  -10.529 1.00  12.91 ? 103  TRP A CZ3 1 
ATOM   626  C CH2 . TRP A 1 84  ? 9.705   -8.987  -10.642 1.00  12.85 ? 103  TRP A CH2 1 
ATOM   627  N N   . ASN A 1 85  ? 9.231   -5.631  -17.820 1.00  11.59 ? 104  ASN A N   1 
ATOM   628  C CA  . ASN A 1 85  ? 8.637   -6.263  -18.998 1.00  12.19 ? 104  ASN A CA  1 
ATOM   629  C C   . ASN A 1 85  ? 7.296   -5.618  -19.357 1.00  11.92 ? 104  ASN A C   1 
ATOM   630  O O   . ASN A 1 85  ? 6.285   -6.304  -19.552 1.00  12.42 ? 104  ASN A O   1 
ATOM   631  C CB  . ASN A 1 85  ? 8.477   -7.773  -18.772 1.00  12.78 ? 104  ASN A CB  1 
ATOM   632  C CG  . ASN A 1 85  ? 9.790   -8.469  -18.524 1.00  15.12 ? 104  ASN A CG  1 
ATOM   633  O OD1 . ASN A 1 85  ? 10.764  -8.260  -19.245 1.00  19.53 ? 104  ASN A OD1 1 
ATOM   634  N ND2 . ASN A 1 85  ? 9.826   -9.310  -17.497 1.00  18.01 ? 104  ASN A ND2 1 
ATOM   635  N N   . GLY A 1 86  ? 7.279   -4.285  -19.398 1.00  11.40 ? 105  GLY A N   1 
ATOM   636  C CA  . GLY A 1 86  ? 6.076   -3.559  -19.791 1.00  10.44 ? 105  GLY A CA  1 
ATOM   637  C C   . GLY A 1 86  ? 5.127   -3.180  -18.663 1.00  10.26 ? 105  GLY A C   1 
ATOM   638  O O   . GLY A 1 86  ? 4.225   -2.380  -18.884 1.00  9.75  ? 105  GLY A O   1 
ATOM   639  N N   . VAL A 1 87  ? 5.325   -3.741  -17.463 1.00  8.82  ? 106  VAL A N   1 
ATOM   640  C CA  . VAL A 1 87  ? 4.415   -3.490  -16.338 1.00  8.51  ? 106  VAL A CA  1 
ATOM   641  C C   . VAL A 1 87  ? 4.930   -2.323  -15.493 1.00  9.05  ? 106  VAL A C   1 
ATOM   642  O O   . VAL A 1 87  ? 6.069   -2.355  -15.040 1.00  9.16  ? 106  VAL A O   1 
ATOM   643  C CB  . VAL A 1 87  ? 4.247   -4.756  -15.456 1.00  8.82  ? 106  VAL A CB  1 
ATOM   644  C CG1 . VAL A 1 87  ? 3.321   -4.477  -14.257 1.00  8.30  ? 106  VAL A CG1 1 
ATOM   645  C CG2 . VAL A 1 87  ? 3.670   -5.878  -16.287 1.00  8.63  ? 106  VAL A CG2 1 
ATOM   646  N N   . ASN A 1 88  ? 4.086   -1.312  -15.274 1.00  8.92  ? 107  ASN A N   1 
ATOM   647  C CA  . ASN A 1 88  ? 4.456   -0.141  -14.465 1.00  8.70  ? 107  ASN A CA  1 
ATOM   648  C C   . ASN A 1 88  ? 4.637   -0.505  -12.999 1.00  8.46  ? 107  ASN A C   1 
ATOM   649  O O   . ASN A 1 88  ? 3.776   -1.143  -12.411 1.00  8.90  ? 107  ASN A O   1 
ATOM   650  C CB  . ASN A 1 88  ? 3.358   0.929   -14.488 1.00  9.25  ? 107  ASN A CB  1 
ATOM   651  C CG  . ASN A 1 88  ? 3.141   1.529   -15.850 1.00  10.93 ? 107  ASN A CG  1 
ATOM   652  O OD1 . ASN A 1 88  ? 4.099   1.827   -16.572 1.00  13.64 ? 107  ASN A OD1 1 
ATOM   653  N ND2 . ASN A 1 88  ? 1.861   1.739   -16.208 1.00  12.44 ? 107  ASN A ND2 1 
ATOM   654  N N   . TRP A 1 89  ? 5.753   -0.080  -12.410 1.00  7.73  ? 108  TRP A N   1 
ATOM   655  C CA  . TRP A 1 89  ? 5.921   -0.112  -10.961 1.00  7.73  ? 108  TRP A CA  1 
ATOM   656  C C   . TRP A 1 89  ? 6.511   1.227   -10.558 1.00  8.33  ? 108  TRP A C   1 
ATOM   657  O O   . TRP A 1 89  ? 7.592   1.614   -11.045 1.00  7.96  ? 108  TRP A O   1 
ATOM   658  C CB  . TRP A 1 89  ? 6.924   -1.201  -10.543 1.00  8.14  ? 108  TRP A CB  1 
ATOM   659  C CG  . TRP A 1 89  ? 6.480   -2.640  -10.740 1.00  7.61  ? 108  TRP A CG  1 
ATOM   660  C CD1 . TRP A 1 89  ? 6.418   -3.343  -11.918 1.00  8.91  ? 108  TRP A CD1 1 
ATOM   661  C CD2 . TRP A 1 89  ? 6.070   -3.537  -9.710  1.00  8.28  ? 108  TRP A CD2 1 
ATOM   662  N NE1 . TRP A 1 89  ? 5.984   -4.644  -11.676 1.00  8.32  ? 108  TRP A NE1 1 
ATOM   663  C CE2 . TRP A 1 89  ? 5.761   -4.783  -10.327 1.00  8.53  ? 108  TRP A CE2 1 
ATOM   664  C CE3 . TRP A 1 89  ? 5.934   -3.415  -8.317  1.00  8.40  ? 108  TRP A CE3 1 
ATOM   665  C CZ2 . TRP A 1 89  ? 5.339   -5.900  -9.588  1.00  8.84  ? 108  TRP A CZ2 1 
ATOM   666  C CZ3 . TRP A 1 89  ? 5.497   -4.526  -7.581  1.00  8.86  ? 108  TRP A CZ3 1 
ATOM   667  C CH2 . TRP A 1 89  ? 5.205   -5.748  -8.223  1.00  9.54  ? 108  TRP A CH2 1 
ATOM   668  N N   . MET A 1 90  ? 5.819   1.930   -9.670  1.00  8.64  ? 109  MET A N   1 
ATOM   669  C CA  A MET A 1 90  ? 6.380   3.122   -9.058  0.50  9.41  ? 109  MET A CA  1 
ATOM   670  C CA  B MET A 1 90  ? 6.369   3.120   -9.021  0.50  9.26  ? 109  MET A CA  1 
ATOM   671  C C   . MET A 1 90  ? 7.448   2.712   -8.035  1.00  9.41  ? 109  MET A C   1 
ATOM   672  O O   . MET A 1 90  ? 7.256   1.780   -7.267  1.00  9.68  ? 109  MET A O   1 
ATOM   673  C CB  A MET A 1 90  ? 5.268   3.956   -8.422  0.50  9.26  ? 109  MET A CB  1 
ATOM   674  C CB  B MET A 1 90  ? 5.282   3.843   -8.241  0.50  9.22  ? 109  MET A CB  1 
ATOM   675  C CG  A MET A 1 90  ? 4.243   4.447   -9.450  0.50  9.64  ? 109  MET A CG  1 
ATOM   676  C CG  B MET A 1 90  ? 4.486   4.806   -9.052  0.50  10.10 ? 109  MET A CG  1 
ATOM   677  S SD  A MET A 1 90  ? 3.077   5.707   -8.873  0.50  11.45 ? 109  MET A SD  1 
ATOM   678  S SD  B MET A 1 90  ? 3.477   5.809   -7.953  0.50  10.22 ? 109  MET A SD  1 
ATOM   679  C CE  A MET A 1 90  ? 4.183   6.977   -8.253  0.50  6.41  ? 109  MET A CE  1 
ATOM   680  C CE  B MET A 1 90  ? 2.412   6.537   -9.212  0.50  10.29 ? 109  MET A CE  1 
ATOM   681  N N   . THR A 1 91  ? 8.585   3.406   -8.055  1.00  9.45  ? 110  THR A N   1 
ATOM   682  C CA  . THR A 1 91  ? 9.718   3.045   -7.195  1.00  9.08  ? 110  THR A CA  1 
ATOM   683  C C   . THR A 1 91  ? 9.956   4.094   -6.123  1.00  9.21  ? 110  THR A C   1 
ATOM   684  O O   . THR A 1 91  ? 9.602   5.263   -6.300  1.00  9.31  ? 110  THR A O   1 
ATOM   685  C CB  . THR A 1 91  ? 11.018  2.848   -7.990  1.00  8.52  ? 110  THR A CB  1 
ATOM   686  O OG1 . THR A 1 91  ? 11.415  4.092   -8.563  1.00  10.45 ? 110  THR A OG1 1 
ATOM   687  C CG2 . THR A 1 91  ? 10.834  1.794   -9.093  1.00  9.13  ? 110  THR A CG2 1 
ATOM   688  N N   . PHE A 1 92  ? 10.541  3.652   -5.012  1.00  9.19  ? 111  PHE A N   1 
ATOM   689  C CA  . PHE A 1 92  ? 10.740  4.477   -3.820  1.00  9.53  ? 111  PHE A CA  1 
ATOM   690  C C   . PHE A 1 92  ? 12.067  4.100   -3.175  1.00  10.44 ? 111  PHE A C   1 
ATOM   691  O O   . PHE A 1 92  ? 12.586  3.016   -3.412  1.00  9.56  ? 111  PHE A O   1 
ATOM   692  C CB  . PHE A 1 92  ? 9.599   4.234   -2.819  1.00  10.04 ? 111  PHE A CB  1 
ATOM   693  C CG  . PHE A 1 92  ? 8.235   4.589   -3.357  1.00  9.07  ? 111  PHE A CG  1 
ATOM   694  C CD1 . PHE A 1 92  ? 7.489   3.660   -4.087  1.00  10.35 ? 111  PHE A CD1 1 
ATOM   695  C CD2 . PHE A 1 92  ? 7.690   5.843   -3.123  1.00  9.47  ? 111  PHE A CD2 1 
ATOM   696  C CE1 . PHE A 1 92  ? 6.227   3.990   -4.600  1.00  11.10 ? 111  PHE A CE1 1 
ATOM   697  C CE2 . PHE A 1 92  ? 6.426   6.177   -3.634  1.00  9.86  ? 111  PHE A CE2 1 
ATOM   698  C CZ  . PHE A 1 92  ? 5.708   5.257   -4.371  1.00  10.94 ? 111  PHE A CZ  1 
ATOM   699  N N   . ASN A 1 93  ? 12.626  4.992   -2.362  1.00  11.49 ? 112  ASN A N   1 
ATOM   700  C CA  . ASN A 1 93  ? 13.862  4.673   -1.651  1.00  12.54 ? 112  ASN A CA  1 
ATOM   701  C C   . ASN A 1 93  ? 13.614  3.585   -0.632  1.00  12.31 ? 112  ASN A C   1 
ATOM   702  O O   . ASN A 1 93  ? 12.635  3.639   0.108   1.00  12.41 ? 112  ASN A O   1 
ATOM   703  C CB  . ASN A 1 93  ? 14.391  5.905   -0.900  1.00  13.26 ? 112  ASN A CB  1 
ATOM   704  C CG  . ASN A 1 93  ? 14.930  6.985   -1.823  1.00  15.70 ? 112  ASN A CG  1 
ATOM   705  O OD1 . ASN A 1 93  ? 15.291  6.729   -2.971  1.00  17.66 ? 112  ASN A OD1 1 
ATOM   706  N ND2 . ASN A 1 93  ? 15.034  8.207   -1.297  1.00  19.20 ? 112  ASN A ND2 1 
ATOM   707  N N   . SER A 1 94  ? 14.500  2.599   -0.588  1.00  11.77 ? 113  SER A N   1 
ATOM   708  C CA  A SER A 1 94  ? 14.519  1.638   0.510   0.50  11.79 ? 113  SER A CA  1 
ATOM   709  C CA  B SER A 1 94  ? 14.501  1.644   0.513   0.50  12.08 ? 113  SER A CA  1 
ATOM   710  C C   . SER A 1 94  ? 14.943  2.372   1.774   1.00  12.25 ? 113  SER A C   1 
ATOM   711  O O   . SER A 1 94  ? 15.420  3.521   1.707   1.00  11.47 ? 113  SER A O   1 
ATOM   712  C CB  A SER A 1 94  ? 15.495  0.503   0.211   0.50  11.69 ? 113  SER A CB  1 
ATOM   713  C CB  B SER A 1 94  ? 15.422  0.465   0.210   0.50  12.04 ? 113  SER A CB  1 
ATOM   714  O OG  A SER A 1 94  ? 16.813  1.002   0.082   0.50  11.57 ? 113  SER A OG  1 
ATOM   715  O OG  B SER A 1 94  ? 14.931  -0.266  -0.898  0.50  13.61 ? 113  SER A OG  1 
ATOM   716  N N   . ASN A 1 95  ? 14.779  1.709   2.915   1.00  12.76 ? 114  ASN A N   1 
ATOM   717  C CA  . ASN A 1 95  ? 15.067  2.300   4.224   1.00  13.41 ? 114  ASN A CA  1 
ATOM   718  C C   . ASN A 1 95  ? 14.234  3.556   4.429   1.00  13.86 ? 114  ASN A C   1 
ATOM   719  O O   . ASN A 1 95  ? 14.741  4.629   4.760   1.00  12.96 ? 114  ASN A O   1 
ATOM   720  C CB  . ASN A 1 95  ? 16.562  2.528   4.402   1.00  13.13 ? 114  ASN A CB  1 
ATOM   721  C CG  . ASN A 1 95  ? 17.355  1.239   4.257   1.00  14.25 ? 114  ASN A CG  1 
ATOM   722  O OD1 . ASN A 1 95  ? 16.968  0.189   4.794   1.00  14.34 ? 114  ASN A OD1 1 
ATOM   723  N ND2 . ASN A 1 95  ? 18.448  1.301   3.523   1.00  16.85 ? 114  ASN A ND2 1 
ATOM   724  N N   . ASP A 1 96  ? 12.938  3.388   4.216   1.00  15.14 ? 115  ASP A N   1 
ATOM   725  C CA  . ASP A 1 96  ? 11.985  4.470   4.300   1.00  16.78 ? 115  ASP A CA  1 
ATOM   726  C C   . ASP A 1 96  ? 10.614  3.865   4.587   1.00  16.73 ? 115  ASP A C   1 
ATOM   727  O O   . ASP A 1 96  ? 10.468  2.629   4.620   1.00  16.25 ? 115  ASP A O   1 
ATOM   728  C CB  . ASP A 1 96  ? 11.977  5.237   2.974   1.00  17.80 ? 115  ASP A CB  1 
ATOM   729  C CG  . ASP A 1 96  ? 11.681  6.711   3.154   1.00  21.90 ? 115  ASP A CG  1 
ATOM   730  O OD1 . ASP A 1 96  ? 10.982  7.091   4.130   1.00  24.50 ? 115  ASP A OD1 1 
ATOM   731  O OD2 . ASP A 1 96  ? 12.153  7.504   2.302   1.00  27.37 ? 115  ASP A OD2 1 
ATOM   732  N N   . THR A 1 97  ? 9.622   4.725   4.824   1.00  16.80 ? 116  THR A N   1 
ATOM   733  C CA  . THR A 1 97  ? 8.258   4.287   5.111   1.00  16.88 ? 116  THR A CA  1 
ATOM   734  C C   . THR A 1 97  ? 7.293   4.993   4.168   1.00  16.68 ? 116  THR A C   1 
ATOM   735  O O   . THR A 1 97  ? 7.586   6.090   3.693   1.00  17.36 ? 116  THR A O   1 
ATOM   736  C CB  . THR A 1 97  ? 7.832   4.590   6.563   1.00  17.53 ? 116  THR A CB  1 
ATOM   737  O OG1 . THR A 1 97  ? 7.779   6.011   6.759   1.00  18.86 ? 116  THR A OG1 1 
ATOM   738  C CG2 . THR A 1 97  ? 8.807   3.975   7.586   1.00  16.78 ? 116  THR A CG2 1 
ATOM   739  N N   . LEU A 1 98  ? 6.164   4.352   3.881   1.00  15.24 ? 117  LEU A N   1 
ATOM   740  C CA  . LEU A 1 98  ? 5.107   4.955   3.077   1.00  14.24 ? 117  LEU A CA  1 
ATOM   741  C C   . LEU A 1 98  ? 3.769   4.797   3.804   1.00  13.82 ? 117  LEU A C   1 
ATOM   742  O O   . LEU A 1 98  ? 3.604   3.873   4.607   1.00  13.75 ? 117  LEU A O   1 
ATOM   743  C CB  . LEU A 1 98  ? 5.034   4.290   1.700   1.00  14.83 ? 117  LEU A CB  1 
ATOM   744  C CG  . LEU A 1 98  ? 6.256   4.310   0.776   1.00  15.10 ? 117  LEU A CG  1 
ATOM   745  C CD1 . LEU A 1 98  ? 5.961   3.467   -0.464  1.00  15.22 ? 117  LEU A CD1 1 
ATOM   746  C CD2 . LEU A 1 98  ? 6.664   5.751   0.407   1.00  15.15 ? 117  LEU A CD2 1 
ATOM   747  N N   . ASP A 1 99  ? 2.821   5.693   3.522   1.00  12.65 ? 118  ASP A N   1 
ATOM   748  C CA  . ASP A 1 99  ? 1.493   5.639   4.143   1.00  12.57 ? 118  ASP A CA  1 
ATOM   749  C C   . ASP A 1 99  ? 0.462   5.094   3.170   1.00  11.39 ? 118  ASP A C   1 
ATOM   750  O O   . ASP A 1 99  ? 0.405   5.529   2.013   1.00  10.86 ? 118  ASP A O   1 
ATOM   751  C CB  . ASP A 1 99  ? 1.039   7.028   4.627   1.00  12.76 ? 118  ASP A CB  1 
ATOM   752  C CG  . ASP A 1 99  ? 1.928   7.582   5.729   1.00  16.00 ? 118  ASP A CG  1 
ATOM   753  O OD1 . ASP A 1 99  ? 2.234   6.837   6.689   1.00  18.56 ? 118  ASP A OD1 1 
ATOM   754  O OD2 . ASP A 1 99  ? 2.323   8.767   5.639   1.00  18.78 ? 118  ASP A OD2 1 
ATOM   755  N N   . ILE A 1 100 ? -0.322  4.131   3.653   1.00  10.44 ? 119  ILE A N   1 
ATOM   756  C CA  . ILE A 1 100 ? -1.522  3.643   2.977   1.00  10.52 ? 119  ILE A CA  1 
ATOM   757  C C   . ILE A 1 100 ? -2.700  4.362   3.622   1.00  10.05 ? 119  ILE A C   1 
ATOM   758  O O   . ILE A 1 100 ? -2.794  4.446   4.863   1.00  9.81  ? 119  ILE A O   1 
ATOM   759  C CB  . ILE A 1 100 ? -1.716  2.102   3.154   1.00  10.83 ? 119  ILE A CB  1 
ATOM   760  C CG1 . ILE A 1 100 ? -0.454  1.302   2.789   1.00  12.56 ? 119  ILE A CG1 1 
ATOM   761  C CG2 . ILE A 1 100 ? -2.984  1.616   2.403   1.00  11.31 ? 119  ILE A CG2 1 
ATOM   762  C CD1 . ILE A 1 100 ? 0.179   1.660   1.473   1.00  15.84 ? 119  ILE A CD1 1 
ATOM   763  N N   . VAL A 1 101 ? -3.586  4.900   2.787   1.00  9.67  ? 120  VAL A N   1 
ATOM   764  C CA  . VAL A 1 101 ? -4.674  5.754   3.251   1.00  9.63  ? 120  VAL A CA  1 
ATOM   765  C C   . VAL A 1 101 ? -6.012  5.334   2.630   1.00  9.83  ? 120  VAL A C   1 
ATOM   766  O O   . VAL A 1 101 ? -6.046  4.542   1.687   1.00  9.13  ? 120  VAL A O   1 
ATOM   767  C CB  . VAL A 1 101 ? -4.397  7.255   2.911   1.00  9.80  ? 120  VAL A CB  1 
ATOM   768  C CG1 . VAL A 1 101 ? -3.140  7.759   3.631   1.00  9.85  ? 120  VAL A CG1 1 
ATOM   769  C CG2 . VAL A 1 101 ? -4.296  7.469   1.392   1.00  10.82 ? 120  VAL A CG2 1 
ATOM   770  N N   . LEU A 1 102 ? -7.107  5.858   3.180   1.00  9.80  ? 121  LEU A N   1 
ATOM   771  C CA  . LEU A 1 102 ? -8.395  5.820   2.509   1.00  10.20 ? 121  LEU A CA  1 
ATOM   772  C C   . LEU A 1 102 ? -8.330  6.865   1.405   1.00  11.33 ? 121  LEU A C   1 
ATOM   773  O O   . LEU A 1 102 ? -8.115  8.043   1.684   1.00  11.23 ? 121  LEU A O   1 
ATOM   774  C CB  . LEU A 1 102 ? -9.514  6.166   3.496   1.00  9.95  ? 121  LEU A CB  1 
ATOM   775  C CG  . LEU A 1 102 ? -9.830  5.177   4.622   1.00  10.46 ? 121  LEU A CG  1 
ATOM   776  C CD1 . LEU A 1 102 ? -10.873 5.759   5.576   1.00  10.19 ? 121  LEU A CD1 1 
ATOM   777  C CD2 . LEU A 1 102 ? -10.331 3.859   4.035   1.00  11.11 ? 121  LEU A CD2 1 
ATOM   778  N N   . THR A 1 103 ? -8.512  6.446   0.156   1.00  11.56 ? 122  THR A N   1 
ATOM   779  C CA  . THR A 1 103 ? -8.337  7.350   -0.980  1.00  13.05 ? 122  THR A CA  1 
ATOM   780  C C   . THR A 1 103 ? -9.535  8.252   -1.226  1.00  14.30 ? 122  THR A C   1 
ATOM   781  O O   . THR A 1 103 ? -10.635 8.008   -0.723  1.00  14.15 ? 122  THR A O   1 
ATOM   782  C CB  . THR A 1 103 ? -8.069  6.559   -2.277  1.00  12.93 ? 122  THR A CB  1 
ATOM   783  O OG1 . THR A 1 103 ? -9.101  5.573   -2.442  1.00  13.12 ? 122  THR A OG1 1 
ATOM   784  C CG2 . THR A 1 103 ? -6.711  5.879   -2.191  1.00  12.77 ? 122  THR A CG2 1 
ATOM   785  N N   . GLY A 1 104 ? -9.305  9.293   -2.018  1.00  15.59 ? 123  GLY A N   1 
ATOM   786  C CA  . GLY A 1 104 ? -10.390 10.147  -2.518  1.00  16.92 ? 123  GLY A CA  1 
ATOM   787  C C   . GLY A 1 104 ? -11.051 10.967  -1.424  1.00  17.81 ? 123  GLY A C   1 
ATOM   788  O O   . GLY A 1 104 ? -10.452 11.204  -0.373  1.00  17.53 ? 123  GLY A O   1 
ATOM   789  N N   . PRO A 1 105 ? -12.296 11.422  -1.670  1.00  18.48 ? 124  PRO A N   1 
ATOM   790  C CA  . PRO A 1 105 ? -13.040 12.173  -0.669  1.00  18.56 ? 124  PRO A CA  1 
ATOM   791  C C   . PRO A 1 105 ? -13.356 11.311  0.553   1.00  18.72 ? 124  PRO A C   1 
ATOM   792  O O   . PRO A 1 105 ? -13.175 10.084  0.512   1.00  18.87 ? 124  PRO A O   1 
ATOM   793  C CB  . PRO A 1 105 ? -14.343 12.551  -1.391  1.00  18.97 ? 124  PRO A CB  1 
ATOM   794  C CG  . PRO A 1 105 ? -14.124 12.269  -2.818  1.00  19.59 ? 124  PRO A CG  1 
ATOM   795  C CD  . PRO A 1 105 ? -13.056 11.239  -2.918  1.00  18.85 ? 124  PRO A CD  1 
ATOM   796  N N   . ALA A 1 106 ? -13.815 11.956  1.624   1.00  18.24 ? 125  ALA A N   1 
ATOM   797  C CA  . ALA A 1 106 ? -14.184 11.280  2.862   1.00  17.56 ? 125  ALA A CA  1 
ATOM   798  C C   . ALA A 1 106 ? -15.057 10.050  2.600   1.00  17.01 ? 125  ALA A C   1 
ATOM   799  O O   . ALA A 1 106 ? -16.014 10.103  1.817   1.00  16.91 ? 125  ALA A O   1 
ATOM   800  C CB  . ALA A 1 106 ? -14.894 12.240  3.787   1.00  17.95 ? 125  ALA A CB  1 
ATOM   801  N N   . GLN A 1 107 ? -14.710 8.948   3.260   1.00  15.76 ? 126  GLN A N   1 
ATOM   802  C CA  . GLN A 1 107 ? -15.436 7.699   3.142   1.00  15.02 ? 126  GLN A CA  1 
ATOM   803  C C   . GLN A 1 107 ? -16.161 7.379   4.433   1.00  15.29 ? 126  GLN A C   1 
ATOM   804  O O   . GLN A 1 107 ? -15.636 7.617   5.528   1.00  15.78 ? 126  GLN A O   1 
ATOM   805  C CB  . GLN A 1 107 ? -14.474 6.552   2.806   1.00  14.64 ? 126  GLN A CB  1 
ATOM   806  C CG  . GLN A 1 107 ? -13.905 6.619   1.383   1.00  14.03 ? 126  GLN A CG  1 
ATOM   807  C CD  . GLN A 1 107 ? -13.029 5.417   1.042   1.00  14.12 ? 126  GLN A CD  1 
ATOM   808  O OE1 . GLN A 1 107 ? -13.473 4.259   1.121   1.00  14.43 ? 126  GLN A OE1 1 
ATOM   809  N NE2 . GLN A 1 107 ? -11.780 5.684   0.672   1.00  13.17 ? 126  GLN A NE2 1 
ATOM   810  N N   . ASN A 1 108 ? -17.369 6.848   4.301   1.00  15.36 ? 127  ASN A N   1 
ATOM   811  C CA  . ASN A 1 108 ? -18.095 6.334   5.452   1.00  15.96 ? 127  ASN A CA  1 
ATOM   812  C C   . ASN A 1 108 ? -17.870 4.837   5.552   1.00  15.02 ? 127  ASN A C   1 
ATOM   813  O O   . ASN A 1 108 ? -18.407 4.050   4.760   1.00  14.94 ? 127  ASN A O   1 
ATOM   814  C CB  . ASN A 1 108 ? -19.590 6.647   5.377   1.00  16.99 ? 127  ASN A CB  1 
ATOM   815  C CG  . ASN A 1 108 ? -20.266 6.550   6.737   1.00  19.78 ? 127  ASN A CG  1 
ATOM   816  O OD1 . ASN A 1 108 ? -20.037 5.608   7.496   1.00  22.99 ? 127  ASN A OD1 1 
ATOM   817  N ND2 . ASN A 1 108 ? -21.084 7.539   7.060   1.00  24.26 ? 127  ASN A ND2 1 
ATOM   818  N N   . VAL A 1 109 ? -17.077 4.459   6.544   1.00  14.10 ? 128  VAL A N   1 
ATOM   819  C CA  . VAL A 1 109 ? -16.577 3.094   6.661   1.00  13.27 ? 128  VAL A CA  1 
ATOM   820  C C   . VAL A 1 109 ? -17.375 2.297   7.686   1.00  13.51 ? 128  VAL A C   1 
ATOM   821  O O   . VAL A 1 109 ? -17.495 2.699   8.849   1.00  14.21 ? 128  VAL A O   1 
ATOM   822  C CB  . VAL A 1 109 ? -15.079 3.095   7.040   1.00  13.27 ? 128  VAL A CB  1 
ATOM   823  C CG1 . VAL A 1 109 ? -14.546 1.673   7.114   1.00  12.60 ? 128  VAL A CG1 1 
ATOM   824  C CG2 . VAL A 1 109 ? -14.266 3.925   6.024   1.00  11.98 ? 128  VAL A CG2 1 
ATOM   825  N N   . THR A 1 110 ? -17.938 1.174   7.242   1.00  12.81 ? 129  THR A N   1 
ATOM   826  C CA  . THR A 1 110 ? -18.660 0.246   8.116   1.00  12.93 ? 129  THR A CA  1 
ATOM   827  C C   . THR A 1 110 ? -17.662 -0.517  8.998   1.00  12.77 ? 129  THR A C   1 
ATOM   828  O O   . THR A 1 110 ? -16.613 -0.946  8.511   1.00  12.78 ? 129  THR A O   1 
ATOM   829  C CB  . THR A 1 110 ? -19.473 -0.748  7.257   1.00  13.01 ? 129  THR A CB  1 
ATOM   830  O OG1 . THR A 1 110 ? -20.461 -0.023  6.520   1.00  13.69 ? 129  THR A OG1 1 
ATOM   831  C CG2 . THR A 1 110 ? -20.153 -1.801  8.112   1.00  13.95 ? 129  THR A CG2 1 
ATOM   832  N N   . ALA A 1 111 ? -17.990 -0.678  10.283  1.00  11.82 ? 130  ALA A N   1 
ATOM   833  C CA  . ALA A 1 111 ? -17.134 -1.425  11.206  1.00  12.02 ? 130  ALA A CA  1 
ATOM   834  C C   . ALA A 1 111 ? -16.907 -2.834  10.679  1.00  11.63 ? 130  ALA A C   1 
ATOM   835  O O   . ALA A 1 111 ? -17.863 -3.580  10.438  1.00  11.62 ? 130  ALA A O   1 
ATOM   836  C CB  . ALA A 1 111 ? -17.736 -1.472  12.616  1.00  11.96 ? 130  ALA A CB  1 
ATOM   837  N N   . ASP A 1 112 ? -15.636 -3.179  10.496  1.00  11.17 ? 131  ASP A N   1 
ATOM   838  C CA  . ASP A 1 112 ? -15.232 -4.456  9.885   1.00  10.86 ? 131  ASP A CA  1 
ATOM   839  C C   . ASP A 1 112 ? -13.702 -4.566  9.897   1.00  11.06 ? 131  ASP A C   1 
ATOM   840  O O   . ASP A 1 112 ? -13.007 -3.616  10.280  1.00  11.40 ? 131  ASP A O   1 
ATOM   841  C CB  . ASP A 1 112 ? -15.749 -4.539  8.437   1.00  11.03 ? 131  ASP A CB  1 
ATOM   842  C CG  . ASP A 1 112 ? -16.002 -5.968  7.967   1.00  11.47 ? 131  ASP A CG  1 
ATOM   843  O OD1 . ASP A 1 112 ? -16.726 -6.124  6.947   1.00  11.25 ? 131  ASP A OD1 1 
ATOM   844  O OD2 . ASP A 1 112 ? -15.477 -6.929  8.580   1.00  12.07 ? 131  ASP A OD2 1 
ATOM   845  N N   . THR A 1 113 ? -13.201 -5.736  9.507   1.00  10.81 ? 132  THR A N   1 
ATOM   846  C CA  . THR A 1 113 ? -11.781 -5.974  9.289   1.00  11.06 ? 132  THR A CA  1 
ATOM   847  C C   . THR A 1 113 ? -11.581 -6.044  7.775   1.00  10.48 ? 132  THR A C   1 
ATOM   848  O O   . THR A 1 113 ? -12.281 -6.786  7.079   1.00  11.30 ? 132  THR A O   1 
ATOM   849  C CB  . THR A 1 113 ? -11.331 -7.290  9.947   1.00  11.42 ? 132  THR A CB  1 
ATOM   850  O OG1 . THR A 1 113 ? -11.566 -7.209  11.357  1.00  13.57 ? 132  THR A OG1 1 
ATOM   851  C CG2 . THR A 1 113 ? -9.848  -7.555  9.703   1.00  11.66 ? 132  THR A CG2 1 
ATOM   852  N N   . TYR A 1 114 ? -10.648 -5.243  7.280   1.00  10.10 ? 133  TYR A N   1 
ATOM   853  C CA  . TYR A 1 114 ? -10.364 -5.143  5.851   1.00  9.51  ? 133  TYR A CA  1 
ATOM   854  C C   . TYR A 1 114 ? -8.936  -5.590  5.602   1.00  9.69  ? 133  TYR A C   1 
ATOM   855  O O   . TYR A 1 114 ? -8.002  -4.933  6.070   1.00  9.31  ? 133  TYR A O   1 
ATOM   856  C CB  . TYR A 1 114 ? -10.535 -3.686  5.376   1.00  9.76  ? 133  TYR A CB  1 
ATOM   857  C CG  . TYR A 1 114 ? -11.934 -3.144  5.551   1.00  9.22  ? 133  TYR A CG  1 
ATOM   858  C CD1 . TYR A 1 114 ? -12.320 -2.540  6.747   1.00  10.66 ? 133  TYR A CD1 1 
ATOM   859  C CD2 . TYR A 1 114 ? -12.869 -3.217  4.518   1.00  10.23 ? 133  TYR A CD2 1 
ATOM   860  C CE1 . TYR A 1 114 ? -13.612 -2.035  6.921   1.00  9.82  ? 133  TYR A CE1 1 
ATOM   861  C CE2 . TYR A 1 114 ? -14.171 -2.718  4.677   1.00  10.04 ? 133  TYR A CE2 1 
ATOM   862  C CZ  . TYR A 1 114 ? -14.534 -2.129  5.885   1.00  10.88 ? 133  TYR A CZ  1 
ATOM   863  O OH  . TYR A 1 114 ? -15.812 -1.632  6.053   1.00  10.39 ? 133  TYR A OH  1 
ATOM   864  N N   . PRO A 1 115 ? -8.749  -6.723  4.892   1.00  9.82  ? 134  PRO A N   1 
ATOM   865  C CA  . PRO A 1 115 ? -7.385  -7.166  4.611   1.00  10.25 ? 134  PRO A CA  1 
ATOM   866  C C   . PRO A 1 115 ? -6.773  -6.327  3.501   1.00  10.87 ? 134  PRO A C   1 
ATOM   867  O O   . PRO A 1 115 ? -7.478  -5.934  2.563   1.00  11.15 ? 134  PRO A O   1 
ATOM   868  C CB  . PRO A 1 115 ? -7.573  -8.616  4.139   1.00  10.68 ? 134  PRO A CB  1 
ATOM   869  C CG  . PRO A 1 115 ? -8.938  -8.631  3.525   1.00  10.30 ? 134  PRO A CG  1 
ATOM   870  C CD  . PRO A 1 115 ? -9.759  -7.659  4.356   1.00  9.56  ? 134  PRO A CD  1 
ATOM   871  N N   . ILE A 1 116 ? -5.493  -6.001  3.643   1.00  10.67 ? 135  ILE A N   1 
ATOM   872  C CA  A ILE A 1 116 ? -4.732  -5.335  2.583   0.50  11.04 ? 135  ILE A CA  1 
ATOM   873  C CA  B ILE A 1 116 ? -4.750  -5.365  2.560   0.50  10.82 ? 135  ILE A CA  1 
ATOM   874  C C   . ILE A 1 116 ? -3.524  -6.200  2.228   1.00  11.00 ? 135  ILE A C   1 
ATOM   875  O O   . ILE A 1 116 ? -2.880  -6.767  3.126   1.00  11.68 ? 135  ILE A O   1 
ATOM   876  C CB  A ILE A 1 116 ? -4.316  -3.902  3.000   0.50  11.13 ? 135  ILE A CB  1 
ATOM   877  C CB  B ILE A 1 116 ? -4.372  -3.900  2.866   0.50  10.80 ? 135  ILE A CB  1 
ATOM   878  C CG1 A ILE A 1 116 ? -5.569  -3.035  3.179   0.50  11.85 ? 135  ILE A CG1 1 
ATOM   879  C CG1 B ILE A 1 116 ? -3.590  -3.785  4.181   0.50  10.59 ? 135  ILE A CG1 1 
ATOM   880  C CG2 A ILE A 1 116 ? -3.347  -3.268  1.978   0.50  11.78 ? 135  ILE A CG2 1 
ATOM   881  C CG2 B ILE A 1 116 ? -5.627  -3.018  2.871   0.50  11.28 ? 135  ILE A CG2 1 
ATOM   882  C CD1 A ILE A 1 116 ? -5.311  -1.645  3.699   0.50  12.95 ? 135  ILE A CD1 1 
ATOM   883  C CD1 B ILE A 1 116 ? -2.902  -2.434  4.367   0.50  10.84 ? 135  ILE A CD1 1 
ATOM   884  N N   . THR A 1 117 ? -3.227  -6.305  0.934   1.00  10.35 ? 136  THR A N   1 
ATOM   885  C CA  . THR A 1 117 ? -2.088  -7.070  0.446   1.00  10.25 ? 136  THR A CA  1 
ATOM   886  C C   . THR A 1 117 ? -1.307  -6.179  -0.513  1.00  10.51 ? 136  THR A C   1 
ATOM   887  O O   . THR A 1 117 ? -1.895  -5.487  -1.347  1.00  10.03 ? 136  THR A O   1 
ATOM   888  C CB  . THR A 1 117 ? -2.528  -8.346  -0.291  1.00  10.06 ? 136  THR A CB  1 
ATOM   889  O OG1 . THR A 1 117 ? -3.230  -9.211  0.610   1.00  10.66 ? 136  THR A OG1 1 
ATOM   890  C CG2 . THR A 1 117 ? -1.319  -9.104  -0.825  1.00  11.14 ? 136  THR A CG2 1 
ATOM   891  N N   . LEU A 1 118 ? 0.012   -6.190  -0.361  1.00  10.73 ? 137  LEU A N   1 
ATOM   892  C CA  . LEU A 1 118 ? 0.905   -5.469  -1.246  1.00  11.60 ? 137  LEU A CA  1 
ATOM   893  C C   . LEU A 1 118 ? 1.969   -6.412  -1.757  1.00  11.07 ? 137  LEU A C   1 
ATOM   894  O O   . LEU A 1 118 ? 2.322   -7.393  -1.093  1.00  11.49 ? 137  LEU A O   1 
ATOM   895  C CB  . LEU A 1 118 ? 1.632   -4.346  -0.492  1.00  12.86 ? 137  LEU A CB  1 
ATOM   896  C CG  . LEU A 1 118 ? 0.887   -3.297  0.299   1.00  15.47 ? 137  LEU A CG  1 
ATOM   897  C CD1 . LEU A 1 118 ? 1.873   -2.462  1.038   1.00  18.47 ? 137  LEU A CD1 1 
ATOM   898  C CD2 . LEU A 1 118 ? 0.119   -2.443  -0.646  1.00  20.46 ? 137  LEU A CD2 1 
ATOM   899  N N   A ASP A 1 119 ? 2.449   -6.142  -2.972  0.50  10.64 ? 138  ASP A N   1 
ATOM   900  N N   B ASP A 1 119 ? 2.515   -6.065  -2.914  0.50  10.95 ? 138  ASP A N   1 
ATOM   901  C CA  A ASP A 1 119 ? 3.645   -6.780  -3.519  0.50  10.24 ? 138  ASP A CA  1 
ATOM   902  C CA  B ASP A 1 119 ? 3.624   -6.781  -3.492  0.50  10.80 ? 138  ASP A CA  1 
ATOM   903  C C   A ASP A 1 119 ? 4.754   -5.738  -3.521  0.50  10.27 ? 138  ASP A C   1 
ATOM   904  C C   B ASP A 1 119 ? 4.783   -5.795  -3.654  0.50  10.59 ? 138  ASP A C   1 
ATOM   905  O O   A ASP A 1 119 ? 4.521   -4.570  -3.870  0.50  9.75  ? 138  ASP A O   1 
ATOM   906  O O   B ASP A 1 119 ? 4.606   -4.719  -4.232  0.50  10.04 ? 138  ASP A O   1 
ATOM   907  C CB  A ASP A 1 119 ? 3.414   -7.255  -4.956  0.50  10.29 ? 138  ASP A CB  1 
ATOM   908  C CB  B ASP A 1 119 ? 3.190   -7.346  -4.835  0.50  11.38 ? 138  ASP A CB  1 
ATOM   909  C CG  A ASP A 1 119 ? 2.827   -8.656  -5.041  0.50  11.12 ? 138  ASP A CG  1 
ATOM   910  C CG  B ASP A 1 119 ? 4.140   -8.368  -5.354  0.50  12.95 ? 138  ASP A CG  1 
ATOM   911  O OD1 A ASP A 1 119 ? 2.445   -9.061  -6.159  0.50  11.09 ? 138  ASP A OD1 1 
ATOM   912  O OD1 B ASP A 1 119 ? 3.787   -9.571  -5.367  0.50  17.12 ? 138  ASP A OD1 1 
ATOM   913  O OD2 A ASP A 1 119 ? 2.767   -9.363  -4.013  0.50  10.47 ? 138  ASP A OD2 1 
ATOM   914  O OD2 B ASP A 1 119 ? 5.252   -7.973  -5.726  0.50  15.68 ? 138  ASP A OD2 1 
ATOM   915  N N   . VAL A 1 120 ? 5.950   -6.158  -3.123  1.00  10.09 ? 139  VAL A N   1 
ATOM   916  C CA  . VAL A 1 120 ? 7.126   -5.270  -3.087  1.00  10.69 ? 139  VAL A CA  1 
ATOM   917  C C   . VAL A 1 120 ? 8.259   -6.003  -3.807  1.00  10.63 ? 139  VAL A C   1 
ATOM   918  O O   . VAL A 1 120 ? 8.406   -7.217  -3.644  1.00  11.27 ? 139  VAL A O   1 
ATOM   919  C CB  . VAL A 1 120 ? 7.519   -4.936  -1.602  1.00  11.36 ? 139  VAL A CB  1 
ATOM   920  C CG1 . VAL A 1 120 ? 8.791   -4.104  -1.524  1.00  13.29 ? 139  VAL A CG1 1 
ATOM   921  C CG2 . VAL A 1 120 ? 6.373   -4.202  -0.892  1.00  12.61 ? 139  VAL A CG2 1 
ATOM   922  N N   . VAL A 1 121 ? 9.028   -5.290  -4.628  1.00  9.68  ? 140  VAL A N   1 
ATOM   923  C CA  . VAL A 1 121 ? 10.157  -5.902  -5.333  1.00  9.36  ? 140  VAL A CA  1 
ATOM   924  C C   . VAL A 1 121 ? 11.353  -4.948  -5.335  1.00  9.55  ? 140  VAL A C   1 
ATOM   925  O O   . VAL A 1 121 ? 11.181  -3.727  -5.439  1.00  9.37  ? 140  VAL A O   1 
ATOM   926  C CB  . VAL A 1 121 ? 9.779   -6.334  -6.784  1.00  8.87  ? 140  VAL A CB  1 
ATOM   927  C CG1 . VAL A 1 121 ? 9.273   -5.154  -7.606  1.00  10.28 ? 140  VAL A CG1 1 
ATOM   928  C CG2 . VAL A 1 121 ? 10.962  -7.015  -7.488  1.00  9.62  ? 140  VAL A CG2 1 
ATOM   929  N N   . GLY A 1 122 ? 12.559  -5.500  -5.201  1.00  9.28  ? 141  GLY A N   1 
ATOM   930  C CA  . GLY A 1 122 ? 13.778  -4.686  -5.268  1.00  9.44  ? 141  GLY A CA  1 
ATOM   931  C C   . GLY A 1 122 ? 14.048  -4.101  -6.638  1.00  9.80  ? 141  GLY A C   1 
ATOM   932  O O   . GLY A 1 122 ? 13.793  -4.740  -7.664  1.00  9.84  ? 141  GLY A O   1 
ATOM   933  N N   . TYR A 1 123 ? 14.562  -2.874  -6.651  1.00  10.17 ? 142  TYR A N   1 
ATOM   934  C CA  . TYR A 1 123 ? 14.929  -2.191  -7.893  1.00  11.97 ? 142  TYR A CA  1 
ATOM   935  C C   . TYR A 1 123 ? 16.307  -1.552  -7.762  1.00  13.22 ? 142  TYR A C   1 
ATOM   936  O O   . TYR A 1 123 ? 16.571  -0.845  -6.793  1.00  13.68 ? 142  TYR A O   1 
ATOM   937  C CB  . TYR A 1 123 ? 13.894  -1.108  -8.251  1.00  11.67 ? 142  TYR A CB  1 
ATOM   938  C CG  . TYR A 1 123 ? 14.192  -0.418  -9.574  1.00  10.74 ? 142  TYR A CG  1 
ATOM   939  C CD1 . TYR A 1 123 ? 14.015  -1.085  -10.781 1.00  11.55 ? 142  TYR A CD1 1 
ATOM   940  C CD2 . TYR A 1 123 ? 14.662  0.898   -9.616  1.00  12.60 ? 142  TYR A CD2 1 
ATOM   941  C CE1 . TYR A 1 123 ? 14.286  -0.459  -12.005 1.00  12.05 ? 142  TYR A CE1 1 
ATOM   942  C CE2 . TYR A 1 123 ? 14.946  1.534   -10.845 1.00  11.45 ? 142  TYR A CE2 1 
ATOM   943  C CZ  . TYR A 1 123 ? 14.761  0.841   -12.027 1.00  11.65 ? 142  TYR A CZ  1 
ATOM   944  O OH  . TYR A 1 123 ? 15.036  1.436   -13.252 1.00  12.78 ? 142  TYR A OH  1 
ATOM   945  N N   . GLN A 1 124 ? 17.175  -1.811  -8.737  1.00  14.92 ? 143  GLN A N   1 
ATOM   946  C CA  . GLN A 1 124 ? 18.489  -1.168  -8.790  1.00  16.63 ? 143  GLN A CA  1 
ATOM   947  C C   . GLN A 1 124 ? 18.469  -0.141  -9.927  1.00  17.50 ? 143  GLN A C   1 
ATOM   948  O O   . GLN A 1 124 ? 18.372  -0.522  -11.097 1.00  17.22 ? 143  GLN A O   1 
ATOM   949  C CB  . GLN A 1 124 ? 19.590  -2.208  -9.001  1.00  17.42 ? 143  GLN A CB  1 
ATOM   950  C CG  . GLN A 1 124 ? 21.011  -1.695  -8.756  0.010 16.87 ? 143  GLN A CG  1 
ATOM   951  C CD  . GLN A 1 124 ? 21.427  -1.736  -7.290  0.010 16.93 ? 143  GLN A CD  1 
ATOM   952  O OE1 . GLN A 1 124 ? 20.655  -1.385  -6.395  0.010 16.86 ? 143  GLN A OE1 1 
ATOM   953  N NE2 . GLN A 1 124 ? 22.661  -2.159  -7.042  0.010 16.89 ? 143  GLN A NE2 1 
ATOM   954  N N   . PRO A 1 125 ? 18.502  1.160   -9.581  1.00  18.53 ? 144  PRO A N   1 
ATOM   955  C CA  . PRO A 1 125 ? 18.308  2.249   -10.557 1.00  19.71 ? 144  PRO A CA  1 
ATOM   956  C C   . PRO A 1 125 ? 19.454  2.427   -11.554 1.00  20.72 ? 144  PRO A C   1 
ATOM   957  O O   . PRO A 1 125 ? 19.260  3.046   -12.604 1.00  21.62 ? 144  PRO A O   1 
ATOM   958  C CB  . PRO A 1 125 ? 18.156  3.494   -9.672  1.00  19.93 ? 144  PRO A CB  1 
ATOM   959  C CG  . PRO A 1 125 ? 18.880  3.154   -8.420  1.00  19.30 ? 144  PRO A CG  1 
ATOM   960  C CD  . PRO A 1 125 ? 18.684  1.681   -8.214  1.00  18.84 ? 144  PRO A CD  1 
ATOM   961  O OXT . PRO A 1 125 ? 20.579  1.955   -11.363 1.00  21.14 ? 144  PRO A OXT 1 
ATOM   962  N N   . GLY B 2 1   ? 18.389  0.588   -15.418 1.00  21.66 ? 1    GLY B N   1 
ATOM   963  C CA  . GLY B 2 1   ? 18.007  -0.037  -14.111 1.00  20.54 ? 1    GLY B CA  1 
ATOM   964  C C   . GLY B 2 1   ? 17.396  -1.404  -14.322 1.00  20.14 ? 1    GLY B C   1 
ATOM   965  O O   . GLY B 2 1   ? 17.104  -1.784  -15.456 1.00  20.41 ? 1    GLY B O   1 
ATOM   966  N N   . SER B 2 2   ? 17.205  -2.157  -13.240 1.00  19.27 ? 2    SER B N   1 
ATOM   967  C CA  . SER B 2 2   ? 16.571  -3.471  -13.348 1.00  18.68 ? 2    SER B CA  1 
ATOM   968  C C   . SER B 2 2   ? 15.900  -3.919  -12.050 1.00  17.41 ? 2    SER B C   1 
ATOM   969  O O   . SER B 2 2   ? 16.313  -3.536  -10.959 1.00  16.70 ? 2    SER B O   1 
ATOM   970  C CB  . SER B 2 2   ? 17.574  -4.529  -13.820 1.00  19.47 ? 2    SER B CB  1 
ATOM   971  O OG  . SER B 2 2   ? 18.705  -4.562  -12.976 1.00  21.42 ? 2    SER B OG  1 
ATOM   972  N N   . PHE B 2 3   ? 14.853  -4.723  -12.203 1.00  16.47 ? 3    PHE B N   1 
ATOM   973  C CA  . PHE B 2 3   ? 14.133  -5.326  -11.089 1.00  15.63 ? 3    PHE B CA  1 
ATOM   974  C C   . PHE B 2 3   ? 14.804  -6.630  -10.705 1.00  16.29 ? 3    PHE B C   1 
ATOM   975  O O   . PHE B 2 3   ? 15.353  -7.314  -11.568 1.00  16.54 ? 3    PHE B O   1 
ATOM   976  C CB  . PHE B 2 3   ? 12.680  -5.574  -11.479 1.00  15.08 ? 3    PHE B CB  1 
ATOM   977  C CG  . PHE B 2 3   ? 11.883  -4.307  -11.624 1.00  12.60 ? 3    PHE B CG  1 
ATOM   978  C CD1 . PHE B 2 3   ? 11.911  -3.582  -12.809 1.00  13.19 ? 3    PHE B CD1 1 
ATOM   979  C CD2 . PHE B 2 3   ? 11.149  -3.822  -10.554 1.00  12.33 ? 3    PHE B CD2 1 
ATOM   980  C CE1 . PHE B 2 3   ? 11.188  -2.400  -12.934 1.00  12.95 ? 3    PHE B CE1 1 
ATOM   981  C CE2 . PHE B 2 3   ? 10.416  -2.645  -10.667 1.00  13.84 ? 3    PHE B CE2 1 
ATOM   982  C CZ  . PHE B 2 3   ? 10.437  -1.932  -11.860 1.00  13.12 ? 3    PHE B CZ  1 
ATOM   983  N N   . LEU B 2 4   ? 14.781  -6.945  -9.411  1.00  16.50 ? 4    LEU B N   1 
ATOM   984  C CA  . LEU B 2 4   ? 15.382  -8.180  -8.883  1.00  17.00 ? 4    LEU B CA  1 
ATOM   985  C C   . LEU B 2 4   ? 14.280  -9.190  -8.552  1.00  16.58 ? 4    LEU B C   1 
ATOM   986  O O   . LEU B 2 4   ? 13.719  -9.157  -7.459  1.00  15.94 ? 4    LEU B O   1 
ATOM   987  C CB  . LEU B 2 4   ? 16.234  -7.889  -7.634  1.00  17.35 ? 4    LEU B CB  1 
ATOM   988  C CG  . LEU B 2 4   ? 17.609  -7.204  -7.734  1.00  19.66 ? 4    LEU B CG  1 
ATOM   989  C CD1 . LEU B 2 4   ? 18.436  -7.780  -8.888  1.00  22.25 ? 4    LEU B CD1 1 
ATOM   990  C CD2 . LEU B 2 4   ? 17.518  -5.690  -7.833  1.00  21.76 ? 4    LEU B CD2 1 
ATOM   991  N N   . PRO B 2 5   ? 13.968  -10.095 -9.495  1.00  17.16 ? 5    PRO B N   1 
ATOM   992  C CA  . PRO B 2 5   ? 12.813  -10.994 -9.323  1.00  17.43 ? 5    PRO B CA  1 
ATOM   993  C C   . PRO B 2 5   ? 12.856  -11.852 -8.060  1.00  17.38 ? 5    PRO B C   1 
ATOM   994  O O   . PRO B 2 5   ? 11.805  -12.150 -7.482  1.00  16.99 ? 5    PRO B O   1 
ATOM   995  C CB  . PRO B 2 5   ? 12.830  -11.874 -10.580 1.00  17.81 ? 5    PRO B CB  1 
ATOM   996  C CG  . PRO B 2 5   ? 14.086  -11.586 -11.278 1.00  17.97 ? 5    PRO B CG  1 
ATOM   997  C CD  . PRO B 2 5   ? 14.677  -10.318 -10.767 1.00  17.58 ? 5    PRO B CD  1 
ATOM   998  N N   . ASN B 2 6   ? 14.057  -12.223 -7.614  1.00  17.15 ? 6    ASN B N   1 
ATOM   999  C CA  . ASN B 2 6   ? 14.187  -13.052 -6.409  1.00  17.31 ? 6    ASN B CA  1 
ATOM   1000 C C   . ASN B 2 6   ? 13.874  -12.306 -5.118  1.00  16.72 ? 6    ASN B C   1 
ATOM   1001 O O   . ASN B 2 6   ? 13.695  -12.921 -4.063  1.00  16.61 ? 6    ASN B O   1 
ATOM   1002 C CB  . ASN B 2 6   ? 15.584  -13.666 -6.332  1.00  17.72 ? 6    ASN B CB  1 
ATOM   1003 C CG  . ASN B 2 6   ? 15.894  -14.549 -7.527  1.00  20.87 ? 6    ASN B CG  1 
ATOM   1004 O OD1 . ASN B 2 6   ? 15.058  -15.354 -7.944  1.00  24.19 ? 6    ASN B OD1 1 
ATOM   1005 N ND2 . ASN B 2 6   ? 17.094  -14.394 -8.092  1.00  22.28 ? 6    ASN B ND2 1 
ATOM   1006 N N   . SER B 2 7   ? 13.802  -10.980 -5.202  1.00  15.86 ? 7    SER B N   1 
ATOM   1007 C CA  . SER B 2 7   ? 13.520  -10.161 -4.028  1.00  15.19 ? 7    SER B CA  1 
ATOM   1008 C C   . SER B 2 7   ? 12.027  -9.858  -3.844  1.00  14.86 ? 7    SER B C   1 
ATOM   1009 O O   . SER B 2 7   ? 11.642  -9.264  -2.835  1.00  14.66 ? 7    SER B O   1 
ATOM   1010 C CB  . SER B 2 7   ? 14.300  -8.841  -4.105  1.00  15.45 ? 7    SER B CB  1 
ATOM   1011 O OG  . SER B 2 7   ? 13.735  -7.988  -5.084  1.00  14.98 ? 7    SER B OG  1 
ATOM   1012 N N   . GLU B 2 8   ? 11.193  -10.235 -4.814  1.00  14.37 ? 8    GLU B N   1 
ATOM   1013 C CA  . GLU B 2 8   ? 9.758   -9.912  -4.732  1.00  14.22 ? 8    GLU B CA  1 
ATOM   1014 C C   . GLU B 2 8   ? 9.111   -10.638 -3.552  1.00  14.08 ? 8    GLU B C   1 
ATOM   1015 O O   . GLU B 2 8   ? 9.387   -11.816 -3.326  1.00  13.67 ? 8    GLU B O   1 
ATOM   1016 C CB  . GLU B 2 8   ? 9.036   -10.247 -6.035  1.00  13.80 ? 8    GLU B CB  1 
ATOM   1017 C CG  . GLU B 2 8   ? 7.571   -9.844  -6.022  1.00  14.14 ? 8    GLU B CG  1 
ATOM   1018 C CD  . GLU B 2 8   ? 6.879   -9.977  -7.371  1.00  16.16 ? 8    GLU B CD  1 
ATOM   1019 O OE1 . GLU B 2 8   ? 7.448   -10.609 -8.291  1.00  19.79 ? 8    GLU B OE1 1 
ATOM   1020 O OE2 . GLU B 2 8   ? 5.744   -9.458  -7.498  1.00  17.49 ? 8    GLU B OE2 1 
ATOM   1021 N N   . GLN B 2 9   ? 8.277   -9.927  -2.789  1.00  14.01 ? 9    GLN B N   1 
ATOM   1022 C CA  . GLN B 2 9   ? 7.568   -10.490 -1.627  1.00  14.51 ? 9    GLN B CA  1 
ATOM   1023 C C   . GLN B 2 9   ? 6.153   -9.962  -1.629  1.00  13.88 ? 9    GLN B C   1 
ATOM   1024 O O   . GLN B 2 9   ? 5.924   -8.841  -2.082  1.00  13.20 ? 9    GLN B O   1 
ATOM   1025 C CB  . GLN B 2 9   ? 8.171   -10.010 -0.298  1.00  14.94 ? 9    GLN B CB  1 
ATOM   1026 C CG  . GLN B 2 9   ? 9.655   -10.113 -0.125  1.00  17.09 ? 9    GLN B CG  1 
ATOM   1027 C CD  . GLN B 2 9   ? 10.068  -9.764  1.297   1.00  17.14 ? 9    GLN B CD  1 
ATOM   1028 O OE1 . GLN B 2 9   ? 9.232   -9.708  2.210   1.00  20.42 ? 9    GLN B OE1 1 
ATOM   1029 N NE2 . GLN B 2 9   ? 11.358  -9.560  1.497   1.00  20.35 ? 9    GLN B NE2 1 
ATOM   1030 N N   . GLN B 2 10  ? 5.215   -10.749 -1.096  1.00  13.34 ? 10   GLN B N   1 
ATOM   1031 C CA  . GLN B 2 10  ? 3.851   -10.281 -0.844  1.00  13.68 ? 10   GLN B CA  1 
ATOM   1032 C C   . GLN B 2 10  ? 3.683   -10.156 0.669   1.00  13.81 ? 10   GLN B C   1 
ATOM   1033 O O   . GLN B 2 10  ? 4.153   -11.026 1.430   1.00  14.06 ? 10   GLN B O   1 
ATOM   1034 C CB  . GLN B 2 10  ? 2.837   -11.282 -1.413  1.00  14.27 ? 10   GLN B CB  1 
ATOM   1035 C CG  . GLN B 2 10  ? 1.399   -10.820 -1.410  1.00  14.90 ? 10   GLN B CG  1 
ATOM   1036 C CD  . GLN B 2 10  ? 0.443   -11.891 -1.946  1.00  15.23 ? 10   GLN B CD  1 
ATOM   1037 O OE1 . GLN B 2 10  ? 0.053   -11.871 -3.114  1.00  17.36 ? 10   GLN B OE1 1 
ATOM   1038 N NE2 . GLN B 2 10  ? 0.064   -12.826 -1.081  1.00  16.45 ? 10   GLN B NE2 1 
ATOM   1039 N N   . LYS B 2 11  ? 3.047   -9.079  1.117   1.00  12.82 ? 11   LYS B N   1 
ATOM   1040 C CA  . LYS B 2 11  ? 2.827   -8.856  2.544   1.00  13.33 ? 11   LYS B CA  1 
ATOM   1041 C C   . LYS B 2 11  ? 1.388   -8.427  2.747   1.00  12.84 ? 11   LYS B C   1 
ATOM   1042 O O   . LYS B 2 11  ? 0.869   -7.607  1.986   1.00  13.03 ? 11   LYS B O   1 
ATOM   1043 C CB  . LYS B 2 11  ? 3.758   -7.762  3.082   1.00  14.26 ? 11   LYS B CB  1 
ATOM   1044 C CG  . LYS B 2 11  ? 4.078   -7.890  4.571   1.00  18.72 ? 11   LYS B CG  1 
ATOM   1045 C CD  . LYS B 2 11  ? 5.290   -8.802  4.750   1.00  22.67 ? 11   LYS B CD  1 
ATOM   1046 C CE  . LYS B 2 11  ? 5.546   -9.141  6.203   1.00  26.70 ? 11   LYS B CE  1 
ATOM   1047 N NZ  . LYS B 2 11  ? 6.374   -10.388 6.283   1.00  29.53 ? 11   LYS B NZ  1 
ATOM   1048 N N   . SER B 2 12  ? 0.756   -8.973  3.782   1.00  11.94 ? 12   SER B N   1 
ATOM   1049 C CA  A SER B 2 12  ? -0.644  -8.665  4.069   0.50  11.84 ? 12   SER B CA  1 
ATOM   1050 C CA  B SER B 2 12  ? -0.650  -8.698  4.065   0.50  12.67 ? 12   SER B CA  1 
ATOM   1051 C C   . SER B 2 12  ? -0.836  -8.235  5.509   1.00  12.50 ? 12   SER B C   1 
ATOM   1052 O O   . SER B 2 12  ? -0.040  -8.593  6.383   1.00  12.37 ? 12   SER B O   1 
ATOM   1053 C CB  A SER B 2 12  ? -1.530  -9.873  3.774   0.50  11.80 ? 12   SER B CB  1 
ATOM   1054 C CB  B SER B 2 12  ? -1.478  -9.960  3.793   0.50  12.80 ? 12   SER B CB  1 
ATOM   1055 O OG  A SER B 2 12  ? -1.474  -10.208 2.406   0.50  9.05  ? 12   SER B OG  1 
ATOM   1056 O OG  B SER B 2 12  ? -2.856  -9.668  3.673   0.50  14.89 ? 12   SER B OG  1 
ATOM   1057 N N   . ALA B 2 13  ? -1.891  -7.458  5.756   1.00  12.47 ? 13   ALA B N   1 
ATOM   1058 C CA  . ALA B 2 13  ? -2.235  -7.023  7.114   1.00  13.38 ? 13   ALA B CA  1 
ATOM   1059 C C   . ALA B 2 13  ? -3.744  -6.824  7.224   1.00  13.61 ? 13   ALA B C   1 
ATOM   1060 O O   . ALA B 2 13  ? -4.428  -6.652  6.208   1.00  13.76 ? 13   ALA B O   1 
ATOM   1061 C CB  . ALA B 2 13  ? -1.484  -5.735  7.472   1.00  13.56 ? 13   ALA B CB  1 
ATOM   1062 N N   . ASP B 2 14  ? -4.267  -6.875  8.451   1.00  13.24 ? 14   ASP B N   1 
ATOM   1063 C CA  . ASP B 2 14  ? -5.685  -6.651  8.701   1.00  13.64 ? 14   ASP B CA  1 
ATOM   1064 C C   . ASP B 2 14  ? -5.909  -5.261  9.288   1.00  13.38 ? 14   ASP B C   1 
ATOM   1065 O O   . ASP B 2 14  ? -5.337  -4.935  10.337  1.00  14.05 ? 14   ASP B O   1 
ATOM   1066 C CB  . ASP B 2 14  ? -6.217  -7.708  9.686   1.00  14.31 ? 14   ASP B CB  1 
ATOM   1067 C CG  . ASP B 2 14  ? -6.452  -9.052  9.034   1.00  16.59 ? 14   ASP B CG  1 
ATOM   1068 O OD1 . ASP B 2 14  ? -6.476  -9.126  7.781   1.00  18.70 ? 14   ASP B OD1 1 
ATOM   1069 O OD2 . ASP B 2 14  ? -6.636  -10.039 9.781   1.00  21.02 ? 14   ASP B OD2 1 
ATOM   1070 N N   . ILE B 2 15  ? -6.737  -4.465  8.614   1.00  11.82 ? 15   ILE B N   1 
ATOM   1071 C CA  . ILE B 2 15  ? -7.108  -3.113  9.051   1.00  12.28 ? 15   ILE B CA  1 
ATOM   1072 C C   . ILE B 2 15  ? -8.478  -3.163  9.717   1.00  11.94 ? 15   ILE B C   1 
ATOM   1073 O O   . ILE B 2 15  ? -9.464  -3.551  9.086   1.00  12.60 ? 15   ILE B O   1 
ATOM   1074 C CB  . ILE B 2 15  ? -7.200  -2.118  7.851   1.00  12.24 ? 15   ILE B CB  1 
ATOM   1075 C CG1 . ILE B 2 15  ? -5.937  -2.153  6.979   1.00  13.92 ? 15   ILE B CG1 1 
ATOM   1076 C CG2 . ILE B 2 15  ? -7.497  -0.705  8.327   1.00  12.25 ? 15   ILE B CG2 1 
ATOM   1077 C CD1 . ILE B 2 15  ? -4.641  -1.982  7.712   1.00  12.74 ? 15   ILE B CD1 1 
ATOM   1078 N N   . VAL B 2 16  ? -8.537  -2.756  10.981  1.00  11.66 ? 16   VAL B N   1 
ATOM   1079 C CA  . VAL B 2 16  ? -9.762  -2.891  11.769  1.00  11.70 ? 16   VAL B CA  1 
ATOM   1080 C C   . VAL B 2 16  ? -10.364 -1.526  12.093  1.00  12.26 ? 16   VAL B C   1 
ATOM   1081 O O   . VAL B 2 16  ? -9.700  -0.672  12.691  1.00  12.04 ? 16   VAL B O   1 
ATOM   1082 C CB  . VAL B 2 16  ? -9.491  -3.674  13.082  1.00  11.92 ? 16   VAL B CB  1 
ATOM   1083 C CG1 . VAL B 2 16  ? -10.793 -3.895  13.867  1.00  12.24 ? 16   VAL B CG1 1 
ATOM   1084 C CG2 . VAL B 2 16  ? -8.801  -5.005  12.782  1.00  11.49 ? 16   VAL B CG2 1 
ATOM   1085 N N   . PHE B 2 17  ? -11.607 -1.318  11.664  1.00  12.48 ? 17   PHE B N   1 
ATOM   1086 C CA  . PHE B 2 17  ? -12.382 -0.146  12.052  1.00  13.17 ? 17   PHE B CA  1 
ATOM   1087 C C   . PHE B 2 17  ? -13.380 -0.628  13.093  1.00  14.17 ? 17   PHE B C   1 
ATOM   1088 O O   . PHE B 2 17  ? -14.156 -1.552  12.839  1.00  13.95 ? 17   PHE B O   1 
ATOM   1089 C CB  . PHE B 2 17  ? -13.132 0.475   10.871  1.00  12.33 ? 17   PHE B CB  1 
ATOM   1090 C CG  . PHE B 2 17  ? -12.248 1.153   9.860   1.00  12.37 ? 17   PHE B CG  1 
ATOM   1091 C CD1 . PHE B 2 17  ? -11.533 0.404   8.928   1.00  13.52 ? 17   PHE B CD1 1 
ATOM   1092 C CD2 . PHE B 2 17  ? -12.149 2.549   9.825   1.00  11.73 ? 17   PHE B CD2 1 
ATOM   1093 C CE1 . PHE B 2 17  ? -10.724 1.035   7.971   1.00  11.47 ? 17   PHE B CE1 1 
ATOM   1094 C CE2 . PHE B 2 17  ? -11.340 3.194   8.883   1.00  11.64 ? 17   PHE B CE2 1 
ATOM   1095 C CZ  . PHE B 2 17  ? -10.633 2.427   7.945   1.00  11.64 ? 17   PHE B CZ  1 
ATOM   1096 N N   A SER B 2 18  ? -13.356 0.004   14.263  0.70  14.74 ? 18   SER B N   1 
ATOM   1097 N N   B SER B 2 18  ? -13.351 -0.011  14.269  0.30  14.86 ? 18   SER B N   1 
ATOM   1098 C CA  A SER B 2 18  ? -14.218 -0.394  15.377  0.70  15.88 ? 18   SER B CA  1 
ATOM   1099 C CA  B SER B 2 18  ? -14.230 -0.413  15.363  0.30  15.85 ? 18   SER B CA  1 
ATOM   1100 C C   A SER B 2 18  ? -15.386 0.562   15.540  0.70  16.61 ? 18   SER B C   1 
ATOM   1101 C C   B SER B 2 18  ? -15.397 0.550   15.516  0.30  16.71 ? 18   SER B C   1 
ATOM   1102 O O   A SER B 2 18  ? -15.305 1.727   15.143  0.70  16.28 ? 18   SER B O   1 
ATOM   1103 O O   B SER B 2 18  ? -15.325 1.704   15.086  0.30  16.57 ? 18   SER B O   1 
ATOM   1104 C CB  A SER B 2 18  ? -13.410 -0.443  16.677  0.70  15.88 ? 18   SER B CB  1 
ATOM   1105 C CB  B SER B 2 18  ? -13.445 -0.487  16.672  0.30  15.80 ? 18   SER B CB  1 
ATOM   1106 O OG  A SER B 2 18  ? -12.391 -1.426  16.600  0.70  17.07 ? 18   SER B OG  1 
ATOM   1107 O OG  B SER B 2 18  ? -12.907 0.777   17.003  0.30  15.66 ? 18   SER B OG  1 
ATOM   1108 N N   . SER B 2 19  ? -16.471 0.064   16.134  1.00  17.73 ? 19   SER B N   1 
ATOM   1109 C CA  . SER B 2 19  ? -17.626 0.896   16.451  1.00  19.77 ? 19   SER B CA  1 
ATOM   1110 C C   . SER B 2 19  ? -17.248 1.884   17.549  1.00  20.70 ? 19   SER B C   1 
ATOM   1111 O O   . SER B 2 19  ? -16.532 1.537   18.487  1.00  21.88 ? 19   SER B O   1 
ATOM   1112 C CB  . SER B 2 19  ? -18.798 0.029   16.914  1.00  19.87 ? 19   SER B CB  1 
ATOM   1113 O OG  . SER B 2 19  ? -19.207 -0.857  15.885  1.00  22.02 ? 19   SER B OG  1 
ATOM   1114 N N   . PRO B 2 20  ? -17.712 3.122   17.418  1.00  21.96 ? 20   PRO B N   1 
HETATM 1115 O O   . HOH C 3 .   ? 11.146  -3.547  7.832   1.00  22.75 ? 2001 HOH A O   1 
HETATM 1116 O O   . HOH C 3 .   ? 0.563   -6.633  10.127  1.00  32.75 ? 2002 HOH A O   1 
HETATM 1117 O O   . HOH C 3 .   ? 4.186   -6.939  8.491   1.00  22.81 ? 2003 HOH A O   1 
HETATM 1118 O O   . HOH C 3 .   ? 0.509   2.310   11.647  1.00  25.86 ? 2004 HOH A O   1 
HETATM 1119 O O   . HOH C 3 .   ? -6.100  -1.491  12.283  1.00  15.58 ? 2005 HOH A O   1 
HETATM 1120 O O   . HOH C 3 .   ? -0.977  3.170   15.050  1.00  20.72 ? 2006 HOH A O   1 
HETATM 1121 O O   . HOH C 3 .   ? -9.647  6.273   18.071  1.00  23.24 ? 2007 HOH A O   1 
HETATM 1122 O O   . HOH C 3 .   ? -6.811  -0.168  17.692  0.50  19.55 ? 2008 HOH A O   1 
HETATM 1123 O O   . HOH C 3 .   ? -10.956 6.578   12.232  1.00  19.93 ? 2009 HOH A O   1 
HETATM 1124 O O   . HOH C 3 .   ? -15.335 8.005   12.350  1.00  30.56 ? 2010 HOH A O   1 
HETATM 1125 O O   . HOH C 3 .   ? -19.707 9.133   11.402  1.00  33.42 ? 2011 HOH A O   1 
HETATM 1126 O O   . HOH C 3 .   ? -10.333 9.476   9.994   1.00  23.46 ? 2012 HOH A O   1 
HETATM 1127 O O   . HOH C 3 .   ? -11.958 8.809   4.310   1.00  16.58 ? 2013 HOH A O   1 
HETATM 1128 O O   . HOH C 3 .   ? -3.629  11.220  0.170   1.00  25.68 ? 2014 HOH A O   1 
HETATM 1129 O O   . HOH C 3 .   ? -5.910  10.116  -1.536  1.00  32.15 ? 2015 HOH A O   1 
HETATM 1130 O O   . HOH C 3 .   ? -5.749  7.452   10.878  1.00  16.31 ? 2016 HOH A O   1 
HETATM 1131 O O   . HOH C 3 .   ? -5.025  10.058  9.389   1.00  20.67 ? 2017 HOH A O   1 
HETATM 1132 O O   . HOH C 3 .   ? -3.399  -5.019  -11.042 1.00  13.29 ? 2018 HOH A O   1 
HETATM 1133 O O   . HOH C 3 .   ? -0.385  -6.953  -9.679  1.00  12.30 ? 2019 HOH A O   1 
HETATM 1134 O O   . HOH C 3 .   ? 13.439  -3.968  9.214   1.00  30.78 ? 2020 HOH A O   1 
HETATM 1135 O O   . HOH C 3 .   ? -10.983 -11.836 3.823   1.00  18.42 ? 2021 HOH A O   1 
HETATM 1136 O O   . HOH C 3 .   ? 17.654  -4.616  6.303   1.00  25.07 ? 2022 HOH A O   1 
HETATM 1137 O O   . HOH C 3 .   ? -4.314  7.792   -6.055  1.00  27.28 ? 2023 HOH A O   1 
HETATM 1138 O O   . HOH C 3 .   ? 14.365  5.306   -9.713  1.00  17.49 ? 2024 HOH A O   1 
HETATM 1139 O O   . HOH C 3 .   ? 8.321   -1.512  -21.585 1.00  29.68 ? 2025 HOH A O   1 
HETATM 1140 O O   . HOH C 3 .   ? -1.537  -4.585  -8.931  1.00  7.51  ? 2026 HOH A O   1 
HETATM 1141 O O   . HOH C 3 .   ? -5.395  -5.465  -0.880  1.00  7.73  ? 2027 HOH A O   1 
HETATM 1142 O O   . HOH C 3 .   ? -4.403  -7.828  -7.898  1.00  7.48  ? 2028 HOH A O   1 
HETATM 1143 O O   . HOH C 3 .   ? -13.777 -8.993  -3.386  1.00  17.29 ? 2029 HOH A O   1 
HETATM 1144 O O   . HOH C 3 .   ? -11.940 -6.422  -10.851 1.00  22.96 ? 2030 HOH A O   1 
HETATM 1145 O O   . HOH C 3 .   ? 0.301   6.292   10.393  1.00  25.55 ? 2031 HOH A O   1 
HETATM 1146 O O   . HOH C 3 .   ? -6.662  -1.542  -13.074 1.00  29.02 ? 2032 HOH A O   1 
HETATM 1147 O O   . HOH C 3 .   ? -7.796  -6.125  -10.258 1.00  12.34 ? 2033 HOH A O   1 
HETATM 1148 O O   . HOH C 3 .   ? -10.104 -2.722  -12.015 1.00  22.64 ? 2034 HOH A O   1 
HETATM 1149 O O   . HOH C 3 .   ? -2.349  -1.718  -12.818 1.00  10.45 ? 2035 HOH A O   1 
HETATM 1150 O O   . HOH C 3 .   ? -20.607 -7.597  11.430  1.00  28.62 ? 2036 HOH A O   1 
HETATM 1151 O O   . HOH C 3 .   ? -4.890  4.794   -14.266 1.00  17.56 ? 2037 HOH A O   1 
HETATM 1152 O O   . HOH C 3 .   ? 3.506   0.799   -8.597  1.00  8.92  ? 2038 HOH A O   1 
HETATM 1153 O O   . HOH C 3 .   ? -10.674 -6.438  -3.429  1.00  11.45 ? 2039 HOH A O   1 
HETATM 1154 O O   . HOH C 3 .   ? -11.469 3.297   -5.218  1.00  18.73 ? 2040 HOH A O   1 
HETATM 1155 O O   . HOH C 3 .   ? -12.299 -9.707  2.548   1.00  13.95 ? 2041 HOH A O   1 
HETATM 1156 O O   . HOH C 3 .   ? -10.403 -7.437  -0.774  1.00  9.51  ? 2042 HOH A O   1 
HETATM 1157 O O   . HOH C 3 .   ? -15.341 -12.983 4.172   1.00  29.45 ? 2043 HOH A O   1 
HETATM 1158 O O   . HOH C 3 .   ? -23.230 -7.479  4.230   1.00  28.83 ? 2044 HOH A O   1 
HETATM 1159 O O   . HOH C 3 .   ? -15.088 -4.743  -7.052  1.00  31.73 ? 2045 HOH A O   1 
HETATM 1160 O O   . HOH C 3 .   ? -17.954 0.903   2.133   1.00  29.75 ? 2046 HOH A O   1 
HETATM 1161 O O   . HOH C 3 .   ? -19.376 -1.758  -0.973  1.00  23.18 ? 2047 HOH A O   1 
HETATM 1162 O O   . HOH C 3 .   ? -18.512 -1.202  -3.874  1.00  29.93 ? 2048 HOH A O   1 
HETATM 1163 O O   . HOH C 3 .   ? -13.358 -6.355  -3.567  1.00  19.80 ? 2049 HOH A O   1 
HETATM 1164 O O   . HOH C 3 .   ? -3.370  6.264   -4.271  1.00  10.55 ? 2050 HOH A O   1 
HETATM 1165 O O   . HOH C 3 .   ? 1.060   10.594  3.876   1.00  24.70 ? 2051 HOH A O   1 
HETATM 1166 O O   . HOH C 3 .   ? 0.167   12.653  -5.519  1.00  25.70 ? 2052 HOH A O   1 
HETATM 1167 O O   . HOH C 3 .   ? -2.295  12.231  -5.682  1.00  29.26 ? 2053 HOH A O   1 
HETATM 1168 O O   . HOH C 3 .   ? -0.998  12.770  1.649   1.00  13.05 ? 2054 HOH A O   1 
HETATM 1169 O O   . HOH C 3 .   ? 1.982   12.759  4.779   1.00  32.27 ? 2055 HOH A O   1 
HETATM 1170 O O   . HOH C 3 .   ? 5.564   11.535  -8.059  1.00  20.17 ? 2056 HOH A O   1 
HETATM 1171 O O   . HOH C 3 .   ? 1.631   9.881   -8.995  1.00  30.64 ? 2057 HOH A O   1 
HETATM 1172 O O   . HOH C 3 .   ? 7.275   14.878  -6.531  1.00  20.75 ? 2058 HOH A O   1 
HETATM 1173 O O   . HOH C 3 .   ? -2.761  16.555  -1.876  1.00  36.92 ? 2059 HOH A O   1 
HETATM 1174 O O   . HOH C 3 .   ? 9.429   14.563  -3.387  1.00  19.48 ? 2060 HOH A O   1 
HETATM 1175 O O   . HOH C 3 .   ? 11.321  7.635   -2.044  1.00  23.37 ? 2061 HOH A O   1 
HETATM 1176 O O   . HOH C 3 .   ? 7.120   8.173   -10.298 1.00  15.65 ? 2062 HOH A O   1 
HETATM 1177 O O   . HOH C 3 .   ? 3.541   7.082   -12.521 1.00  22.21 ? 2063 HOH A O   1 
HETATM 1178 O O   . HOH C 3 .   ? 11.844  1.134   -17.041 1.00  14.27 ? 2064 HOH A O   1 
HETATM 1179 O O   . HOH C 3 .   ? 14.875  3.735   -16.829 1.00  19.14 ? 2065 HOH A O   1 
HETATM 1180 O O   . HOH C 3 .   ? 13.463  -2.457  -15.777 1.00  27.68 ? 2066 HOH A O   1 
HETATM 1181 O O   . HOH C 3 .   ? 12.070  -1.236  -18.934 1.00  26.85 ? 2067 HOH A O   1 
HETATM 1182 O O   . HOH C 3 .   ? 6.544   -8.097  -15.723 1.00  11.45 ? 2068 HOH A O   1 
HETATM 1183 O O   . HOH C 3 .   ? 12.125  -5.140  -18.095 1.00  18.66 ? 2069 HOH A O   1 
HETATM 1184 O O   . HOH C 3 .   ? 9.845   -3.012  -19.844 1.00  14.83 ? 2070 HOH A O   1 
HETATM 1185 O O   . HOH C 3 .   ? 3.188   -2.325  -21.352 1.00  13.21 ? 2071 HOH A O   1 
HETATM 1186 O O   . HOH C 3 .   ? 0.706   2.641   -18.802 1.00  22.16 ? 2072 HOH A O   1 
HETATM 1187 O O   . HOH C 3 .   ? 5.547   -7.101  -13.109 1.00  9.91  ? 2073 HOH A O   1 
HETATM 1188 O O   . HOH C 3 .   ? 17.450  5.771   4.983   1.00  31.41 ? 2074 HOH A O   1 
HETATM 1189 O O   . HOH C 3 .   ? 19.119  2.840   1.126   1.00  35.60 ? 2075 HOH A O   1 
HETATM 1190 O O   . HOH C 3 .   ? 3.729   10.202  7.395   1.00  34.00 ? 2076 HOH A O   1 
HETATM 1191 O O   . HOH C 3 .   ? 0.273   5.362   7.905   1.00  26.02 ? 2077 HOH A O   1 
HETATM 1192 O O   . HOH C 3 .   ? -10.633 9.341   2.009   1.00  20.73 ? 2078 HOH A O   1 
HETATM 1193 O O   . HOH C 3 .   ? -8.818  3.542   -4.203  1.00  11.09 ? 2079 HOH A O   1 
HETATM 1194 O O   . HOH C 3 .   ? -11.455 6.115   -3.223  1.00  28.97 ? 2080 HOH A O   1 
HETATM 1195 O O   . HOH C 3 .   ? -13.452 8.068   -1.597  1.00  24.07 ? 2081 HOH A O   1 
HETATM 1196 O O   . HOH C 3 .   ? -15.827 8.843   -0.785  1.00  37.80 ? 2082 HOH A O   1 
HETATM 1197 O O   . HOH C 3 .   ? -13.935 14.854  1.338   1.00  26.12 ? 2083 HOH A O   1 
HETATM 1198 O O   . HOH C 3 .   ? -16.000 3.858   0.831   1.00  19.38 ? 2084 HOH A O   1 
HETATM 1199 O O   . HOH C 3 .   ? -18.033 6.114   1.591   1.00  28.07 ? 2085 HOH A O   1 
HETATM 1200 O O   . HOH C 3 .   ? -20.319 2.178   5.074   1.00  24.44 ? 2086 HOH A O   1 
HETATM 1201 O O   . HOH C 3 .   ? -20.510 -3.570  11.213  1.00  23.08 ? 2087 HOH A O   1 
HETATM 1202 O O   . HOH C 3 .   ? -18.257 -6.222  11.122  1.00  20.32 ? 2088 HOH A O   1 
HETATM 1203 O O   . HOH C 3 .   ? -20.474 0.433   11.284  1.00  20.05 ? 2089 HOH A O   1 
HETATM 1204 O O   . HOH C 3 .   ? -10.093 -8.485  13.184  1.00  26.89 ? 2090 HOH A O   1 
HETATM 1205 O O   . HOH C 3 .   ? -13.977 -6.523  12.726  1.00  21.56 ? 2091 HOH A O   1 
HETATM 1206 O O   . HOH C 3 .   ? -17.430 0.160   4.649   1.00  11.97 ? 2092 HOH A O   1 
HETATM 1207 O O   . HOH C 3 .   ? -7.569  -7.005  0.076   1.00  9.62  ? 2093 HOH A O   1 
HETATM 1208 O O   . HOH C 3 .   ? -5.649  -8.799  1.057   1.00  13.01 ? 2094 HOH A O   1 
HETATM 1209 O O   . HOH C 3 .   ? 2.086   -7.764  -8.912  1.00  19.39 ? 2095 HOH A O   1 
HETATM 1210 O O   . HOH C 3 .   ? 4.798   -11.804 -4.484  1.00  32.46 ? 2096 HOH A O   1 
HETATM 1211 O O   . HOH C 3 .   ? 14.226  0.002   -15.632 1.00  22.33 ? 2097 HOH A O   1 
HETATM 1212 O O   . HOH C 3 .   ? 16.524  3.684   -13.250 1.00  17.14 ? 2098 HOH A O   1 
HETATM 1213 O O   . HOH D 3 .   ? 16.221  1.152   -17.165 1.00  27.64 ? 2001 HOH B O   1 
HETATM 1214 O O   . HOH D 3 .   ? 14.209  -5.395  -15.021 1.00  24.70 ? 2002 HOH B O   1 
HETATM 1215 O O   . HOH D 3 .   ? 12.223  -15.420 -3.751  1.00  29.03 ? 2003 HOH B O   1 
HETATM 1216 O O   . HOH D 3 .   ? 16.669  -11.233 -8.287  1.00  25.53 ? 2004 HOH B O   1 
HETATM 1217 O O   . HOH D 3 .   ? 13.115  -9.671  -0.672  1.00  29.01 ? 2005 HOH B O   1 
HETATM 1218 O O   . HOH D 3 .   ? 4.046   -9.724  -9.536  1.00  21.82 ? 2006 HOH B O   1 
HETATM 1219 O O   . HOH D 3 .   ? 9.491   -12.234 -8.898  1.00  23.23 ? 2007 HOH B O   1 
HETATM 1220 O O   . HOH D 3 .   ? 10.241  -9.119  4.683   1.00  22.01 ? 2008 HOH B O   1 
HETATM 1221 O O   . HOH D 3 .   ? 0.913   -12.347 1.865   1.00  31.86 ? 2009 HOH B O   1 
HETATM 1222 O O   . HOH D 3 .   ? 6.029   -13.417 -0.305  1.00  19.49 ? 2010 HOH B O   1 
HETATM 1223 O O   . HOH D 3 .   ? -4.400  -9.991  5.932   1.00  29.22 ? 2011 HOH B O   1 
HETATM 1224 O O   . HOH D 3 .   ? 1.911   -11.351 4.996   1.00  23.72 ? 2012 HOH B O   1 
HETATM 1225 O O   . HOH D 3 .   ? -2.530  -10.967 7.407   1.00  28.46 ? 2013 HOH B O   1 
HETATM 1226 O O   . HOH D 3 .   ? -6.626  -11.651 6.337   1.00  31.15 ? 2014 HOH B O   1 
HETATM 1227 O O   . HOH D 3 .   ? -5.156  -5.728  12.896  1.00  25.03 ? 2015 HOH B O   1 
HETATM 1228 O O   . HOH D 3 .   ? -2.447  -7.584  10.553  1.00  18.75 ? 2016 HOH B O   1 
HETATM 1229 O O   . HOH D 3 .   ? -7.618  0.377   14.235  1.00  13.86 ? 2017 HOH B O   1 
HETATM 1230 O O   . HOH D 3 .   ? -14.713 -4.001  13.823  1.00  21.71 ? 2018 HOH B O   1 
HETATM 1231 O O   . HOH D 3 .   ? -13.351 -4.053  16.438  1.00  32.71 ? 2019 HOH B O   1 
HETATM 1232 O O   . HOH D 3 .   ? -10.322 1.077   16.634  1.00  25.05 ? 2020 HOH B O   1 
HETATM 1233 O O   . HOH D 3 .   ? -16.567 -2.723  16.736  1.00  29.49 ? 2021 HOH B O   1 
# 
